data_4D2P
#
_entry.id   4D2P
#
_cell.length_a   66.284
_cell.length_b   76.026
_cell.length_c   78.596
_cell.angle_alpha   85.86
_cell.angle_beta   69.87
_cell.angle_gamma   90.17
#
_symmetry.space_group_name_H-M   'P 1'
#
loop_
_entity.id
_entity.type
_entity.pdbx_description
1 polymer 'MATERNAL EMBRYONIC LEUCINE ZIPPER KINASE'
2 non-polymer 7-({4-[(3-hydroxy-5-methoxyphenyl)amino]benzoyl}amino)-1,2,3,4-tetrahydroisoquinolinium
3 water water
#
_entity_poly.entity_id   1
_entity_poly.type   'polypeptide(L)'
_entity_poly.pdbx_seq_one_letter_code
;MGSSHHHHHHSSGLVPRGSHMKDYDELLKYYELHETIGTGGFAKVKLACHILTGEMVAIKIMDKNTLGSDLPRIKTEIEA
LKNLRHQHICQLYHVLETANKIFMVLEYCPGGELFDYIISQDRLSEEETRVVFRQIVSAVAYVHSQGYAHRDLKPENLLF
DEYHKLKLIDFGLCAKPKGNKDYHLQACCGALAYAAPELIQGKSYLGSEADVWSMGILLYVLMCGFLPFDDDTAAALVAK
IMRGKYDVPKWLSPSSILLLQQMLQVDPKKRISMKNLLNHPWIMQDYNYPVEWQSKNPFIHLDDDCVTELSVHHRNNRQT
MEDLISLWQYDHLTATYLLLLAKKARGKPVRLRLSS
;
_entity_poly.pdbx_strand_id   A,B,C,D
#
loop_
_chem_comp.id
_chem_comp.type
_chem_comp.name
_chem_comp.formula
6Z7 non-polymer 7-({4-[(3-hydroxy-5-methoxyphenyl)amino]benzoyl}amino)-1,2,3,4-tetrahydroisoquinolinium 'C23 H24 N3 O3 1'
#
# COMPACT_ATOMS: atom_id res chain seq x y z
N MET A 21 -18.42 -6.53 -22.52
CA MET A 21 -18.02 -5.56 -23.54
C MET A 21 -17.37 -6.25 -24.74
N LYS A 22 -17.98 -6.09 -25.92
CA LYS A 22 -17.62 -6.68 -27.21
C LYS A 22 -16.22 -6.24 -27.71
N ASP A 23 -15.77 -5.02 -27.30
CA ASP A 23 -14.42 -4.51 -27.57
C ASP A 23 -13.28 -5.23 -26.81
N TYR A 24 -13.62 -5.99 -25.73
CA TYR A 24 -12.69 -6.67 -24.81
C TYR A 24 -12.87 -8.21 -24.80
N ASP A 25 -13.71 -8.75 -25.70
CA ASP A 25 -14.03 -10.20 -25.72
C ASP A 25 -12.84 -11.07 -26.11
N GLU A 26 -12.15 -10.72 -27.22
CA GLU A 26 -10.97 -11.44 -27.74
C GLU A 26 -9.77 -11.26 -26.79
N LEU A 27 -9.50 -10.02 -26.37
CA LEU A 27 -8.49 -9.67 -25.40
C LEU A 27 -8.59 -10.59 -24.16
N LEU A 28 -9.80 -10.71 -23.58
CA LEU A 28 -9.99 -11.27 -22.25
C LEU A 28 -10.04 -12.80 -22.24
N LYS A 29 -9.89 -13.44 -23.43
CA LYS A 29 -9.61 -14.88 -23.56
C LYS A 29 -8.17 -15.16 -23.13
N TYR A 30 -7.26 -14.20 -23.43
CA TYR A 30 -5.81 -14.39 -23.27
C TYR A 30 -5.23 -13.66 -22.04
N TYR A 31 -5.81 -12.51 -21.69
CA TYR A 31 -5.27 -11.63 -20.66
C TYR A 31 -6.29 -11.29 -19.58
N GLU A 32 -5.82 -11.28 -18.33
CA GLU A 32 -6.53 -10.78 -17.16
C GLU A 32 -6.11 -9.32 -17.00
N LEU A 33 -7.06 -8.39 -17.15
CA LEU A 33 -6.83 -6.94 -17.16
C LEU A 33 -6.76 -6.35 -15.72
N HIS A 34 -5.69 -5.58 -15.41
CA HIS A 34 -5.40 -4.99 -14.08
C HIS A 34 -5.55 -3.43 -14.07
N GLU A 35 -4.85 -2.74 -13.17
CA GLU A 35 -4.86 -1.27 -13.00
C GLU A 35 -4.47 -0.49 -14.27
N THR A 36 -5.10 0.67 -14.45
CA THR A 36 -4.71 1.72 -15.40
C THR A 36 -3.38 2.44 -14.99
N ILE A 37 -2.48 2.65 -15.97
CA ILE A 37 -1.18 3.30 -15.77
C ILE A 37 -1.04 4.57 -16.66
N GLY A 38 -1.54 4.53 -17.91
CA GLY A 38 -1.58 5.70 -18.79
C GLY A 38 -2.96 6.06 -19.33
N THR A 39 -3.34 7.37 -19.29
CA THR A 39 -4.51 7.88 -20.04
C THR A 39 -4.18 9.23 -20.69
N GLY A 40 -4.49 9.38 -21.98
CA GLY A 40 -4.33 10.66 -22.66
C GLY A 40 -5.02 10.80 -23.98
N GLY A 41 -6.33 10.99 -23.94
CA GLY A 41 -7.19 11.17 -25.10
C GLY A 41 -7.43 9.88 -25.86
N PHE A 42 -6.48 9.50 -26.75
CA PHE A 42 -6.59 8.33 -27.62
C PHE A 42 -6.11 7.03 -26.94
N ALA A 43 -4.90 7.07 -26.33
CA ALA A 43 -4.17 5.95 -25.74
C ALA A 43 -4.49 5.76 -24.27
N LYS A 44 -4.53 4.50 -23.86
CA LYS A 44 -4.75 4.05 -22.49
C LYS A 44 -3.76 2.88 -22.28
N VAL A 45 -2.78 3.05 -21.38
CA VAL A 45 -1.93 1.91 -21.00
C VAL A 45 -2.60 1.22 -19.81
N LYS A 46 -2.84 -0.09 -19.92
CA LYS A 46 -3.40 -0.88 -18.81
C LYS A 46 -2.49 -2.03 -18.48
N LEU A 47 -2.22 -2.25 -17.18
CA LEU A 47 -1.56 -3.47 -16.70
C LEU A 47 -2.44 -4.68 -16.97
N ALA A 48 -1.81 -5.84 -17.19
CA ALA A 48 -2.53 -7.10 -17.41
C ALA A 48 -1.64 -8.28 -17.07
N CYS A 49 -2.20 -9.49 -17.13
CA CYS A 49 -1.52 -10.76 -16.81
C CYS A 49 -1.88 -11.76 -17.90
N HIS A 50 -0.86 -12.37 -18.53
CA HIS A 50 -1.05 -13.39 -19.57
C HIS A 50 -1.44 -14.70 -18.90
N ILE A 51 -2.69 -15.15 -19.17
CA ILE A 51 -3.34 -16.27 -18.49
C ILE A 51 -2.52 -17.57 -18.57
N LEU A 52 -2.09 -17.94 -19.79
CA LEU A 52 -1.40 -19.21 -20.06
C LEU A 52 -0.07 -19.43 -19.35
N THR A 53 0.84 -18.40 -19.36
CA THR A 53 2.18 -18.40 -18.75
C THR A 53 2.21 -17.89 -17.29
N GLY A 54 1.22 -17.07 -16.92
CA GLY A 54 1.21 -16.33 -15.65
C GLY A 54 1.98 -15.00 -15.68
N GLU A 55 2.66 -14.69 -16.79
CA GLU A 55 3.52 -13.51 -16.92
C GLU A 55 2.76 -12.21 -17.02
N MET A 56 3.33 -11.17 -16.41
CA MET A 56 2.83 -9.82 -16.40
C MET A 56 3.25 -9.08 -17.69
N VAL A 57 2.34 -8.28 -18.24
CA VAL A 57 2.51 -7.51 -19.47
C VAL A 57 1.89 -6.09 -19.26
N ALA A 58 2.11 -5.16 -20.20
CA ALA A 58 1.49 -3.83 -20.28
C ALA A 58 0.72 -3.71 -21.64
N ILE A 59 -0.53 -3.21 -21.65
CA ILE A 59 -1.36 -3.19 -22.86
C ILE A 59 -1.72 -1.74 -23.26
N LYS A 60 -1.31 -1.36 -24.47
CA LYS A 60 -1.54 -0.03 -25.04
C LYS A 60 -2.80 -0.14 -25.87
N ILE A 61 -3.91 0.33 -25.31
CA ILE A 61 -5.23 0.42 -25.95
C ILE A 61 -5.37 1.80 -26.70
N MET A 62 -5.34 1.77 -28.06
CA MET A 62 -5.59 2.91 -28.98
C MET A 62 -6.98 2.75 -29.62
N ASP A 63 -7.76 3.86 -29.77
CA ASP A 63 -9.07 3.80 -30.44
C ASP A 63 -9.07 4.56 -31.80
N LYS A 64 -9.60 3.91 -32.88
CA LYS A 64 -9.60 4.44 -34.27
C LYS A 64 -10.88 5.26 -34.60
N ASN A 65 -11.11 6.32 -33.79
CA ASN A 65 -12.11 7.39 -33.95
C ASN A 65 -11.47 8.71 -33.47
N THR A 66 -10.49 8.62 -32.54
CA THR A 66 -9.66 9.70 -32.01
C THR A 66 -8.34 9.73 -32.80
N ASP A 70 -4.28 8.37 -33.24
CA ASP A 70 -3.48 8.34 -34.46
C ASP A 70 -3.53 6.99 -35.20
N LEU A 71 -3.30 7.05 -36.54
CA LEU A 71 -3.17 5.89 -37.42
C LEU A 71 -1.79 5.75 -38.09
N PRO A 72 -1.14 6.83 -38.67
CA PRO A 72 0.20 6.61 -39.26
C PRO A 72 1.27 6.33 -38.23
N ARG A 73 1.24 7.08 -37.09
CA ARG A 73 2.12 6.96 -35.91
C ARG A 73 2.04 5.57 -35.22
N ILE A 74 0.97 4.82 -35.49
CA ILE A 74 0.70 3.52 -34.89
C ILE A 74 1.19 2.37 -35.78
N LYS A 75 0.82 2.38 -37.09
CA LYS A 75 1.12 1.31 -38.04
C LYS A 75 2.61 1.20 -38.38
N THR A 76 3.32 2.34 -38.45
CA THR A 76 4.77 2.42 -38.72
C THR A 76 5.56 1.90 -37.50
N GLU A 77 5.12 2.30 -36.28
CA GLU A 77 5.72 1.87 -35.04
C GLU A 77 5.65 0.35 -34.88
N ILE A 78 4.45 -0.25 -35.11
CA ILE A 78 4.22 -1.70 -35.10
C ILE A 78 5.19 -2.40 -36.04
N GLU A 79 5.26 -1.96 -37.32
CA GLU A 79 6.16 -2.50 -38.37
C GLU A 79 7.63 -2.46 -37.98
N ALA A 80 8.10 -1.34 -37.36
CA ALA A 80 9.47 -1.22 -36.85
C ALA A 80 9.71 -2.23 -35.72
N LEU A 81 8.80 -2.30 -34.72
CA LEU A 81 8.88 -3.23 -33.57
C LEU A 81 8.83 -4.71 -33.94
N LYS A 82 8.11 -5.07 -35.03
CA LYS A 82 8.04 -6.43 -35.58
C LYS A 82 9.41 -6.87 -36.08
N ASN A 83 10.28 -5.91 -36.44
CA ASN A 83 11.61 -6.13 -36.99
C ASN A 83 12.76 -5.86 -36.00
N LEU A 84 12.48 -5.18 -34.88
CA LEU A 84 13.47 -4.86 -33.83
C LEU A 84 13.25 -5.76 -32.62
N ARG A 85 14.30 -6.50 -32.23
CA ARG A 85 14.23 -7.53 -31.19
C ARG A 85 15.57 -7.52 -30.45
N HIS A 86 15.55 -7.05 -29.19
CA HIS A 86 16.79 -6.73 -28.51
C HIS A 86 16.58 -6.69 -27.00
N GLN A 87 17.61 -7.07 -26.25
CA GLN A 87 17.62 -7.09 -24.78
C GLN A 87 17.41 -5.68 -24.16
N HIS A 88 17.48 -4.61 -24.98
CA HIS A 88 17.34 -3.24 -24.47
C HIS A 88 16.26 -2.45 -25.22
N ILE A 89 15.37 -3.15 -25.95
CA ILE A 89 14.15 -2.63 -26.57
C ILE A 89 12.99 -3.37 -25.92
N CYS A 90 12.00 -2.65 -25.41
CA CYS A 90 10.68 -3.09 -24.88
C CYS A 90 9.99 -3.93 -25.94
N GLN A 91 9.87 -5.22 -25.66
CA GLN A 91 9.37 -6.21 -26.62
C GLN A 91 7.88 -6.07 -26.86
N LEU A 92 7.49 -6.13 -28.16
CA LEU A 92 6.10 -6.33 -28.58
C LEU A 92 5.77 -7.83 -28.71
N TYR A 93 4.69 -8.31 -28.01
CA TYR A 93 4.26 -9.71 -27.98
C TYR A 93 3.08 -10.02 -28.88
N HIS A 94 2.10 -9.10 -28.94
CA HIS A 94 0.78 -9.38 -29.49
C HIS A 94 0.19 -8.07 -30.01
N VAL A 95 -0.49 -8.14 -31.16
CA VAL A 95 -1.26 -7.03 -31.74
C VAL A 95 -2.68 -7.59 -32.00
N LEU A 96 -3.72 -7.03 -31.35
CA LEU A 96 -5.11 -7.35 -31.69
C LEU A 96 -5.81 -6.08 -32.20
N GLU A 97 -6.46 -6.19 -33.37
CA GLU A 97 -7.31 -5.13 -33.89
C GLU A 97 -8.78 -5.57 -33.74
N THR A 98 -9.52 -4.92 -32.85
CA THR A 98 -10.98 -5.04 -32.99
C THR A 98 -11.45 -4.00 -34.03
N ALA A 99 -12.77 -3.83 -34.19
CA ALA A 99 -13.36 -2.94 -35.20
C ALA A 99 -12.97 -1.45 -34.99
N ASN A 100 -12.96 -0.99 -33.72
CA ASN A 100 -12.64 0.39 -33.38
C ASN A 100 -11.55 0.50 -32.27
N LYS A 101 -10.65 -0.52 -32.21
CA LYS A 101 -9.54 -0.61 -31.25
C LYS A 101 -8.29 -1.20 -31.89
N ILE A 102 -7.11 -0.72 -31.45
CA ILE A 102 -5.81 -1.40 -31.60
C ILE A 102 -5.24 -1.60 -30.19
N PHE A 103 -4.89 -2.82 -29.83
CA PHE A 103 -4.13 -3.07 -28.61
C PHE A 103 -2.70 -3.59 -28.98
N MET A 104 -1.76 -3.26 -28.12
CA MET A 104 -0.36 -3.62 -28.26
C MET A 104 0.06 -4.21 -26.93
N VAL A 105 0.37 -5.53 -26.90
CA VAL A 105 0.80 -6.20 -25.68
C VAL A 105 2.33 -6.11 -25.63
N LEU A 106 2.85 -5.49 -24.57
CA LEU A 106 4.25 -5.05 -24.45
C LEU A 106 4.91 -5.59 -23.17
N GLU A 107 6.24 -5.55 -23.11
CA GLU A 107 7.07 -5.99 -21.98
C GLU A 107 6.78 -5.14 -20.73
N TYR A 108 6.73 -5.82 -19.58
CA TYR A 108 6.46 -5.24 -18.26
C TYR A 108 7.71 -4.51 -17.70
N CYS A 109 7.54 -3.18 -17.52
CA CYS A 109 8.58 -2.24 -17.10
C CYS A 109 8.15 -1.48 -15.81
N PRO A 110 8.15 -2.12 -14.60
CA PRO A 110 7.63 -1.41 -13.41
C PRO A 110 8.61 -0.43 -12.75
N GLY A 111 9.79 -0.29 -13.33
CA GLY A 111 10.83 0.55 -12.76
C GLY A 111 10.70 2.05 -12.96
N GLY A 112 9.84 2.44 -13.88
CA GLY A 112 9.59 3.84 -14.21
C GLY A 112 10.44 4.36 -15.34
N GLU A 113 10.23 5.65 -15.70
CA GLU A 113 11.03 6.34 -16.72
C GLU A 113 12.43 6.61 -16.19
N LEU A 114 13.40 6.74 -17.10
CA LEU A 114 14.70 7.24 -16.74
C LEU A 114 14.58 8.71 -16.32
N PHE A 115 13.58 9.46 -16.87
CA PHE A 115 13.23 10.82 -16.42
C PHE A 115 12.97 10.90 -14.89
N ASP A 116 12.13 9.98 -14.35
CA ASP A 116 11.77 9.87 -12.92
C ASP A 116 12.95 9.63 -11.98
N TYR A 117 13.93 8.79 -12.41
N TYR A 117 13.94 8.79 -12.39
CA TYR A 117 15.16 8.43 -11.73
CA TYR A 117 15.15 8.57 -11.61
C TYR A 117 16.12 9.63 -11.62
C TYR A 117 16.02 9.80 -11.55
N ILE A 118 16.27 10.41 -12.73
CA ILE A 118 17.10 11.64 -12.81
C ILE A 118 16.60 12.70 -11.82
N ILE A 119 15.31 13.14 -11.93
CA ILE A 119 14.73 14.23 -11.12
C ILE A 119 14.68 13.89 -9.62
N SER A 120 14.56 12.60 -9.23
CA SER A 120 14.50 12.18 -7.82
C SER A 120 15.86 12.23 -7.14
N GLN A 121 16.91 11.81 -7.87
CA GLN A 121 18.31 11.71 -7.43
C GLN A 121 18.99 13.06 -7.55
N ASP A 122 18.26 14.06 -8.13
CA ASP A 122 18.71 15.38 -8.63
C ASP A 122 19.57 15.22 -9.91
N ARG A 123 20.69 14.49 -9.79
CA ARG A 123 21.51 13.93 -10.88
C ARG A 123 22.25 12.65 -10.41
N LEU A 124 22.88 11.92 -11.37
CA LEU A 124 23.68 10.72 -11.10
C LEU A 124 25.19 10.97 -11.30
N SER A 125 26.00 10.28 -10.48
CA SER A 125 27.46 10.25 -10.54
C SER A 125 27.91 9.73 -11.90
N GLU A 126 29.15 10.04 -12.31
CA GLU A 126 29.73 9.55 -13.57
C GLU A 126 29.63 8.01 -13.69
N GLU A 127 29.89 7.28 -12.59
CA GLU A 127 29.81 5.83 -12.50
C GLU A 127 28.38 5.31 -12.67
N GLU A 128 27.41 6.00 -12.06
CA GLU A 128 25.98 5.71 -12.17
C GLU A 128 25.47 5.93 -13.57
N THR A 129 25.91 7.02 -14.24
CA THR A 129 25.53 7.40 -15.60
C THR A 129 26.08 6.41 -16.62
N ARG A 130 27.32 5.88 -16.41
CA ARG A 130 27.98 4.92 -17.29
C ARG A 130 27.23 3.59 -17.37
N VAL A 131 26.78 3.07 -16.21
CA VAL A 131 25.98 1.83 -16.09
C VAL A 131 24.76 1.90 -17.05
N VAL A 132 24.09 3.05 -17.01
CA VAL A 132 22.87 3.42 -17.73
C VAL A 132 23.15 3.74 -19.18
N PHE A 133 24.18 4.59 -19.47
CA PHE A 133 24.48 5.09 -20.82
C PHE A 133 24.95 4.01 -21.76
N ARG A 134 25.71 3.03 -21.25
CA ARG A 134 26.12 1.83 -22.00
C ARG A 134 24.93 0.99 -22.47
N GLN A 135 23.80 1.06 -21.77
CA GLN A 135 22.57 0.39 -22.17
C GLN A 135 21.81 1.15 -23.26
N ILE A 136 21.86 2.48 -23.22
CA ILE A 136 21.34 3.37 -24.27
C ILE A 136 22.13 3.18 -25.57
N VAL A 137 23.48 3.12 -25.51
CA VAL A 137 24.38 2.93 -26.67
C VAL A 137 24.17 1.57 -27.34
N SER A 138 24.17 0.45 -26.59
CA SER A 138 23.82 -0.91 -27.06
C SER A 138 22.51 -0.96 -27.86
N ALA A 139 21.41 -0.36 -27.32
CA ALA A 139 20.09 -0.23 -27.94
C ALA A 139 20.12 0.55 -29.27
N VAL A 140 20.69 1.77 -29.26
CA VAL A 140 20.70 2.68 -30.40
C VAL A 140 21.60 2.18 -31.53
N ALA A 141 22.74 1.53 -31.19
CA ALA A 141 23.63 0.89 -32.16
C ALA A 141 22.93 -0.27 -32.86
N TYR A 142 22.06 -1.02 -32.14
CA TYR A 142 21.24 -2.07 -32.74
C TYR A 142 20.18 -1.51 -33.74
N VAL A 143 19.48 -0.42 -33.35
CA VAL A 143 18.48 0.28 -34.17
C VAL A 143 19.07 0.63 -35.52
N HIS A 144 20.25 1.32 -35.51
CA HIS A 144 21.00 1.79 -36.68
C HIS A 144 21.49 0.66 -37.56
N SER A 145 21.87 -0.49 -36.95
CA SER A 145 22.26 -1.71 -37.69
C SER A 145 21.10 -2.30 -38.50
N GLN A 146 19.84 -2.05 -38.06
CA GLN A 146 18.61 -2.49 -38.73
C GLN A 146 18.10 -1.49 -39.79
N GLY A 147 18.84 -0.40 -40.01
CA GLY A 147 18.50 0.64 -40.98
C GLY A 147 17.42 1.62 -40.52
N TYR A 148 17.20 1.73 -39.19
CA TYR A 148 16.29 2.71 -38.60
C TYR A 148 17.07 3.80 -37.81
N ALA A 149 16.44 4.96 -37.60
CA ALA A 149 16.85 5.97 -36.61
C ALA A 149 15.61 6.24 -35.73
N HIS A 150 15.77 6.24 -34.39
CA HIS A 150 14.65 6.39 -33.44
C HIS A 150 13.97 7.78 -33.52
N ARG A 151 14.78 8.86 -33.63
CA ARG A 151 14.37 10.25 -33.87
C ARG A 151 13.64 10.93 -32.69
N ASP A 152 13.39 10.20 -31.57
CA ASP A 152 12.79 10.78 -30.37
C ASP A 152 13.45 10.26 -29.10
N LEU A 153 14.80 10.28 -29.07
CA LEU A 153 15.58 9.89 -27.91
C LEU A 153 15.51 10.99 -26.85
N LYS A 154 15.03 10.63 -25.65
CA LYS A 154 14.86 11.49 -24.48
C LYS A 154 14.65 10.56 -23.27
N PRO A 155 14.87 11.03 -22.00
CA PRO A 155 14.78 10.11 -20.83
C PRO A 155 13.36 9.63 -20.48
N GLU A 156 12.33 10.31 -21.02
CA GLU A 156 10.93 9.84 -20.90
C GLU A 156 10.70 8.56 -21.70
N ASN A 157 11.54 8.32 -22.75
CA ASN A 157 11.43 7.22 -23.69
C ASN A 157 12.34 6.02 -23.37
N LEU A 158 12.91 5.97 -22.16
CA LEU A 158 13.72 4.85 -21.65
C LEU A 158 13.13 4.37 -20.32
N LEU A 159 12.73 3.09 -20.24
CA LEU A 159 12.07 2.57 -19.03
C LEU A 159 12.90 1.49 -18.35
N PHE A 160 12.72 1.29 -17.02
CA PHE A 160 13.41 0.22 -16.29
C PHE A 160 12.52 -0.97 -16.13
N ASP A 161 13.02 -2.18 -16.44
CA ASP A 161 12.29 -3.41 -16.13
C ASP A 161 12.35 -3.69 -14.59
N GLU A 162 11.89 -4.89 -14.13
CA GLU A 162 11.88 -5.34 -12.71
C GLU A 162 13.27 -5.80 -12.18
N TYR A 163 14.26 -5.88 -13.08
CA TYR A 163 15.67 -6.19 -12.80
C TYR A 163 16.55 -4.95 -13.06
N HIS A 164 15.91 -3.75 -13.14
CA HIS A 164 16.54 -2.45 -13.29
C HIS A 164 17.37 -2.31 -14.59
N LYS A 165 16.88 -2.91 -15.68
CA LYS A 165 17.51 -2.79 -17.00
C LYS A 165 16.71 -1.83 -17.89
N LEU A 166 17.39 -0.98 -18.68
CA LEU A 166 16.71 -0.04 -19.61
C LEU A 166 16.10 -0.74 -20.81
N LYS A 167 14.91 -0.29 -21.20
CA LYS A 167 14.17 -0.68 -22.40
C LYS A 167 13.68 0.58 -23.13
N LEU A 168 14.28 0.87 -24.30
CA LEU A 168 13.83 1.92 -25.25
C LEU A 168 12.39 1.64 -25.72
N ILE A 169 11.52 2.67 -25.64
CA ILE A 169 10.09 2.63 -25.99
C ILE A 169 9.75 3.68 -27.09
N ASP A 170 8.45 3.74 -27.47
CA ASP A 170 7.81 4.69 -28.39
C ASP A 170 8.61 4.97 -29.67
N PHE A 171 8.39 4.12 -30.68
CA PHE A 171 8.97 4.19 -32.01
C PHE A 171 8.02 4.88 -33.03
N GLY A 172 7.28 5.90 -32.56
CA GLY A 172 6.35 6.71 -33.37
C GLY A 172 6.96 7.50 -34.50
N LEU A 173 8.24 7.90 -34.36
CA LEU A 173 9.08 8.46 -35.44
C LEU A 173 10.22 7.47 -35.70
N CYS A 174 10.65 7.31 -36.96
CA CYS A 174 11.56 6.23 -37.39
C CYS A 174 12.14 6.48 -38.82
N ALA A 175 13.03 5.55 -39.29
CA ALA A 175 13.49 5.45 -40.68
C ALA A 175 13.36 4.00 -41.17
N GLY A 190 10.61 15.15 -32.94
CA GLY A 190 10.61 14.95 -31.49
C GLY A 190 10.78 16.23 -30.72
N ALA A 191 11.22 16.14 -29.44
CA ALA A 191 11.45 17.27 -28.52
C ALA A 191 12.57 18.16 -29.09
N LEU A 192 12.34 19.48 -29.10
CA LEU A 192 13.24 20.45 -29.67
C LEU A 192 14.60 20.48 -28.96
N ALA A 193 14.60 20.42 -27.60
CA ALA A 193 15.78 20.46 -26.74
C ALA A 193 16.81 19.36 -27.02
N TYR A 194 16.34 18.24 -27.60
CA TYR A 194 17.06 17.02 -27.96
C TYR A 194 17.42 16.98 -29.45
N ALA A 195 16.83 17.88 -30.24
CA ALA A 195 16.98 17.88 -31.69
C ALA A 195 18.31 18.51 -32.15
N ALA A 196 18.93 17.84 -33.14
CA ALA A 196 20.22 18.14 -33.72
C ALA A 196 20.13 19.39 -34.61
N PRO A 197 21.21 20.24 -34.63
CA PRO A 197 21.17 21.48 -35.44
C PRO A 197 20.74 21.28 -36.90
N GLU A 198 21.33 20.29 -37.59
CA GLU A 198 21.03 20.00 -38.99
C GLU A 198 19.59 19.55 -39.22
N LEU A 199 18.94 18.96 -38.19
CA LEU A 199 17.55 18.52 -38.30
C LEU A 199 16.61 19.72 -38.34
N ILE A 200 16.91 20.77 -37.53
CA ILE A 200 16.15 22.03 -37.49
C ILE A 200 16.09 22.68 -38.90
N GLN A 201 17.19 22.60 -39.69
CA GLN A 201 17.27 23.05 -41.11
C GLN A 201 16.49 22.17 -42.11
N GLY A 202 16.50 20.86 -41.88
CA GLY A 202 16.13 19.88 -42.90
C GLY A 202 17.34 19.45 -43.69
N LYS A 203 18.41 19.04 -42.96
CA LYS A 203 19.73 18.68 -43.47
C LYS A 203 20.29 17.42 -42.77
N GLY A 207 20.87 10.74 -41.40
CA GLY A 207 19.70 10.50 -40.57
C GLY A 207 19.96 9.94 -39.18
N SER A 208 21.04 9.19 -39.01
CA SER A 208 21.33 8.57 -37.72
C SER A 208 22.45 9.31 -36.94
N GLU A 209 23.02 10.39 -37.54
CA GLU A 209 23.98 11.30 -36.88
C GLU A 209 23.27 12.16 -35.86
N ALA A 210 21.96 12.41 -36.08
CA ALA A 210 21.07 13.17 -35.21
C ALA A 210 20.83 12.45 -33.88
N ASP A 211 20.70 11.10 -33.90
CA ASP A 211 20.53 10.25 -32.72
C ASP A 211 21.73 10.31 -31.78
N VAL A 212 22.95 10.44 -32.34
CA VAL A 212 24.21 10.58 -31.60
C VAL A 212 24.23 11.91 -30.81
N TRP A 213 23.80 13.02 -31.45
CA TRP A 213 23.60 14.32 -30.80
C TRP A 213 22.67 14.16 -29.59
N SER A 214 21.47 13.56 -29.79
CA SER A 214 20.41 13.43 -28.76
C SER A 214 20.88 12.58 -27.55
N MET A 215 21.74 11.55 -27.82
CA MET A 215 22.46 10.76 -26.81
C MET A 215 23.45 11.64 -26.02
N GLY A 216 24.06 12.63 -26.67
CA GLY A 216 24.91 13.63 -26.01
C GLY A 216 24.16 14.61 -25.12
N ILE A 217 22.92 15.01 -25.52
CA ILE A 217 21.99 15.79 -24.66
C ILE A 217 21.60 14.97 -23.42
N LEU A 218 21.24 13.67 -23.63
CA LEU A 218 20.94 12.68 -22.58
C LEU A 218 22.10 12.52 -21.63
N LEU A 219 23.31 12.33 -22.14
CA LEU A 219 24.53 12.24 -21.35
C LEU A 219 24.71 13.45 -20.40
N TYR A 220 24.53 14.68 -20.93
CA TYR A 220 24.60 15.93 -20.16
C TYR A 220 23.56 16.00 -19.02
N VAL A 221 22.25 15.79 -19.31
CA VAL A 221 21.16 15.80 -18.32
C VAL A 221 21.39 14.78 -17.19
N LEU A 222 21.91 13.57 -17.51
CA LEU A 222 22.17 12.50 -16.54
C LEU A 222 23.16 12.95 -15.46
N MET A 223 24.25 13.58 -15.89
CA MET A 223 25.35 14.01 -15.05
C MET A 223 25.13 15.38 -14.41
N CYS A 224 24.25 16.24 -14.97
CA CYS A 224 24.09 17.65 -14.53
C CYS A 224 22.74 17.94 -13.83
N GLY A 225 21.69 17.30 -14.30
CA GLY A 225 20.32 17.51 -13.82
C GLY A 225 19.56 18.61 -14.54
N PHE A 226 20.17 19.19 -15.59
CA PHE A 226 19.61 20.24 -16.43
C PHE A 226 20.09 20.11 -17.88
N LEU A 227 19.29 20.60 -18.85
CA LEU A 227 19.61 20.57 -20.28
C LEU A 227 20.78 21.51 -20.65
N PRO A 228 21.62 21.17 -21.67
CA PRO A 228 22.71 22.09 -22.06
C PRO A 228 22.23 23.34 -22.81
N PHE A 229 21.04 23.26 -23.47
CA PHE A 229 20.36 24.34 -24.19
C PHE A 229 18.87 24.33 -23.79
N ASP A 230 18.38 25.45 -23.25
CA ASP A 230 17.05 25.58 -22.65
C ASP A 230 16.61 27.04 -22.72
N ASP A 231 15.36 27.29 -23.18
CA ASP A 231 14.75 28.62 -23.21
C ASP A 231 13.22 28.56 -23.20
N ASP A 232 12.58 29.67 -22.80
CA ASP A 232 11.12 29.84 -22.72
C ASP A 232 10.45 29.88 -24.10
N THR A 233 11.18 30.39 -25.12
CA THR A 233 10.66 30.47 -26.50
C THR A 233 11.44 29.54 -27.41
N ALA A 234 10.74 28.91 -28.38
CA ALA A 234 11.31 27.97 -29.34
C ALA A 234 12.37 28.62 -30.24
N ALA A 235 12.14 29.88 -30.69
CA ALA A 235 13.05 30.69 -31.51
C ALA A 235 14.40 30.97 -30.82
N ALA A 236 14.37 31.15 -29.48
CA ALA A 236 15.56 31.33 -28.63
C ALA A 236 16.25 30.00 -28.27
N LEU A 237 15.49 28.89 -28.26
CA LEU A 237 16.07 27.56 -28.09
C LEU A 237 16.89 27.17 -29.34
N VAL A 238 16.30 27.30 -30.55
CA VAL A 238 16.92 27.05 -31.85
C VAL A 238 18.27 27.81 -32.00
N ALA A 239 18.29 29.10 -31.68
CA ALA A 239 19.50 29.94 -31.72
C ALA A 239 20.64 29.40 -30.85
N LYS A 240 20.32 28.94 -29.64
CA LYS A 240 21.23 28.30 -28.68
C LYS A 240 21.81 26.95 -29.18
N ILE A 241 20.95 26.10 -29.78
CA ILE A 241 21.35 24.82 -30.42
C ILE A 241 22.33 25.07 -31.59
N MET A 242 22.02 26.02 -32.49
CA MET A 242 22.81 26.35 -33.69
C MET A 242 24.20 26.89 -33.35
N ARG A 243 24.30 27.72 -32.30
CA ARG A 243 25.56 28.32 -31.82
C ARG A 243 26.38 27.26 -31.03
N GLY A 244 25.67 26.35 -30.36
CA GLY A 244 26.23 25.14 -29.77
C GLY A 244 27.07 25.32 -28.52
N LYS A 245 27.02 26.52 -27.89
CA LYS A 245 27.72 26.81 -26.64
C LYS A 245 26.86 26.38 -25.46
N TYR A 246 27.50 25.78 -24.45
CA TYR A 246 26.84 25.27 -23.22
C TYR A 246 27.75 25.35 -22.00
N ASP A 247 27.14 25.42 -20.82
CA ASP A 247 27.79 25.37 -19.51
C ASP A 247 28.52 24.07 -19.31
N VAL A 248 29.75 24.16 -18.74
CA VAL A 248 30.52 23.00 -18.32
C VAL A 248 30.58 23.02 -16.77
N PRO A 249 29.64 22.34 -16.04
CA PRO A 249 29.71 22.30 -14.56
C PRO A 249 31.04 21.85 -13.96
N LYS A 250 31.37 22.44 -12.79
CA LYS A 250 32.62 22.24 -12.06
C LYS A 250 32.85 20.78 -11.65
N TRP A 251 31.75 20.02 -11.38
CA TRP A 251 31.78 18.63 -10.93
C TRP A 251 32.11 17.60 -12.04
N LEU A 252 31.93 17.99 -13.32
CA LEU A 252 32.24 17.17 -14.51
C LEU A 252 33.75 16.93 -14.66
N SER A 253 34.14 15.65 -14.78
CA SER A 253 35.53 15.21 -15.01
C SER A 253 36.01 15.62 -16.40
N PRO A 254 37.34 15.80 -16.66
CA PRO A 254 37.80 16.04 -18.04
C PRO A 254 37.50 14.94 -19.05
N SER A 255 37.31 13.68 -18.59
CA SER A 255 36.83 12.56 -19.44
C SER A 255 35.40 12.81 -19.91
N SER A 256 34.49 13.22 -18.98
CA SER A 256 33.10 13.60 -19.29
C SER A 256 33.03 14.81 -20.22
N ILE A 257 33.87 15.85 -19.98
CA ILE A 257 33.95 17.05 -20.82
C ILE A 257 34.35 16.70 -22.27
N LEU A 258 35.27 15.74 -22.44
CA LEU A 258 35.76 15.30 -23.75
C LEU A 258 34.73 14.48 -24.55
N LEU A 259 34.03 13.48 -23.92
CA LEU A 259 32.97 12.75 -24.62
C LEU A 259 31.83 13.67 -25.05
N LEU A 260 31.44 14.62 -24.17
CA LEU A 260 30.42 15.63 -24.45
C LEU A 260 30.74 16.51 -25.65
N GLN A 261 31.98 17.02 -25.80
CA GLN A 261 32.26 17.86 -26.95
C GLN A 261 32.34 17.09 -28.26
N GLN A 262 32.61 15.78 -28.21
CA GLN A 262 32.66 14.90 -29.40
C GLN A 262 31.28 14.59 -29.95
N MET A 263 30.30 14.38 -29.04
CA MET A 263 28.90 14.05 -29.31
C MET A 263 28.09 15.30 -29.61
N LEU A 264 28.44 16.46 -28.99
CA LEU A 264 27.74 17.74 -29.16
C LEU A 264 28.49 18.69 -30.10
N GLN A 265 28.81 18.15 -31.31
CA GLN A 265 29.39 18.87 -32.45
C GLN A 265 28.25 19.34 -33.32
N VAL A 266 28.24 20.62 -33.67
CA VAL A 266 27.18 21.21 -34.49
C VAL A 266 27.21 20.57 -35.91
N ASP A 267 28.42 20.43 -36.53
CA ASP A 267 28.63 19.77 -37.82
C ASP A 267 28.49 18.23 -37.68
N PRO A 268 27.46 17.59 -38.31
CA PRO A 268 27.23 16.14 -38.07
C PRO A 268 28.31 15.21 -38.63
N LYS A 269 29.24 15.81 -39.43
CA LYS A 269 30.41 15.19 -40.04
C LYS A 269 31.58 15.09 -39.04
N LYS A 270 31.61 16.02 -38.06
CA LYS A 270 32.63 16.11 -37.01
C LYS A 270 32.21 15.43 -35.70
N ARG A 271 30.90 15.03 -35.59
CA ARG A 271 30.34 14.25 -34.48
C ARG A 271 30.93 12.85 -34.50
N ILE A 272 31.19 12.32 -33.30
CA ILE A 272 31.71 10.96 -33.08
C ILE A 272 30.77 9.91 -33.74
N SER A 273 31.37 8.95 -34.46
CA SER A 273 30.68 7.85 -35.12
C SER A 273 30.20 6.84 -34.09
N MET A 274 29.21 5.99 -34.44
CA MET A 274 28.80 4.90 -33.57
C MET A 274 29.96 3.92 -33.23
N LYS A 275 30.79 3.55 -34.22
CA LYS A 275 31.91 2.61 -34.01
C LYS A 275 32.92 3.12 -32.96
N ASN A 276 33.17 4.44 -32.95
CA ASN A 276 34.11 5.06 -32.02
C ASN A 276 33.51 5.35 -30.65
N LEU A 277 32.18 5.42 -30.60
CA LEU A 277 31.42 5.54 -29.36
C LEU A 277 31.50 4.23 -28.58
N LEU A 278 31.21 3.08 -29.25
CA LEU A 278 31.18 1.71 -28.71
C LEU A 278 32.40 1.29 -27.90
N ASN A 279 33.57 1.89 -28.15
CA ASN A 279 34.85 1.59 -27.49
C ASN A 279 35.59 2.87 -27.04
N HIS A 280 34.85 3.99 -26.85
CA HIS A 280 35.39 5.25 -26.31
C HIS A 280 36.05 5.02 -24.94
N PRO A 281 37.24 5.62 -24.65
CA PRO A 281 37.82 5.52 -23.29
C PRO A 281 36.89 5.83 -22.10
N TRP A 282 35.91 6.79 -22.21
CA TRP A 282 34.92 7.06 -21.16
C TRP A 282 33.98 5.85 -21.00
N ILE A 283 33.54 5.24 -22.13
CA ILE A 283 32.62 4.09 -22.15
C ILE A 283 33.22 2.92 -21.39
N MET A 284 34.50 2.62 -21.67
CA MET A 284 35.16 1.41 -21.23
C MET A 284 35.81 1.47 -19.84
N GLN A 285 35.84 2.63 -19.15
CA GLN A 285 36.68 2.98 -17.97
C GLN A 285 36.74 1.93 -16.82
N ASP A 286 35.58 1.51 -16.25
CA ASP A 286 35.53 0.53 -15.16
C ASP A 286 35.15 -0.85 -15.71
N TYR A 287 34.93 -0.91 -17.02
CA TYR A 287 34.29 -1.98 -17.77
C TYR A 287 35.28 -2.81 -18.60
N ASN A 288 36.40 -2.22 -19.06
CA ASN A 288 37.54 -2.75 -19.84
C ASN A 288 37.15 -3.73 -21.00
N TYR A 289 35.89 -3.66 -21.46
CA TYR A 289 35.40 -4.27 -22.70
C TYR A 289 34.39 -3.33 -23.37
N PRO A 290 34.33 -3.27 -24.73
CA PRO A 290 33.37 -2.35 -25.39
C PRO A 290 31.91 -2.77 -25.25
N VAL A 291 30.97 -1.87 -25.64
CA VAL A 291 29.52 -2.12 -25.56
C VAL A 291 29.11 -3.32 -26.47
N GLU A 292 28.42 -4.31 -25.89
CA GLU A 292 27.85 -5.42 -26.67
C GLU A 292 26.45 -5.02 -27.15
N TRP A 293 26.37 -4.52 -28.41
CA TRP A 293 25.17 -3.96 -29.04
C TRP A 293 24.38 -5.03 -29.78
N GLN A 294 24.99 -6.17 -30.07
CA GLN A 294 24.34 -7.24 -30.81
C GLN A 294 23.24 -7.91 -29.99
N SER A 295 22.17 -8.38 -30.66
CA SER A 295 21.00 -8.97 -30.04
C SER A 295 21.26 -10.35 -29.50
N LYS A 296 20.69 -10.62 -28.32
CA LYS A 296 20.74 -11.93 -27.67
C LYS A 296 19.38 -12.64 -27.81
N ASN A 297 18.44 -11.97 -28.50
CA ASN A 297 17.06 -12.37 -28.74
C ASN A 297 16.86 -12.71 -30.24
N PRO A 298 16.89 -14.03 -30.63
CA PRO A 298 16.90 -14.36 -32.07
C PRO A 298 15.53 -14.38 -32.75
N PHE A 299 15.54 -14.11 -34.06
CA PHE A 299 14.36 -14.31 -34.92
C PHE A 299 14.33 -15.72 -35.50
N ILE A 300 15.48 -16.19 -36.04
CA ILE A 300 15.60 -17.47 -36.70
C ILE A 300 15.56 -18.62 -35.67
N HIS A 301 16.46 -18.60 -34.67
CA HIS A 301 16.59 -19.65 -33.67
C HIS A 301 15.40 -19.77 -32.72
N LEU A 302 14.83 -20.99 -32.63
CA LEU A 302 13.74 -21.34 -31.71
C LEU A 302 14.22 -22.25 -30.56
N ASP A 303 14.03 -21.76 -29.32
CA ASP A 303 14.39 -22.51 -28.11
C ASP A 303 13.54 -23.75 -27.99
N ASP A 304 14.17 -24.90 -27.73
CA ASP A 304 13.44 -26.16 -27.89
C ASP A 304 12.55 -26.54 -26.73
N ASP A 305 12.97 -26.31 -25.46
CA ASP A 305 12.11 -26.55 -24.28
C ASP A 305 10.75 -25.85 -24.50
N CYS A 306 10.78 -24.64 -25.09
CA CYS A 306 9.62 -23.88 -25.52
C CYS A 306 8.85 -24.58 -26.61
N VAL A 307 9.52 -25.01 -27.72
CA VAL A 307 8.84 -25.65 -28.87
C VAL A 307 8.23 -27.04 -28.48
N THR A 308 8.77 -27.70 -27.42
CA THR A 308 8.19 -28.95 -26.86
C THR A 308 6.99 -28.67 -25.90
N GLU A 309 7.10 -27.64 -25.04
CA GLU A 309 6.03 -27.22 -24.12
C GLU A 309 4.81 -26.62 -24.85
N LEU A 310 5.03 -25.92 -25.98
CA LEU A 310 3.96 -25.43 -26.86
C LEU A 310 3.23 -26.62 -27.53
N SER A 311 3.98 -27.63 -28.02
CA SER A 311 3.47 -28.86 -28.64
C SER A 311 2.49 -29.68 -27.75
N VAL A 312 2.88 -29.93 -26.46
CA VAL A 312 2.10 -30.71 -25.48
C VAL A 312 0.82 -29.96 -25.02
N HIS A 313 0.79 -28.63 -25.21
CA HIS A 313 -0.39 -27.79 -24.98
C HIS A 313 -1.26 -27.72 -26.24
N HIS A 314 -0.62 -27.57 -27.43
CA HIS A 314 -1.27 -27.43 -28.72
C HIS A 314 -1.78 -28.75 -29.27
N ARG A 315 -1.45 -29.87 -28.61
CA ARG A 315 -1.74 -31.27 -28.97
C ARG A 315 -1.40 -31.59 -30.43
N ASN A 316 -0.15 -31.26 -30.83
CA ASN A 316 0.44 -31.62 -32.12
C ASN A 316 1.85 -32.22 -31.93
N ASN A 317 2.64 -32.30 -33.03
CA ASN A 317 4.01 -32.83 -33.06
C ASN A 317 5.01 -31.69 -33.19
N ARG A 318 6.27 -31.89 -32.74
CA ARG A 318 7.37 -30.93 -32.92
C ARG A 318 7.63 -30.63 -34.45
N GLN A 319 8.46 -29.62 -34.78
CA GLN A 319 8.79 -29.17 -36.16
C GLN A 319 7.60 -28.57 -36.95
N THR A 320 6.36 -29.03 -36.67
CA THR A 320 5.10 -28.50 -37.21
C THR A 320 4.60 -27.30 -36.36
N MET A 321 5.03 -27.26 -35.08
CA MET A 321 4.95 -26.16 -34.12
C MET A 321 6.04 -25.10 -34.43
N GLU A 322 7.25 -25.53 -34.86
CA GLU A 322 8.38 -24.69 -35.30
C GLU A 322 7.99 -23.87 -36.55
N ASP A 323 7.29 -24.51 -37.50
CA ASP A 323 6.87 -23.88 -38.75
C ASP A 323 5.86 -22.78 -38.50
N LEU A 324 4.94 -23.00 -37.54
CA LEU A 324 3.89 -22.07 -37.13
C LEU A 324 4.47 -20.83 -36.39
N ILE A 325 5.49 -21.05 -35.53
CA ILE A 325 6.12 -19.99 -34.74
C ILE A 325 6.90 -19.00 -35.65
N SER A 326 7.68 -19.50 -36.61
CA SER A 326 8.52 -18.69 -37.51
C SER A 326 7.74 -17.77 -38.46
N LEU A 327 6.38 -17.91 -38.50
CA LEU A 327 5.49 -16.97 -39.18
C LEU A 327 5.58 -15.54 -38.60
N TRP A 328 5.89 -15.42 -37.26
CA TRP A 328 5.91 -14.18 -36.46
C TRP A 328 4.77 -13.26 -36.89
N GLN A 329 3.55 -13.73 -36.66
CA GLN A 329 2.32 -13.01 -36.99
C GLN A 329 1.95 -11.97 -35.92
N TYR A 330 2.58 -12.10 -34.73
CA TYR A 330 2.35 -11.30 -33.53
C TYR A 330 0.89 -11.50 -33.06
N ASP A 331 0.53 -12.79 -32.94
CA ASP A 331 -0.75 -13.27 -32.42
C ASP A 331 -0.55 -13.91 -31.05
N HIS A 332 -1.51 -14.75 -30.57
CA HIS A 332 -1.40 -15.41 -29.27
C HIS A 332 -0.20 -16.37 -29.17
N LEU A 333 0.20 -16.99 -30.32
CA LEU A 333 1.34 -17.89 -30.41
C LEU A 333 2.69 -17.19 -30.22
N THR A 334 2.92 -15.98 -30.82
CA THR A 334 4.11 -15.13 -30.55
C THR A 334 4.14 -14.70 -29.06
N ALA A 335 2.97 -14.37 -28.46
CA ALA A 335 2.89 -13.93 -27.06
C ALA A 335 3.27 -15.07 -26.13
N THR A 336 2.63 -16.26 -26.28
CA THR A 336 2.94 -17.45 -25.49
C THR A 336 4.43 -17.87 -25.63
N TYR A 337 4.96 -17.95 -26.88
CA TYR A 337 6.37 -18.33 -27.11
C TYR A 337 7.37 -17.40 -26.45
N LEU A 338 7.22 -16.07 -26.66
CA LEU A 338 8.15 -15.05 -26.16
C LEU A 338 8.03 -14.86 -24.66
N LEU A 339 6.84 -15.16 -24.08
CA LEU A 339 6.68 -15.17 -22.63
C LEU A 339 7.15 -16.51 -21.99
N LEU A 340 7.14 -17.64 -22.76
CA LEU A 340 7.79 -18.90 -22.37
C LEU A 340 9.31 -18.73 -22.31
N LEU A 341 9.90 -18.10 -23.36
CA LEU A 341 11.32 -17.75 -23.45
C LEU A 341 11.75 -16.81 -22.31
N ALA A 342 10.87 -15.90 -21.88
CA ALA A 342 11.06 -15.00 -20.75
C ALA A 342 11.07 -15.77 -19.42
N LYS A 343 10.05 -16.62 -19.20
CA LYS A 343 9.89 -17.46 -18.01
C LYS A 343 11.13 -18.36 -17.74
N LYS A 344 11.67 -19.04 -18.80
CA LYS A 344 12.90 -19.85 -18.77
C LYS A 344 14.12 -19.06 -18.29
N ALA A 345 14.39 -17.92 -18.94
CA ALA A 345 15.48 -16.99 -18.66
C ALA A 345 15.51 -16.50 -17.21
N ARG A 346 14.36 -16.20 -16.58
CA ARG A 346 14.32 -15.73 -15.19
C ARG A 346 14.20 -16.90 -14.16
N GLY A 347 14.31 -18.14 -14.64
CA GLY A 347 14.51 -19.31 -13.77
C GLY A 347 13.35 -20.27 -13.64
N LYS A 348 12.12 -19.72 -13.56
CA LYS A 348 10.88 -20.47 -13.32
C LYS A 348 10.61 -21.61 -14.35
N PRO A 349 9.89 -22.69 -13.97
CA PRO A 349 9.67 -23.80 -14.90
C PRO A 349 8.88 -23.47 -16.18
N VAL A 350 9.37 -24.04 -17.31
CA VAL A 350 8.79 -23.96 -18.65
C VAL A 350 7.46 -24.75 -18.68
N ARG A 351 6.42 -24.12 -18.11
CA ARG A 351 5.10 -24.69 -17.89
C ARG A 351 3.98 -23.71 -18.29
N LEU A 352 2.87 -24.29 -18.76
CA LEU A 352 1.73 -23.68 -19.43
C LEU A 352 0.43 -24.27 -18.86
N ARG A 353 -0.53 -23.43 -18.42
CA ARG A 353 -1.78 -23.89 -17.82
C ARG A 353 -2.64 -24.70 -18.80
N MET B 21 -16.18 -15.61 10.44
CA MET B 21 -15.66 -16.94 10.11
C MET B 21 -15.14 -17.11 8.64
N LYS B 22 -15.57 -16.23 7.71
CA LYS B 22 -15.21 -16.28 6.28
C LYS B 22 -13.76 -15.80 6.03
N ASP B 23 -13.21 -14.98 6.94
CA ASP B 23 -11.78 -14.60 6.87
C ASP B 23 -10.88 -15.73 7.34
N TYR B 24 -11.39 -16.57 8.24
CA TYR B 24 -10.66 -17.65 8.89
C TYR B 24 -11.08 -19.06 8.39
N ASP B 25 -11.97 -19.16 7.38
CA ASP B 25 -12.42 -20.45 6.82
C ASP B 25 -11.28 -21.24 6.16
N GLU B 26 -10.50 -20.59 5.26
CA GLU B 26 -9.39 -21.21 4.53
C GLU B 26 -8.23 -21.53 5.47
N LEU B 27 -7.81 -20.58 6.29
CA LEU B 27 -6.77 -20.75 7.32
C LEU B 27 -7.06 -21.98 8.22
N LEU B 28 -8.32 -22.12 8.70
CA LEU B 28 -8.69 -23.10 9.74
C LEU B 28 -8.91 -24.52 9.21
N LYS B 29 -8.77 -24.72 7.87
CA LYS B 29 -8.66 -26.05 7.24
C LYS B 29 -7.27 -26.61 7.55
N TYR B 30 -6.24 -25.73 7.60
CA TYR B 30 -4.83 -26.10 7.71
C TYR B 30 -4.23 -25.93 9.12
N TYR B 31 -4.73 -24.93 9.87
CA TYR B 31 -4.14 -24.53 11.14
C TYR B 31 -5.17 -24.53 12.28
N GLU B 32 -4.75 -25.03 13.44
CA GLU B 32 -5.44 -24.89 14.71
C GLU B 32 -4.87 -23.61 15.38
N LEU B 33 -5.72 -22.59 15.54
CA LEU B 33 -5.35 -21.26 16.03
C LEU B 33 -5.27 -21.22 17.60
N HIS B 34 -4.11 -20.76 18.22
CA HIS B 34 -3.95 -20.66 19.71
C HIS B 34 -3.86 -19.19 20.22
N GLU B 35 -3.07 -18.95 21.27
CA GLU B 35 -2.91 -17.66 21.96
C GLU B 35 -2.43 -16.54 21.06
N THR B 36 -2.95 -15.31 21.22
CA THR B 36 -2.49 -14.08 20.54
C THR B 36 -1.21 -13.49 21.22
N ILE B 37 -0.18 -13.17 20.43
CA ILE B 37 1.05 -12.65 21.01
C ILE B 37 1.27 -11.16 20.61
N GLY B 38 1.02 -10.79 19.35
CA GLY B 38 1.02 -9.39 18.93
C GLY B 38 -0.40 -8.83 18.78
N THR B 39 -0.58 -7.46 18.91
CA THR B 39 -1.80 -6.74 18.50
C THR B 39 -1.53 -5.30 17.98
N GLY B 40 -0.53 -4.62 18.57
CA GLY B 40 0.01 -3.35 18.10
C GLY B 40 -0.86 -2.40 17.28
N GLY B 41 -0.93 -2.65 15.96
CA GLY B 41 -1.66 -1.79 15.03
C GLY B 41 -2.68 -2.51 14.15
N PHE B 42 -2.43 -2.51 12.82
CA PHE B 42 -3.19 -3.28 11.80
C PHE B 42 -2.90 -4.78 11.93
N ALA B 43 -1.75 -5.12 12.56
CA ALA B 43 -1.21 -6.47 12.65
C ALA B 43 -1.36 -7.09 14.02
N LYS B 44 -1.98 -8.29 14.07
CA LYS B 44 -1.95 -9.18 15.22
C LYS B 44 -1.23 -10.49 14.90
N VAL B 45 -0.29 -10.89 15.77
CA VAL B 45 0.42 -12.17 15.64
C VAL B 45 -0.34 -13.15 16.50
N LYS B 46 -0.64 -14.33 15.96
CA LYS B 46 -1.30 -15.41 16.70
C LYS B 46 -0.49 -16.70 16.60
N LEU B 47 -0.28 -17.39 17.71
CA LEU B 47 0.25 -18.75 17.73
C LEU B 47 -0.75 -19.70 17.08
N ALA B 48 -0.26 -20.78 16.48
CA ALA B 48 -1.08 -21.79 15.80
C ALA B 48 -0.31 -23.10 15.69
N CYS B 49 -0.97 -24.14 15.20
CA CYS B 49 -0.43 -25.48 15.05
C CYS B 49 -0.85 -25.97 13.68
N HIS B 50 0.12 -26.40 12.86
CA HIS B 50 -0.12 -26.94 11.53
C HIS B 50 -0.66 -28.36 11.68
N ILE B 51 -1.93 -28.59 11.26
CA ILE B 51 -2.71 -29.81 11.52
C ILE B 51 -1.98 -31.10 11.05
N LEU B 52 -1.54 -31.17 9.77
CA LEU B 52 -0.94 -32.38 9.19
C LEU B 52 0.38 -32.79 9.85
N THR B 53 1.36 -31.85 9.97
CA THR B 53 2.70 -32.13 10.52
C THR B 53 2.73 -32.14 12.06
N GLY B 54 1.79 -31.45 12.69
CA GLY B 54 1.80 -31.21 14.14
C GLY B 54 2.69 -30.07 14.57
N GLU B 55 3.45 -29.50 13.63
CA GLU B 55 4.47 -28.46 13.88
C GLU B 55 3.86 -27.09 14.19
N MET B 56 4.37 -26.47 15.27
CA MET B 56 4.00 -25.15 15.77
C MET B 56 4.53 -24.08 14.85
N VAL B 57 3.71 -23.04 14.62
CA VAL B 57 3.99 -21.90 13.72
C VAL B 57 3.52 -20.60 14.42
N ALA B 58 3.85 -19.43 13.86
CA ALA B 58 3.34 -18.10 14.26
C ALA B 58 2.63 -17.45 13.04
N ILE B 59 1.43 -16.85 13.22
CA ILE B 59 0.65 -16.31 12.10
C ILE B 59 0.46 -14.80 12.24
N LYS B 60 0.96 -14.05 11.25
CA LYS B 60 0.81 -12.60 11.19
C LYS B 60 -0.46 -12.21 10.43
N ILE B 61 -1.50 -11.73 11.16
CA ILE B 61 -2.82 -11.36 10.63
C ILE B 61 -2.91 -9.82 10.37
N MET B 62 -2.78 -9.40 9.07
CA MET B 62 -2.89 -8.00 8.57
C MET B 62 -4.30 -7.62 8.23
N ASP B 63 -4.85 -6.55 8.85
CA ASP B 63 -6.18 -6.02 8.53
C ASP B 63 -6.04 -5.14 7.29
N LYS B 64 -6.57 -5.62 6.15
CA LYS B 64 -6.35 -5.01 4.83
C LYS B 64 -6.94 -3.61 4.63
N ASN B 65 -8.01 -3.27 5.37
CA ASN B 65 -8.73 -2.00 5.21
C ASN B 65 -8.42 -0.99 6.35
N THR B 66 -7.48 -1.37 7.27
CA THR B 66 -6.85 -0.55 8.32
C THR B 66 -5.51 0.01 7.77
N LEU B 67 -4.68 -0.88 7.16
CA LEU B 67 -3.33 -0.70 6.64
C LEU B 67 -3.04 0.65 5.99
N GLY B 68 -3.60 0.89 4.81
CA GLY B 68 -3.50 2.15 4.07
C GLY B 68 -2.15 2.46 3.46
N SER B 69 -1.47 3.53 3.97
CA SER B 69 -0.16 4.01 3.49
C SER B 69 1.01 3.08 3.88
N ASP B 70 0.76 2.19 4.86
CA ASP B 70 1.74 1.22 5.40
C ASP B 70 1.44 -0.24 4.93
N LEU B 71 0.63 -0.37 3.84
CA LEU B 71 0.36 -1.59 3.08
C LEU B 71 1.49 -1.94 2.07
N PRO B 72 2.23 -0.97 1.45
CA PRO B 72 3.42 -1.32 0.66
C PRO B 72 4.53 -2.02 1.47
N ARG B 73 4.63 -1.72 2.78
CA ARG B 73 5.55 -2.35 3.75
C ARG B 73 5.31 -3.86 3.91
N ILE B 74 4.11 -4.36 3.51
CA ILE B 74 3.65 -5.75 3.59
C ILE B 74 4.01 -6.57 2.32
N LYS B 75 3.66 -6.04 1.12
CA LYS B 75 3.86 -6.71 -0.17
C LYS B 75 5.35 -6.86 -0.54
N THR B 76 6.18 -5.85 -0.17
CA THR B 76 7.63 -5.83 -0.43
C THR B 76 8.32 -6.83 0.49
N GLU B 77 7.91 -6.87 1.78
CA GLU B 77 8.43 -7.81 2.77
C GLU B 77 8.20 -9.26 2.34
N ILE B 78 6.94 -9.62 1.91
CA ILE B 78 6.56 -10.93 1.38
C ILE B 78 7.49 -11.33 0.22
N GLU B 79 7.63 -10.44 -0.80
CA GLU B 79 8.48 -10.65 -1.99
C GLU B 79 9.95 -10.88 -1.64
N ALA B 80 10.50 -10.15 -0.66
CA ALA B 80 11.85 -10.34 -0.15
C ALA B 80 11.99 -11.71 0.51
N LEU B 81 11.04 -12.07 1.42
CA LEU B 81 11.02 -13.36 2.14
C LEU B 81 10.87 -14.58 1.22
N LYS B 82 10.14 -14.43 0.09
CA LYS B 82 9.97 -15.48 -0.93
C LYS B 82 11.30 -15.82 -1.59
N ASN B 83 12.26 -14.88 -1.55
CA ASN B 83 13.59 -15.00 -2.17
C ASN B 83 14.72 -15.23 -1.17
N LEU B 84 14.47 -14.99 0.13
CA LEU B 84 15.45 -15.19 1.20
C LEU B 84 15.13 -16.47 1.96
N ARG B 85 16.07 -17.40 1.92
CA ARG B 85 15.96 -18.73 2.50
C ARG B 85 17.31 -19.04 3.18
N HIS B 86 17.32 -19.05 4.53
CA HIS B 86 18.55 -19.14 5.32
C HIS B 86 18.24 -19.70 6.74
N GLN B 87 19.27 -20.24 7.42
CA GLN B 87 19.19 -20.77 8.80
C GLN B 87 19.12 -19.66 9.86
N HIS B 88 19.44 -18.40 9.50
CA HIS B 88 19.40 -17.32 10.47
C HIS B 88 18.39 -16.23 10.09
N ILE B 89 17.40 -16.62 9.28
CA ILE B 89 16.27 -15.80 8.88
C ILE B 89 15.00 -16.62 9.20
N CYS B 90 14.05 -15.99 9.91
CA CYS B 90 12.74 -16.54 10.21
C CYS B 90 11.97 -16.87 8.93
N GLN B 91 11.74 -18.17 8.69
CA GLN B 91 11.15 -18.72 7.47
C GLN B 91 9.69 -18.37 7.29
N LEU B 92 9.30 -17.94 6.06
CA LEU B 92 7.91 -17.81 5.61
C LEU B 92 7.45 -19.12 4.95
N TYR B 93 6.31 -19.70 5.43
CA TYR B 93 5.76 -20.99 4.94
C TYR B 93 4.57 -20.86 4.01
N HIS B 94 3.70 -19.88 4.27
CA HIS B 94 2.37 -19.82 3.66
C HIS B 94 1.92 -18.37 3.67
N VAL B 95 1.30 -17.93 2.57
CA VAL B 95 0.63 -16.62 2.42
C VAL B 95 -0.82 -16.90 1.94
N LEU B 96 -1.80 -16.39 2.71
CA LEU B 96 -3.23 -16.54 2.46
C LEU B 96 -3.89 -15.13 2.48
N GLU B 97 -4.79 -14.86 1.53
CA GLU B 97 -5.43 -13.56 1.41
C GLU B 97 -6.95 -13.68 1.23
N THR B 98 -7.72 -13.07 2.14
CA THR B 98 -9.19 -13.11 2.14
C THR B 98 -9.77 -11.69 1.90
N ALA B 99 -11.11 -11.52 2.09
CA ALA B 99 -11.84 -10.26 1.87
C ALA B 99 -11.15 -9.02 2.45
N ASN B 100 -10.51 -9.16 3.62
CA ASN B 100 -9.85 -8.07 4.32
C ASN B 100 -8.68 -8.56 5.18
N LYS B 101 -8.12 -9.74 4.87
CA LYS B 101 -7.08 -10.36 5.68
C LYS B 101 -5.90 -10.87 4.84
N ILE B 102 -4.67 -10.39 5.13
CA ILE B 102 -3.45 -11.04 4.65
C ILE B 102 -2.92 -11.84 5.84
N PHE B 103 -2.63 -13.13 5.62
CA PHE B 103 -2.02 -13.99 6.62
C PHE B 103 -0.60 -14.31 6.18
N MET B 104 0.33 -14.40 7.13
CA MET B 104 1.71 -14.82 6.88
C MET B 104 2.04 -15.90 7.90
N VAL B 105 2.24 -17.15 7.46
CA VAL B 105 2.57 -18.25 8.36
C VAL B 105 4.08 -18.33 8.45
N LEU B 106 4.63 -18.18 9.67
CA LEU B 106 6.07 -17.97 9.93
C LEU B 106 6.66 -18.99 10.92
N GLU B 107 7.99 -19.06 11.01
CA GLU B 107 8.74 -19.98 11.90
C GLU B 107 8.51 -19.63 13.36
N TYR B 108 8.37 -20.67 14.21
CA TYR B 108 8.11 -20.59 15.64
C TYR B 108 9.41 -20.23 16.44
N CYS B 109 9.39 -19.07 17.12
CA CYS B 109 10.54 -18.48 17.85
C CYS B 109 10.18 -18.21 19.34
N PRO B 110 10.09 -19.24 20.21
CA PRO B 110 9.60 -19.00 21.58
C PRO B 110 10.61 -18.39 22.55
N GLY B 111 11.86 -18.19 22.09
CA GLY B 111 12.98 -17.76 22.95
C GLY B 111 13.01 -16.29 23.31
N GLY B 112 12.22 -15.47 22.63
CA GLY B 112 12.13 -14.04 22.87
C GLY B 112 13.07 -13.22 22.02
N GLU B 113 13.01 -11.89 22.18
CA GLU B 113 13.87 -10.94 21.46
C GLU B 113 15.28 -10.99 22.01
N LEU B 114 16.27 -10.61 21.19
CA LEU B 114 17.63 -10.37 21.68
C LEU B 114 17.64 -9.14 22.62
N PHE B 115 16.71 -8.18 22.38
CA PHE B 115 16.42 -7.05 23.30
C PHE B 115 16.17 -7.49 24.74
N ASP B 116 15.28 -8.52 24.94
CA ASP B 116 14.88 -9.07 26.25
C ASP B 116 16.03 -9.69 27.02
N TYR B 117 16.90 -10.40 26.30
CA TYR B 117 18.16 -10.99 26.79
C TYR B 117 19.10 -9.87 27.33
N ILE B 118 19.44 -8.85 26.49
CA ILE B 118 20.32 -7.71 26.85
C ILE B 118 19.85 -6.99 28.15
N ILE B 119 18.59 -6.49 28.21
CA ILE B 119 18.04 -5.73 29.36
C ILE B 119 17.96 -6.54 30.67
N SER B 120 17.82 -7.89 30.57
CA SER B 120 17.72 -8.78 31.73
C SER B 120 19.06 -8.94 32.47
N GLN B 121 20.18 -9.03 31.72
CA GLN B 121 21.50 -9.22 32.32
C GLN B 121 22.26 -7.90 32.35
N ASP B 122 23.44 -7.91 32.99
CA ASP B 122 24.36 -6.79 33.01
C ASP B 122 24.79 -6.45 31.58
N ARG B 123 25.85 -7.08 31.11
CA ARG B 123 26.44 -6.87 29.80
C ARG B 123 27.26 -8.12 29.50
N LEU B 124 26.98 -8.74 28.33
CA LEU B 124 27.54 -10.02 27.91
C LEU B 124 29.05 -9.88 27.72
N SER B 125 29.81 -10.93 28.10
CA SER B 125 31.26 -11.05 27.91
C SER B 125 31.61 -11.02 26.42
N GLU B 126 32.87 -10.67 26.07
CA GLU B 126 33.34 -10.71 24.66
C GLU B 126 33.05 -12.05 23.98
N GLU B 127 33.27 -13.16 24.70
CA GLU B 127 33.05 -14.54 24.26
C GLU B 127 31.55 -14.83 24.04
N GLU B 128 30.68 -14.34 24.94
CA GLU B 128 29.21 -14.44 24.83
C GLU B 128 28.70 -13.68 23.64
N THR B 129 29.23 -12.47 23.39
CA THR B 129 28.81 -11.57 22.31
C THR B 129 29.20 -12.16 20.96
N ARG B 130 30.38 -12.81 20.87
CA ARG B 130 30.90 -13.46 19.65
C ARG B 130 30.00 -14.62 19.18
N VAL B 131 29.52 -15.48 20.11
CA VAL B 131 28.59 -16.59 19.82
C VAL B 131 27.34 -16.07 19.08
N VAL B 132 26.80 -14.96 19.61
CA VAL B 132 25.60 -14.25 19.15
C VAL B 132 25.88 -13.46 17.86
N PHE B 133 26.98 -12.66 17.82
CA PHE B 133 27.30 -11.76 16.73
C PHE B 133 27.63 -12.49 15.44
N ARG B 134 28.31 -13.65 15.51
CA ARG B 134 28.57 -14.52 14.36
C ARG B 134 27.27 -15.05 13.70
N GLN B 135 26.16 -15.11 14.46
CA GLN B 135 24.86 -15.50 13.93
C GLN B 135 24.19 -14.34 13.19
N ILE B 136 24.34 -13.10 13.71
CA ILE B 136 23.95 -11.83 13.05
C ILE B 136 24.70 -11.64 11.74
N VAL B 137 26.03 -11.86 11.71
CA VAL B 137 26.90 -11.68 10.53
C VAL B 137 26.53 -12.67 9.41
N SER B 138 26.41 -13.97 9.71
CA SER B 138 25.90 -15.02 8.82
C SER B 138 24.59 -14.54 8.14
N ALA B 139 23.57 -14.18 8.96
CA ALA B 139 22.25 -13.73 8.52
C ALA B 139 22.28 -12.52 7.55
N VAL B 140 23.08 -11.45 7.87
CA VAL B 140 23.15 -10.18 7.14
C VAL B 140 24.00 -10.28 5.87
N ALA B 141 25.11 -11.08 5.90
CA ALA B 141 25.94 -11.39 4.72
C ALA B 141 25.13 -12.15 3.67
N TYR B 142 24.19 -13.03 4.09
CA TYR B 142 23.29 -13.68 3.15
C TYR B 142 22.31 -12.70 2.48
N VAL B 143 21.68 -11.80 3.27
CA VAL B 143 20.77 -10.74 2.79
C VAL B 143 21.40 -9.94 1.65
N HIS B 144 22.62 -9.40 1.89
CA HIS B 144 23.43 -8.58 0.98
C HIS B 144 23.85 -9.33 -0.25
N SER B 145 24.11 -10.65 -0.14
CA SER B 145 24.44 -11.52 -1.29
C SER B 145 23.25 -11.65 -2.26
N GLN B 146 22.02 -11.48 -1.73
CA GLN B 146 20.78 -11.54 -2.50
C GLN B 146 20.35 -10.16 -3.09
N GLY B 147 21.19 -9.15 -2.89
CA GLY B 147 20.94 -7.80 -3.39
C GLY B 147 19.95 -6.97 -2.58
N TYR B 148 19.69 -7.36 -1.31
CA TYR B 148 18.85 -6.63 -0.37
C TYR B 148 19.65 -5.99 0.76
N ALA B 149 19.08 -4.98 1.41
CA ALA B 149 19.56 -4.44 2.69
C ALA B 149 18.37 -4.42 3.65
N HIS B 150 18.54 -4.90 4.89
CA HIS B 150 17.46 -5.02 5.88
C HIS B 150 16.91 -3.64 6.33
N ARG B 151 17.81 -2.66 6.59
CA ARG B 151 17.54 -1.25 6.91
C ARG B 151 16.88 -1.01 8.28
N ASP B 152 16.61 -2.09 9.07
CA ASP B 152 16.06 -1.98 10.42
C ASP B 152 16.69 -3.00 11.37
N LEU B 153 18.02 -3.15 11.33
CA LEU B 153 18.75 -3.99 12.27
C LEU B 153 18.82 -3.33 13.67
N LYS B 154 18.32 -4.06 14.67
CA LYS B 154 18.24 -3.67 16.09
C LYS B 154 17.91 -4.95 16.87
N PRO B 155 18.17 -5.00 18.20
CA PRO B 155 17.97 -6.27 18.94
C PRO B 155 16.51 -6.71 19.13
N GLU B 156 15.54 -5.80 18.89
CA GLU B 156 14.11 -6.16 18.86
C GLU B 156 13.77 -7.03 17.66
N ASN B 157 14.59 -6.94 16.58
CA ASN B 157 14.39 -7.62 15.29
C ASN B 157 15.20 -8.93 15.14
N LEU B 158 15.75 -9.45 16.24
CA LEU B 158 16.45 -10.73 16.29
C LEU B 158 15.79 -11.60 17.35
N LEU B 159 15.27 -12.78 16.97
CA LEU B 159 14.55 -13.66 17.90
C LEU B 159 15.30 -14.96 18.11
N PHE B 160 15.08 -15.63 19.26
CA PHE B 160 15.65 -16.96 19.54
C PHE B 160 14.63 -18.03 19.25
N ASP B 161 15.07 -19.08 18.53
CA ASP B 161 14.21 -20.26 18.36
C ASP B 161 14.29 -21.15 19.61
N GLU B 162 13.61 -22.30 19.58
CA GLU B 162 13.54 -23.25 20.70
C GLU B 162 14.90 -23.96 20.97
N TYR B 163 15.90 -23.73 20.09
CA TYR B 163 17.26 -24.27 20.18
C TYR B 163 18.30 -23.16 20.43
N HIS B 164 17.84 -21.92 20.82
CA HIS B 164 18.64 -20.76 21.25
C HIS B 164 19.40 -20.10 20.08
N LYS B 165 18.94 -20.35 18.85
CA LYS B 165 19.55 -19.80 17.65
C LYS B 165 18.83 -18.52 17.27
N LEU B 166 19.59 -17.46 16.87
CA LEU B 166 18.99 -16.21 16.37
C LEU B 166 18.39 -16.37 14.96
N LYS B 167 17.22 -15.75 14.73
CA LYS B 167 16.55 -15.65 13.43
C LYS B 167 16.25 -14.16 13.18
N LEU B 168 16.54 -13.64 11.96
CA LEU B 168 16.31 -12.25 11.56
C LEU B 168 14.85 -12.08 11.15
N ILE B 169 14.11 -11.09 11.78
CA ILE B 169 12.67 -10.90 11.49
C ILE B 169 12.41 -9.52 10.87
N ASP B 170 11.13 -9.23 10.57
CA ASP B 170 10.56 -7.97 10.07
C ASP B 170 11.37 -7.28 8.97
N PHE B 171 11.10 -7.69 7.72
CA PHE B 171 11.73 -7.15 6.51
C PHE B 171 10.87 -6.03 5.86
N GLY B 172 10.18 -5.26 6.71
CA GLY B 172 9.20 -4.24 6.32
C GLY B 172 9.86 -3.00 5.75
N LEU B 173 11.11 -2.71 6.18
CA LEU B 173 11.87 -1.55 5.69
C LEU B 173 12.97 -1.92 4.66
N CYS B 174 12.91 -3.17 4.13
CA CYS B 174 13.68 -3.83 3.05
C CYS B 174 13.97 -2.99 1.82
N ALA B 175 15.08 -3.29 1.10
CA ALA B 175 15.70 -2.29 0.25
C ALA B 175 15.87 -2.60 -1.23
N LYS B 176 16.68 -3.62 -1.60
CA LYS B 176 17.30 -3.72 -2.93
C LYS B 176 18.12 -2.42 -3.27
N PRO B 177 19.36 -2.27 -2.69
CA PRO B 177 20.11 -1.01 -2.85
C PRO B 177 20.45 -0.59 -4.26
N LYS B 178 20.75 -1.55 -5.15
CA LYS B 178 21.09 -1.21 -6.54
C LYS B 178 20.04 -1.82 -7.52
N GLY B 179 18.79 -1.89 -7.06
CA GLY B 179 17.64 -2.22 -7.89
C GLY B 179 16.72 -1.04 -8.15
N ASN B 180 15.45 -1.34 -8.44
CA ASN B 180 14.42 -0.30 -8.61
C ASN B 180 14.01 0.33 -7.26
N LYS B 181 13.69 1.65 -7.30
CA LYS B 181 13.22 2.42 -6.15
C LYS B 181 11.72 2.17 -5.78
N ASP B 182 11.41 2.11 -4.46
CA ASP B 182 10.06 2.03 -3.88
C ASP B 182 9.72 3.34 -3.13
N CYS B 189 14.05 3.02 6.87
CA CYS B 189 14.64 3.98 7.81
C CYS B 189 15.07 3.29 9.14
N GLY B 190 14.16 3.22 10.13
CA GLY B 190 14.34 2.45 11.36
C GLY B 190 14.53 3.28 12.62
N ALA B 191 15.07 2.64 13.69
CA ALA B 191 15.40 3.30 14.96
C ALA B 191 16.55 4.27 14.78
N LEU B 192 16.43 5.47 15.35
CA LEU B 192 17.40 6.56 15.17
C LEU B 192 18.79 6.21 15.71
N ALA B 193 18.86 5.64 16.93
CA ALA B 193 20.08 5.25 17.62
C ALA B 193 21.00 4.28 16.84
N TYR B 194 20.39 3.52 15.92
CA TYR B 194 20.98 2.49 15.04
C TYR B 194 21.25 3.00 13.65
N ALA B 195 20.70 4.17 13.31
CA ALA B 195 20.76 4.74 11.97
C ALA B 195 22.13 5.35 11.66
N ALA B 196 22.63 5.00 10.44
CA ALA B 196 23.91 5.40 9.86
C ALA B 196 23.89 6.88 9.53
N PRO B 197 25.01 7.62 9.71
CA PRO B 197 25.03 9.07 9.42
C PRO B 197 24.45 9.46 8.05
N GLU B 198 24.88 8.76 6.98
CA GLU B 198 24.45 9.02 5.61
C GLU B 198 22.95 8.76 5.41
N LEU B 199 22.36 7.88 6.22
CA LEU B 199 20.94 7.57 6.13
C LEU B 199 20.07 8.68 6.70
N ILE B 200 20.57 9.41 7.73
CA ILE B 200 19.89 10.58 8.32
C ILE B 200 19.80 11.71 7.30
N GLN B 201 20.94 12.06 6.69
CA GLN B 201 21.11 13.16 5.74
C GLN B 201 20.49 12.89 4.34
N GLY B 202 20.23 11.61 4.04
CA GLY B 202 19.65 11.20 2.76
C GLY B 202 20.64 11.18 1.61
N GLY B 207 22.77 2.44 0.33
CA GLY B 207 23.59 1.23 0.33
C GLY B 207 23.35 0.26 1.47
N SER B 208 23.98 -0.93 1.38
CA SER B 208 24.12 -1.97 2.41
C SER B 208 25.29 -1.64 3.37
N GLU B 209 25.91 -0.46 3.19
CA GLU B 209 26.97 0.07 4.06
C GLU B 209 26.37 0.50 5.38
N ALA B 210 25.07 0.90 5.37
CA ALA B 210 24.30 1.33 6.54
C ALA B 210 24.07 0.18 7.51
N ASP B 211 23.86 -1.04 6.98
CA ASP B 211 23.63 -2.27 7.76
C ASP B 211 24.88 -2.68 8.55
N VAL B 212 26.08 -2.41 8.01
CA VAL B 212 27.36 -2.67 8.67
C VAL B 212 27.50 -1.74 9.90
N TRP B 213 27.14 -0.42 9.76
CA TRP B 213 27.07 0.53 10.86
C TRP B 213 26.18 -0.01 11.99
N SER B 214 24.90 -0.38 11.68
CA SER B 214 23.88 -0.84 12.65
C SER B 214 24.33 -2.11 13.41
N MET B 215 25.07 -3.03 12.71
CA MET B 215 25.76 -4.18 13.30
C MET B 215 26.83 -3.76 14.30
N GLY B 216 27.49 -2.65 14.02
CA GLY B 216 28.47 -2.03 14.92
C GLY B 216 27.87 -1.40 16.15
N ILE B 217 26.67 -0.76 16.02
CA ILE B 217 25.89 -0.29 17.19
C ILE B 217 25.47 -1.48 18.06
N LEU B 218 24.94 -2.58 17.44
CA LEU B 218 24.58 -3.85 18.06
C LEU B 218 25.75 -4.45 18.82
N LEU B 219 26.91 -4.56 18.16
CA LEU B 219 28.17 -5.00 18.77
C LEU B 219 28.50 -4.24 20.06
N TYR B 220 28.45 -2.88 20.04
CA TYR B 220 28.71 -2.00 21.17
C TYR B 220 27.75 -2.25 22.36
N VAL B 221 26.42 -2.23 22.13
CA VAL B 221 25.39 -2.48 23.16
C VAL B 221 25.56 -3.86 23.84
N LEU B 222 25.89 -4.91 23.05
CA LEU B 222 26.07 -6.27 23.57
C LEU B 222 27.18 -6.34 24.63
N MET B 223 28.34 -5.69 24.32
CA MET B 223 29.54 -5.70 25.16
C MET B 223 29.58 -4.64 26.25
N CYS B 224 28.77 -3.56 26.13
CA CYS B 224 28.81 -2.42 27.06
C CYS B 224 27.56 -2.29 27.96
N GLY B 225 26.39 -2.63 27.39
CA GLY B 225 25.11 -2.51 28.07
C GLY B 225 24.43 -1.17 27.87
N PHE B 226 25.06 -0.30 27.05
CA PHE B 226 24.55 1.03 26.71
C PHE B 226 24.88 1.39 25.27
N LEU B 227 24.08 2.27 24.64
CA LEU B 227 24.29 2.71 23.25
C LEU B 227 25.54 3.63 23.12
N PRO B 228 26.27 3.62 21.98
CA PRO B 228 27.43 4.54 21.87
C PRO B 228 27.04 6.01 21.67
N PHE B 229 25.81 6.26 21.16
CA PHE B 229 25.17 7.57 20.95
C PHE B 229 23.72 7.51 21.49
N ASP B 230 23.41 8.39 22.46
CA ASP B 230 22.15 8.38 23.22
C ASP B 230 21.88 9.78 23.78
N ASP B 231 20.66 10.29 23.60
CA ASP B 231 20.21 11.57 24.13
C ASP B 231 18.68 11.64 24.35
N ASP B 232 18.25 12.58 25.22
CA ASP B 232 16.85 12.87 25.54
C ASP B 232 16.06 13.47 24.37
N THR B 233 16.75 14.20 23.47
CA THR B 233 16.11 14.80 22.29
C THR B 233 16.69 14.21 21.03
N ALA B 234 15.85 14.00 20.00
CA ALA B 234 16.24 13.46 18.69
C ALA B 234 17.25 14.36 17.96
N ALA B 235 17.10 15.69 18.05
CA ALA B 235 18.00 16.70 17.46
C ALA B 235 19.44 16.61 18.01
N ALA B 236 19.57 16.28 19.32
CA ALA B 236 20.85 16.06 20.01
C ALA B 236 21.41 14.65 19.79
N LEU B 237 20.54 13.65 19.49
CA LEU B 237 21.00 12.32 19.08
C LEU B 237 21.65 12.36 17.69
N VAL B 238 20.98 12.98 16.69
CA VAL B 238 21.44 13.19 15.31
C VAL B 238 22.83 13.83 15.29
N ALA B 239 23.02 14.93 16.04
CA ALA B 239 24.30 15.65 16.16
C ALA B 239 25.45 14.74 16.63
N LYS B 240 25.18 13.86 17.62
CA LYS B 240 26.11 12.86 18.18
C LYS B 240 26.50 11.78 17.17
N ILE B 241 25.52 11.25 16.39
CA ILE B 241 25.75 10.28 15.29
C ILE B 241 26.66 10.88 14.19
N MET B 242 26.35 12.10 13.73
CA MET B 242 27.09 12.83 12.68
C MET B 242 28.56 13.13 13.06
N ARG B 243 28.80 13.54 14.34
CA ARG B 243 30.13 13.79 14.93
C ARG B 243 30.91 12.49 15.15
N GLY B 244 30.17 11.42 15.45
CA GLY B 244 30.66 10.04 15.50
C GLY B 244 31.61 9.67 16.62
N LYS B 245 31.74 10.52 17.65
CA LYS B 245 32.58 10.28 18.83
C LYS B 245 31.79 9.49 19.88
N TYR B 246 32.43 8.51 20.51
CA TYR B 246 31.83 7.63 21.53
C TYR B 246 32.84 7.15 22.58
N ASP B 247 32.30 6.80 23.76
CA ASP B 247 33.03 6.23 24.89
C ASP B 247 33.62 4.89 24.54
N VAL B 248 34.87 4.66 24.98
CA VAL B 248 35.54 3.37 24.87
C VAL B 248 35.71 2.82 26.30
N PRO B 249 34.75 2.00 26.83
CA PRO B 249 34.91 1.44 28.20
C PRO B 249 36.23 0.69 28.47
N LYS B 250 36.69 0.79 29.73
CA LYS B 250 37.96 0.22 30.22
C LYS B 250 38.05 -1.32 30.13
N TRP B 251 36.88 -2.01 30.20
CA TRP B 251 36.78 -3.47 30.10
C TRP B 251 36.91 -4.05 28.67
N LEU B 252 36.72 -3.20 27.63
CA LEU B 252 36.86 -3.56 26.22
C LEU B 252 38.31 -3.87 25.86
N SER B 253 38.53 -5.05 25.25
CA SER B 253 39.84 -5.51 24.76
C SER B 253 40.31 -4.67 23.56
N PRO B 254 41.63 -4.57 23.28
CA PRO B 254 42.06 -3.87 22.04
C PRO B 254 41.55 -4.46 20.72
N SER B 255 41.24 -5.78 20.68
CA SER B 255 40.58 -6.44 19.55
C SER B 255 39.16 -5.90 19.36
N SER B 256 38.37 -5.78 20.45
CA SER B 256 37.03 -5.18 20.44
C SER B 256 37.06 -3.71 20.01
N ILE B 257 38.04 -2.93 20.52
CA ILE B 257 38.21 -1.50 20.21
C ILE B 257 38.49 -1.31 18.71
N LEU B 258 39.28 -2.21 18.11
CA LEU B 258 39.65 -2.19 16.69
C LEU B 258 38.50 -2.53 15.75
N LEU B 259 37.73 -3.63 16.01
CA LEU B 259 36.54 -3.96 15.21
C LEU B 259 35.50 -2.85 15.25
N LEU B 260 35.27 -2.26 16.44
CA LEU B 260 34.34 -1.14 16.62
C LEU B 260 34.70 0.10 15.83
N GLN B 261 35.98 0.52 15.79
CA GLN B 261 36.29 1.72 15.01
C GLN B 261 36.22 1.50 13.48
N GLN B 262 36.38 0.25 13.02
CA GLN B 262 36.25 -0.12 11.60
C GLN B 262 34.80 -0.11 11.12
N MET B 263 33.87 -0.57 11.97
CA MET B 263 32.42 -0.68 11.69
C MET B 263 31.71 0.68 11.95
N LEU B 264 32.20 1.48 12.94
CA LEU B 264 31.62 2.77 13.30
C LEU B 264 32.42 3.94 12.72
N GLN B 265 32.63 3.90 11.39
CA GLN B 265 33.19 4.97 10.57
C GLN B 265 32.03 5.82 10.05
N VAL B 266 32.11 7.14 10.20
CA VAL B 266 31.07 8.05 9.73
C VAL B 266 30.98 8.00 8.18
N ASP B 267 32.13 8.02 7.47
CA ASP B 267 32.23 7.90 6.01
C ASP B 267 31.95 6.43 5.59
N PRO B 268 30.83 6.16 4.84
CA PRO B 268 30.47 4.74 4.52
C PRO B 268 31.45 4.04 3.59
N LYS B 269 32.37 4.83 3.00
CA LYS B 269 33.45 4.40 2.11
C LYS B 269 34.64 3.83 2.91
N LYS B 270 34.81 4.31 4.18
CA LYS B 270 35.89 3.92 5.09
C LYS B 270 35.46 2.80 6.10
N ARG B 271 34.15 2.46 6.10
CA ARG B 271 33.58 1.35 6.88
C ARG B 271 34.04 0.02 6.32
N ILE B 272 34.30 -0.96 7.21
CA ILE B 272 34.73 -2.32 6.86
C ILE B 272 33.69 -2.99 5.92
N SER B 273 34.20 -3.71 4.91
CA SER B 273 33.38 -4.45 3.94
C SER B 273 32.86 -5.73 4.57
N MET B 274 31.79 -6.31 4.02
CA MET B 274 31.30 -7.60 4.47
C MET B 274 32.36 -8.74 4.37
N LYS B 275 33.12 -8.80 3.25
CA LYS B 275 34.13 -9.85 3.03
C LYS B 275 35.21 -9.83 4.13
N ASN B 276 35.59 -8.63 4.60
CA ASN B 276 36.62 -8.44 5.63
C ASN B 276 36.09 -8.63 7.03
N LEU B 277 34.78 -8.48 7.20
CA LEU B 277 34.08 -8.78 8.45
C LEU B 277 34.05 -10.30 8.71
N LEU B 278 33.65 -11.08 7.68
CA LEU B 278 33.51 -12.56 7.70
C LEU B 278 34.71 -13.35 8.24
N ASN B 279 35.92 -12.78 8.12
CA ASN B 279 37.18 -13.41 8.53
C ASN B 279 38.07 -12.43 9.32
N HIS B 280 37.43 -11.42 9.95
CA HIS B 280 38.12 -10.48 10.87
C HIS B 280 38.78 -11.26 12.04
N PRO B 281 40.03 -10.90 12.46
CA PRO B 281 40.62 -11.54 13.65
C PRO B 281 39.75 -11.61 14.92
N TRP B 282 38.88 -10.62 15.19
CA TRP B 282 37.92 -10.68 16.31
C TRP B 282 36.88 -11.78 16.11
N ILE B 283 36.33 -11.95 14.89
CA ILE B 283 35.27 -12.92 14.58
C ILE B 283 35.80 -14.37 14.74
N MET B 284 37.05 -14.57 14.35
CA MET B 284 37.66 -15.90 14.30
C MET B 284 38.32 -16.35 15.59
N GLN B 285 38.59 -15.43 16.53
CA GLN B 285 39.00 -15.78 17.89
C GLN B 285 38.13 -16.89 18.52
N ASP B 286 38.81 -17.95 19.02
CA ASP B 286 38.27 -19.13 19.71
C ASP B 286 37.58 -20.14 18.74
N TYR B 287 37.16 -19.71 17.53
CA TYR B 287 36.54 -20.61 16.54
C TYR B 287 37.56 -21.11 15.53
N ASN B 288 38.48 -20.23 15.09
CA ASN B 288 39.60 -20.50 14.19
C ASN B 288 39.15 -20.87 12.74
N TYR B 289 37.85 -20.57 12.41
CA TYR B 289 37.29 -20.61 11.05
C TYR B 289 36.37 -19.41 10.81
N PRO B 290 36.31 -18.84 9.57
CA PRO B 290 35.42 -17.69 9.33
C PRO B 290 33.92 -18.01 9.38
N VAL B 291 33.07 -16.96 9.39
CA VAL B 291 31.60 -17.11 9.43
C VAL B 291 31.08 -17.84 8.16
N GLU B 292 30.33 -18.94 8.36
CA GLU B 292 29.65 -19.61 7.26
C GLU B 292 28.27 -18.97 7.03
N TRP B 293 28.21 -18.03 6.07
CA TRP B 293 27.04 -17.19 5.73
C TRP B 293 26.16 -17.85 4.68
N GLN B 294 26.70 -18.85 3.96
CA GLN B 294 25.98 -19.54 2.89
C GLN B 294 24.84 -20.38 3.43
N SER B 295 23.74 -20.44 2.67
CA SER B 295 22.50 -21.08 3.06
C SER B 295 22.62 -22.60 3.09
N LYS B 296 22.02 -23.21 4.10
CA LYS B 296 21.93 -24.66 4.27
C LYS B 296 20.48 -25.10 3.96
N ASN B 297 19.64 -24.12 3.57
CA ASN B 297 18.23 -24.27 3.23
C ASN B 297 18.03 -24.09 1.68
N PRO B 298 17.92 -25.19 0.89
CA PRO B 298 17.94 -25.03 -0.58
C PRO B 298 16.61 -24.68 -1.24
N PHE B 299 16.66 -23.96 -2.38
CA PHE B 299 15.51 -23.71 -3.24
C PHE B 299 15.37 -24.87 -4.25
N ILE B 300 16.50 -25.52 -4.66
CA ILE B 300 16.54 -26.52 -5.76
C ILE B 300 16.47 -28.02 -5.28
N HIS B 301 17.37 -28.48 -4.39
CA HIS B 301 17.32 -29.89 -3.98
C HIS B 301 16.16 -30.19 -3.03
N LEU B 302 15.28 -31.08 -3.48
CA LEU B 302 14.05 -31.43 -2.81
C LEU B 302 14.23 -32.69 -1.98
N ASP B 303 14.46 -32.56 -0.65
CA ASP B 303 14.64 -33.70 0.23
C ASP B 303 13.70 -34.88 -0.02
N ASP B 304 14.33 -36.03 -0.15
CA ASP B 304 13.85 -37.35 -0.57
C ASP B 304 12.63 -37.82 0.23
N ASP B 305 12.81 -37.95 1.55
CA ASP B 305 11.87 -38.49 2.53
C ASP B 305 10.57 -37.66 2.60
N CYS B 306 10.70 -36.31 2.41
CA CYS B 306 9.60 -35.35 2.36
C CYS B 306 8.74 -35.56 1.12
N VAL B 307 9.40 -35.64 -0.08
CA VAL B 307 8.71 -35.88 -1.35
C VAL B 307 8.00 -37.25 -1.32
N THR B 308 8.65 -38.32 -0.76
CA THR B 308 8.02 -39.64 -0.65
C THR B 308 6.88 -39.61 0.38
N GLU B 309 7.06 -38.90 1.50
CA GLU B 309 6.00 -38.79 2.48
C GLU B 309 4.77 -38.04 1.91
N LEU B 310 5.00 -36.98 1.08
CA LEU B 310 3.93 -36.19 0.47
C LEU B 310 3.22 -36.97 -0.64
N SER B 311 3.99 -37.76 -1.44
CA SER B 311 3.46 -38.63 -2.51
C SER B 311 2.49 -39.68 -1.99
N VAL B 312 2.71 -40.22 -0.78
CA VAL B 312 1.81 -41.23 -0.20
C VAL B 312 0.52 -40.57 0.31
N HIS B 313 0.61 -39.33 0.81
CA HIS B 313 -0.56 -38.60 1.32
C HIS B 313 -1.44 -38.10 0.20
N HIS B 314 -0.86 -37.38 -0.80
CA HIS B 314 -1.55 -36.87 -1.99
C HIS B 314 -2.00 -37.98 -2.97
N ARG B 315 -1.34 -39.15 -2.92
CA ARG B 315 -1.51 -40.31 -3.79
C ARG B 315 -1.24 -39.97 -5.27
N ASN B 316 0.00 -39.53 -5.53
CA ASN B 316 0.60 -39.34 -6.86
C ASN B 316 2.09 -39.76 -6.84
N ASN B 317 2.72 -39.87 -8.03
CA ASN B 317 4.15 -40.24 -8.21
C ASN B 317 5.16 -39.26 -7.55
N ARG B 318 6.47 -39.63 -7.52
CA ARG B 318 7.51 -38.75 -7.00
C ARG B 318 7.90 -37.67 -8.01
N GLN B 319 7.41 -37.81 -9.25
CA GLN B 319 7.80 -36.94 -10.35
C GLN B 319 6.96 -35.66 -10.43
N THR B 320 5.63 -35.74 -10.25
CA THR B 320 4.78 -34.54 -10.28
C THR B 320 4.43 -34.02 -8.88
N MET B 321 4.80 -34.77 -7.81
CA MET B 321 4.85 -34.19 -6.47
C MET B 321 6.00 -33.21 -6.40
N GLU B 322 7.16 -33.63 -6.92
CA GLU B 322 8.39 -32.85 -7.07
C GLU B 322 8.17 -31.61 -7.97
N ASP B 323 7.40 -31.74 -9.08
CA ASP B 323 7.11 -30.66 -10.02
C ASP B 323 6.21 -29.59 -9.42
N LEU B 324 5.25 -30.02 -8.56
CA LEU B 324 4.31 -29.17 -7.81
C LEU B 324 5.02 -28.39 -6.68
N ILE B 325 5.92 -29.07 -5.91
CA ILE B 325 6.82 -28.48 -4.90
C ILE B 325 7.71 -27.40 -5.52
N SER B 326 8.27 -27.68 -6.71
CA SER B 326 9.14 -26.80 -7.52
C SER B 326 8.57 -25.38 -7.83
N LEU B 327 7.25 -25.15 -7.61
CA LEU B 327 6.56 -23.91 -7.96
C LEU B 327 6.80 -22.74 -6.99
N TRP B 328 7.07 -23.03 -5.68
CA TRP B 328 7.24 -22.08 -4.57
C TRP B 328 6.18 -20.93 -4.61
N GLN B 329 4.91 -21.37 -4.63
CA GLN B 329 3.74 -20.51 -4.65
C GLN B 329 3.44 -19.95 -3.25
N TYR B 330 4.05 -20.58 -2.20
CA TYR B 330 3.86 -20.28 -0.79
C TYR B 330 2.38 -20.51 -0.43
N ASP B 331 1.88 -21.71 -0.79
CA ASP B 331 0.55 -22.22 -0.48
C ASP B 331 0.66 -23.35 0.57
N HIS B 332 -0.38 -24.20 0.72
CA HIS B 332 -0.36 -25.31 1.69
C HIS B 332 0.73 -26.34 1.41
N LEU B 333 1.12 -26.50 0.14
CA LEU B 333 2.13 -27.46 -0.28
C LEU B 333 3.53 -27.03 0.13
N THR B 334 3.85 -25.70 0.06
CA THR B 334 5.11 -25.12 0.57
C THR B 334 5.12 -25.22 2.10
N ALA B 335 3.95 -25.01 2.71
CA ALA B 335 3.69 -25.13 4.15
C ALA B 335 4.06 -26.51 4.70
N THR B 336 3.45 -27.54 4.13
CA THR B 336 3.67 -28.93 4.51
C THR B 336 5.12 -29.37 4.23
N TYR B 337 5.65 -29.09 3.02
CA TYR B 337 6.99 -29.49 2.63
C TYR B 337 8.08 -28.91 3.54
N LEU B 338 8.07 -27.58 3.75
CA LEU B 338 9.08 -26.87 4.55
C LEU B 338 8.99 -27.18 6.04
N LEU B 339 7.79 -27.54 6.53
CA LEU B 339 7.64 -27.97 7.90
C LEU B 339 8.07 -29.45 8.03
N LEU B 340 7.81 -30.28 7.00
CA LEU B 340 8.34 -31.67 6.93
C LEU B 340 9.89 -31.68 6.99
N LEU B 341 10.53 -30.81 6.18
CA LEU B 341 11.98 -30.58 6.16
C LEU B 341 12.53 -30.13 7.52
N ALA B 342 11.74 -29.30 8.24
CA ALA B 342 12.03 -28.84 9.60
C ALA B 342 11.94 -29.99 10.61
N LYS B 343 10.82 -30.76 10.57
CA LYS B 343 10.57 -31.92 11.43
C LYS B 343 11.67 -33.00 11.35
N LYS B 344 12.16 -33.33 10.13
CA LYS B 344 13.27 -34.26 9.87
C LYS B 344 14.57 -33.82 10.56
N ALA B 345 14.99 -32.56 10.32
CA ALA B 345 16.13 -31.89 10.91
C ALA B 345 16.11 -31.93 12.46
N ARG B 346 14.91 -31.88 13.09
CA ARG B 346 14.65 -31.91 14.54
C ARG B 346 14.85 -33.28 15.23
N GLY B 347 15.07 -34.34 14.44
CA GLY B 347 15.23 -35.71 14.91
C GLY B 347 13.94 -36.50 15.07
N LYS B 348 12.89 -36.05 14.35
CA LYS B 348 11.52 -36.52 14.56
C LYS B 348 10.96 -37.30 13.36
N PRO B 349 9.88 -38.12 13.53
CA PRO B 349 9.37 -38.88 12.38
C PRO B 349 8.77 -38.04 11.25
N VAL B 350 9.19 -38.35 10.01
CA VAL B 350 8.68 -37.77 8.76
C VAL B 350 7.28 -38.38 8.47
N ARG B 351 6.23 -37.87 9.17
CA ARG B 351 4.84 -38.34 9.08
C ARG B 351 3.79 -37.22 9.19
N LEU B 352 2.75 -37.27 8.30
CA LEU B 352 1.52 -36.46 8.34
C LEU B 352 0.36 -37.30 8.93
N ARG B 353 -0.69 -36.66 9.48
CA ARG B 353 -1.85 -37.40 10.01
C ARG B 353 -3.04 -37.38 9.05
N HIS C 20 23.21 1.42 30.44
CA HIS C 20 21.97 2.14 30.70
C HIS C 20 20.89 1.76 29.68
N MET C 21 20.55 2.70 28.75
CA MET C 21 19.31 2.87 27.94
C MET C 21 18.46 4.04 28.54
N LYS C 22 18.42 5.19 27.85
CA LYS C 22 17.75 6.40 28.37
C LYS C 22 16.22 6.37 28.21
N ASP C 23 15.69 5.53 27.30
CA ASP C 23 14.24 5.37 27.15
C ASP C 23 13.58 4.58 28.31
N TYR C 24 14.33 3.69 28.95
CA TYR C 24 13.82 2.76 29.94
C TYR C 24 14.22 3.10 31.38
N ASP C 25 14.97 4.21 31.61
CA ASP C 25 15.48 4.56 32.94
C ASP C 25 14.39 4.91 33.95
N GLU C 26 13.44 5.80 33.58
CA GLU C 26 12.32 6.19 34.46
C GLU C 26 11.36 5.02 34.69
N LEU C 27 10.98 4.34 33.63
CA LEU C 27 10.13 3.18 33.71
C LEU C 27 10.65 2.13 34.69
N LEU C 28 11.97 1.79 34.59
CA LEU C 28 12.56 0.67 35.30
C LEU C 28 12.91 0.96 36.77
N LYS C 29 12.63 2.19 37.24
CA LYS C 29 12.63 2.53 38.68
C LYS C 29 11.40 1.89 39.33
N TYR C 30 10.28 1.83 38.59
CA TYR C 30 8.96 1.43 39.11
C TYR C 30 8.55 0.01 38.71
N TYR C 31 8.97 -0.44 37.52
CA TYR C 31 8.54 -1.72 36.94
C TYR C 31 9.70 -2.65 36.58
N GLU C 32 9.54 -3.94 36.92
CA GLU C 32 10.39 -5.03 36.46
C GLU C 32 9.77 -5.56 35.17
N LEU C 33 10.48 -5.41 34.04
CA LEU C 33 10.01 -5.75 32.70
C LEU C 33 10.16 -7.26 32.39
N HIS C 34 9.05 -7.91 31.94
CA HIS C 34 8.98 -9.37 31.65
C HIS C 34 8.84 -9.64 30.13
N GLU C 35 8.24 -10.80 29.77
CA GLU C 35 8.04 -11.26 28.39
C GLU C 35 7.31 -10.25 27.53
N THR C 36 7.74 -10.11 26.26
CA THR C 36 7.08 -9.20 25.33
C THR C 36 5.61 -9.62 25.16
N ILE C 37 5.31 -10.68 24.36
CA ILE C 37 3.95 -10.96 23.89
C ILE C 37 3.32 -9.61 23.37
N GLY C 38 4.01 -9.06 22.36
CA GLY C 38 3.65 -7.86 21.61
C GLY C 38 4.44 -7.73 20.32
N THR C 39 3.81 -7.16 19.26
CA THR C 39 4.36 -6.76 17.95
C THR C 39 3.28 -6.02 17.15
N GLY C 40 3.65 -4.95 16.44
CA GLY C 40 2.70 -4.22 15.61
C GLY C 40 3.16 -2.93 14.95
N GLY C 41 4.39 -2.93 14.46
CA GLY C 41 4.96 -1.82 13.69
C GLY C 41 5.38 -0.62 14.52
N PHE C 42 4.38 0.10 15.08
CA PHE C 42 4.58 1.24 15.99
C PHE C 42 4.43 0.83 17.44
N ALA C 43 3.39 0.01 17.74
CA ALA C 43 3.00 -0.37 19.10
C ALA C 43 3.36 -1.80 19.46
N LYS C 44 3.74 -1.99 20.74
CA LYS C 44 4.12 -3.26 21.34
C LYS C 44 3.51 -3.34 22.74
N VAL C 45 3.38 -4.56 23.28
CA VAL C 45 2.87 -4.79 24.63
C VAL C 45 3.88 -5.66 25.33
N LYS C 46 4.33 -5.26 26.51
CA LYS C 46 5.26 -6.04 27.33
C LYS C 46 4.67 -6.29 28.70
N LEU C 47 4.75 -7.54 29.19
CA LEU C 47 4.43 -7.87 30.57
C LEU C 47 5.43 -7.21 31.49
N ALA C 48 5.00 -6.88 32.71
CA ALA C 48 5.85 -6.28 33.74
C ALA C 48 5.27 -6.54 35.10
N CYS C 49 5.99 -6.13 36.13
CA CYS C 49 5.63 -6.32 37.52
C CYS C 49 5.91 -5.00 38.23
N HIS C 50 4.89 -4.46 38.93
CA HIS C 50 5.01 -3.21 39.69
C HIS C 50 5.77 -3.52 40.98
N ILE C 51 6.99 -2.92 41.13
CA ILE C 51 7.96 -3.25 42.17
C ILE C 51 7.38 -3.13 43.61
N LEU C 52 6.75 -1.98 43.96
CA LEU C 52 6.26 -1.75 45.33
C LEU C 52 5.13 -2.68 45.77
N THR C 53 4.09 -2.83 44.93
CA THR C 53 2.91 -3.66 45.26
C THR C 53 3.11 -5.16 44.97
N GLY C 54 4.04 -5.48 44.07
CA GLY C 54 4.24 -6.84 43.60
C GLY C 54 3.32 -7.23 42.45
N GLU C 55 2.42 -6.30 42.07
CA GLU C 55 1.30 -6.57 41.20
C GLU C 55 1.63 -6.52 39.72
N MET C 56 1.10 -7.49 38.99
CA MET C 56 1.31 -7.70 37.55
C MET C 56 0.49 -6.70 36.74
N VAL C 57 1.13 -6.16 35.68
CA VAL C 57 0.56 -5.15 34.79
C VAL C 57 0.95 -5.52 33.35
N ALA C 58 0.35 -4.86 32.35
CA ALA C 58 0.74 -4.92 30.94
C ALA C 58 1.16 -3.50 30.48
N ILE C 59 2.29 -3.37 29.75
CA ILE C 59 2.83 -2.07 29.35
C ILE C 59 2.79 -1.92 27.82
N LYS C 60 2.05 -0.92 27.34
CA LYS C 60 1.94 -0.61 25.94
C LYS C 60 3.03 0.41 25.64
N ILE C 61 4.17 -0.11 25.19
CA ILE C 61 5.36 0.66 24.81
C ILE C 61 5.13 1.13 23.39
N MET C 62 5.29 2.43 23.16
CA MET C 62 5.07 2.97 21.82
C MET C 62 6.37 3.48 21.25
N ASP C 63 6.60 3.30 19.93
CA ASP C 63 7.72 3.97 19.28
C ASP C 63 7.23 5.29 18.68
N LYS C 64 7.31 6.37 19.50
CA LYS C 64 6.65 7.66 19.29
C LYS C 64 7.13 8.39 18.02
N ASN C 65 8.36 8.07 17.53
CA ASN C 65 9.06 8.65 16.36
C ASN C 65 9.83 9.93 16.73
N SER C 69 3.55 10.55 13.71
CA SER C 69 2.80 9.62 12.88
C SER C 69 1.31 9.52 13.30
N ASP C 70 0.88 8.41 13.94
CA ASP C 70 -0.46 8.27 14.52
C ASP C 70 -0.42 8.55 16.02
N LEU C 71 -0.07 9.80 16.34
CA LEU C 71 0.33 10.18 17.68
C LEU C 71 -0.79 10.86 18.49
N PRO C 72 -1.52 11.89 18.00
CA PRO C 72 -2.68 12.37 18.78
C PRO C 72 -3.95 11.51 18.66
N ARG C 73 -3.82 10.19 18.31
CA ARG C 73 -4.91 9.20 18.47
C ARG C 73 -4.53 8.18 19.59
N ILE C 74 -3.24 8.17 19.97
CA ILE C 74 -2.75 7.70 21.27
C ILE C 74 -3.16 8.75 22.35
N LYS C 75 -3.08 10.07 22.02
CA LYS C 75 -3.36 11.18 22.95
C LYS C 75 -4.85 11.36 23.30
N THR C 76 -5.77 10.92 22.39
CA THR C 76 -7.22 10.93 22.59
C THR C 76 -7.64 9.73 23.46
N GLU C 77 -7.06 8.53 23.18
CA GLU C 77 -7.23 7.32 23.98
C GLU C 77 -6.88 7.56 25.44
N ILE C 78 -5.66 8.12 25.72
CA ILE C 78 -5.19 8.45 27.08
C ILE C 78 -6.20 9.36 27.80
N GLU C 79 -6.59 10.48 27.17
CA GLU C 79 -7.57 11.43 27.69
C GLU C 79 -8.92 10.78 28.04
N ALA C 80 -9.42 9.88 27.17
CA ALA C 80 -10.65 9.15 27.42
C ALA C 80 -10.50 8.23 28.64
N LEU C 81 -9.41 7.45 28.69
CA LEU C 81 -9.12 6.50 29.78
C LEU C 81 -8.90 7.18 31.14
N LYS C 82 -8.36 8.41 31.17
CA LYS C 82 -8.17 9.23 32.37
C LYS C 82 -9.51 9.59 33.00
N ASN C 83 -10.59 9.61 32.18
CA ASN C 83 -11.94 9.98 32.59
C ASN C 83 -12.89 8.78 32.73
N LEU C 84 -12.51 7.60 32.19
CA LEU C 84 -13.31 6.37 32.29
C LEU C 84 -12.73 5.43 33.36
N ARG C 85 -13.54 5.12 34.42
CA ARG C 85 -13.19 4.18 35.53
C ARG C 85 -14.36 3.20 35.83
N HIS C 86 -14.16 1.90 35.53
CA HIS C 86 -15.25 0.91 35.53
C HIS C 86 -14.69 -0.54 35.67
N GLN C 87 -15.46 -1.42 36.35
CA GLN C 87 -15.11 -2.83 36.55
C GLN C 87 -15.04 -3.66 35.24
N HIS C 88 -15.68 -3.18 34.12
CA HIS C 88 -15.63 -3.90 32.85
C HIS C 88 -14.84 -3.14 31.75
N ILE C 89 -14.08 -2.10 32.13
CA ILE C 89 -13.18 -1.33 31.27
C ILE C 89 -11.80 -1.52 31.87
N CYS C 90 -10.87 -2.08 31.06
CA CYS C 90 -9.50 -2.31 31.51
C CYS C 90 -8.78 -0.98 31.86
N GLN C 91 -8.28 -0.88 33.10
CA GLN C 91 -7.79 0.31 33.82
C GLN C 91 -6.42 0.79 33.36
N LEU C 92 -6.27 2.12 33.20
CA LEU C 92 -4.97 2.79 33.00
C LEU C 92 -4.44 3.24 34.33
N TYR C 93 -3.17 2.83 34.68
CA TYR C 93 -2.52 3.16 35.96
C TYR C 93 -1.52 4.32 35.88
N HIS C 94 -0.74 4.37 34.79
CA HIS C 94 0.44 5.22 34.72
C HIS C 94 0.68 5.56 33.24
N VAL C 95 1.10 6.81 32.98
CA VAL C 95 1.54 7.27 31.67
C VAL C 95 2.94 7.89 31.83
N LEU C 96 3.93 7.37 31.07
CA LEU C 96 5.33 7.79 31.07
C LEU C 96 5.77 8.13 29.63
N GLU C 97 6.50 9.24 29.43
CA GLU C 97 6.93 9.69 28.11
C GLU C 97 8.41 10.10 28.09
N THR C 98 9.20 9.42 27.24
CA THR C 98 10.64 9.66 27.10
C THR C 98 10.96 10.12 25.66
N ALA C 99 12.27 10.18 25.31
CA ALA C 99 12.84 10.64 24.03
C ALA C 99 12.12 10.09 22.79
N ASN C 100 11.87 8.77 22.75
CA ASN C 100 11.26 8.08 21.61
C ASN C 100 10.23 7.04 22.07
N LYS C 101 9.60 7.26 23.25
CA LYS C 101 8.63 6.34 23.83
C LYS C 101 7.43 7.07 24.46
N ILE C 102 6.26 6.42 24.39
CA ILE C 102 5.09 6.64 25.26
C ILE C 102 4.82 5.28 25.88
N PHE C 103 4.71 5.22 27.19
CA PHE C 103 4.35 4.01 27.92
C PHE C 103 2.95 4.19 28.51
N MET C 104 2.15 3.12 28.47
CA MET C 104 0.83 3.07 29.09
C MET C 104 0.79 1.85 29.96
N VAL C 105 0.70 2.02 31.28
CA VAL C 105 0.68 0.90 32.22
C VAL C 105 -0.79 0.56 32.44
N LEU C 106 -1.19 -0.67 32.10
CA LEU C 106 -2.59 -1.12 32.00
C LEU C 106 -2.88 -2.36 32.83
N GLU C 107 -4.16 -2.66 33.05
CA GLU C 107 -4.66 -3.81 33.80
C GLU C 107 -4.27 -5.14 33.14
N TYR C 108 -3.87 -6.12 33.97
CA TYR C 108 -3.44 -7.45 33.57
C TYR C 108 -4.64 -8.35 33.21
N CYS C 109 -4.72 -8.76 31.93
CA CYS C 109 -5.82 -9.54 31.33
C CYS C 109 -5.31 -10.85 30.71
N PRO C 110 -4.93 -11.88 31.51
CA PRO C 110 -4.31 -13.09 30.93
C PRO C 110 -5.27 -14.07 30.25
N GLY C 111 -6.57 -13.78 30.31
CA GLY C 111 -7.61 -14.72 29.90
C GLY C 111 -7.87 -14.85 28.41
N GLY C 112 -7.31 -13.94 27.64
CA GLY C 112 -7.44 -13.94 26.19
C GLY C 112 -8.57 -13.08 25.69
N GLU C 113 -8.68 -12.96 24.35
CA GLU C 113 -9.77 -12.23 23.69
C GLU C 113 -11.08 -13.01 23.80
N LEU C 114 -12.20 -12.32 23.75
CA LEU C 114 -13.50 -12.98 23.60
C LEU C 114 -13.57 -13.65 22.22
N PHE C 115 -12.90 -13.07 21.21
CA PHE C 115 -12.78 -13.60 19.85
C PHE C 115 -12.22 -15.04 19.80
N ASP C 116 -11.20 -15.32 20.64
CA ASP C 116 -10.50 -16.59 20.87
C ASP C 116 -11.39 -17.69 21.44
N TYR C 117 -12.46 -17.29 22.11
CA TYR C 117 -13.45 -18.22 22.65
C TYR C 117 -14.42 -18.60 21.54
N ILE C 118 -15.05 -17.62 20.89
CA ILE C 118 -15.97 -17.89 19.77
C ILE C 118 -15.38 -18.86 18.73
N ILE C 119 -14.17 -18.58 18.21
CA ILE C 119 -13.67 -19.34 17.05
C ILE C 119 -13.16 -20.74 17.42
N SER C 120 -12.62 -20.94 18.64
CA SER C 120 -12.11 -22.24 19.10
C SER C 120 -13.22 -23.25 19.39
N GLN C 121 -14.32 -22.80 20.02
CA GLN C 121 -15.54 -23.60 20.12
C GLN C 121 -16.52 -23.31 18.97
N ASP C 122 -17.72 -23.91 19.02
CA ASP C 122 -18.74 -23.68 18.00
C ASP C 122 -19.66 -22.52 18.37
N ARG C 123 -20.62 -22.73 19.29
CA ARG C 123 -21.58 -21.68 19.66
C ARG C 123 -22.01 -21.77 21.13
N LEU C 124 -22.13 -20.60 21.80
CA LEU C 124 -22.63 -20.53 23.17
C LEU C 124 -24.15 -20.72 23.22
N SER C 125 -24.64 -21.21 24.35
CA SER C 125 -26.07 -21.28 24.69
C SER C 125 -26.57 -19.85 25.02
N GLU C 126 -27.90 -19.61 24.91
CA GLU C 126 -28.52 -18.33 25.28
C GLU C 126 -28.11 -17.88 26.68
N GLU C 127 -28.07 -18.82 27.64
CA GLU C 127 -27.71 -18.60 29.04
C GLU C 127 -26.24 -18.24 29.22
N GLU C 128 -25.35 -18.89 28.45
CA GLU C 128 -23.91 -18.62 28.38
C GLU C 128 -23.62 -17.23 27.80
N THR C 129 -24.36 -16.85 26.73
CA THR C 129 -24.23 -15.57 26.03
C THR C 129 -24.67 -14.42 26.91
N ARG C 130 -25.75 -14.63 27.72
CA ARG C 130 -26.31 -13.62 28.62
C ARG C 130 -25.33 -13.23 29.73
N VAL C 131 -24.61 -14.22 30.33
CA VAL C 131 -23.57 -13.99 31.37
C VAL C 131 -22.51 -12.99 30.85
N VAL C 132 -22.11 -13.20 29.58
CA VAL C 132 -21.09 -12.46 28.83
C VAL C 132 -21.63 -11.11 28.34
N PHE C 133 -22.82 -11.10 27.71
CA PHE C 133 -23.42 -9.91 27.10
C PHE C 133 -23.79 -8.83 28.10
N ARG C 134 -24.25 -9.22 29.30
CA ARG C 134 -24.53 -8.30 30.42
C ARG C 134 -23.28 -7.54 30.88
N GLN C 135 -22.08 -8.11 30.67
CA GLN C 135 -20.83 -7.42 31.00
C GLN C 135 -20.46 -6.40 29.94
N ILE C 136 -20.73 -6.74 28.65
CA ILE C 136 -20.57 -5.83 27.49
C ILE C 136 -21.51 -4.62 27.63
N VAL C 137 -22.81 -4.83 28.01
CA VAL C 137 -23.83 -3.78 28.19
C VAL C 137 -23.44 -2.83 29.34
N SER C 138 -23.09 -3.37 30.52
CA SER C 138 -22.54 -2.62 31.67
C SER C 138 -21.40 -1.69 31.24
N ALA C 139 -20.36 -2.22 30.61
CA ALA C 139 -19.24 -1.38 30.17
C ALA C 139 -19.72 -0.25 29.23
N VAL C 140 -20.44 -0.58 28.11
CA VAL C 140 -20.80 0.37 27.03
C VAL C 140 -21.80 1.45 27.51
N ALA C 141 -22.74 1.09 28.41
CA ALA C 141 -23.66 2.03 29.04
C ALA C 141 -22.92 3.04 29.92
N TYR C 142 -21.83 2.62 30.58
CA TYR C 142 -20.99 3.55 31.33
C TYR C 142 -20.24 4.53 30.41
N VAL C 143 -19.66 4.03 29.28
CA VAL C 143 -18.96 4.84 28.26
C VAL C 143 -19.86 6.00 27.80
N HIS C 144 -21.09 5.66 27.37
CA HIS C 144 -22.10 6.58 26.86
C HIS C 144 -22.57 7.57 27.89
N SER C 145 -22.64 7.18 29.18
CA SER C 145 -22.99 8.07 30.30
C SER C 145 -21.90 9.16 30.51
N GLN C 146 -20.66 8.88 30.09
CA GLN C 146 -19.53 9.82 30.16
C GLN C 146 -19.40 10.71 28.90
N GLY C 147 -20.33 10.57 27.97
CA GLY C 147 -20.35 11.36 26.73
C GLY C 147 -19.40 10.88 25.64
N TYR C 148 -18.94 9.60 25.73
CA TYR C 148 -18.08 8.96 24.72
C TYR C 148 -18.82 7.88 23.95
N ALA C 149 -18.31 7.54 22.74
CA ALA C 149 -18.68 6.34 21.99
C ALA C 149 -17.39 5.61 21.63
N HIS C 150 -17.33 4.27 21.86
CA HIS C 150 -16.14 3.45 21.63
C HIS C 150 -15.72 3.37 20.13
N ARG C 151 -16.71 3.16 19.22
CA ARG C 151 -16.62 3.17 17.77
C ARG C 151 -15.85 1.97 17.16
N ASP C 152 -15.35 1.04 18.00
CA ASP C 152 -14.66 -0.17 17.55
C ASP C 152 -15.00 -1.39 18.43
N LEU C 153 -16.30 -1.59 18.71
CA LEU C 153 -16.76 -2.77 19.42
C LEU C 153 -16.74 -4.02 18.51
N LYS C 154 -16.03 -5.06 18.97
CA LYS C 154 -15.82 -6.34 18.31
C LYS C 154 -15.23 -7.29 19.35
N PRO C 155 -15.29 -8.65 19.16
CA PRO C 155 -14.81 -9.56 20.21
C PRO C 155 -13.30 -9.61 20.42
N GLU C 156 -12.52 -9.06 19.48
CA GLU C 156 -11.08 -8.86 19.65
C GLU C 156 -10.77 -7.79 20.72
N ASN C 157 -11.73 -6.87 20.96
CA ASN C 157 -11.59 -5.72 21.84
C ASN C 157 -12.21 -5.92 23.24
N LEU C 158 -12.54 -7.19 23.58
CA LEU C 158 -13.03 -7.59 24.91
C LEU C 158 -12.11 -8.68 25.44
N LEU C 159 -11.47 -8.45 26.61
CA LEU C 159 -10.50 -9.39 27.15
C LEU C 159 -10.99 -9.95 28.48
N PHE C 160 -10.50 -11.15 28.86
CA PHE C 160 -10.82 -11.74 30.15
C PHE C 160 -9.72 -11.49 31.13
N ASP C 161 -10.07 -11.07 32.34
CA ASP C 161 -9.08 -10.97 33.41
C ASP C 161 -8.82 -12.35 34.01
N GLU C 162 -7.97 -12.42 35.05
CA GLU C 162 -7.57 -13.68 35.72
C GLU C 162 -8.74 -14.34 36.51
N TYR C 163 -9.89 -13.63 36.62
CA TYR C 163 -11.12 -14.10 37.27
C TYR C 163 -12.25 -14.34 36.24
N HIS C 164 -11.89 -14.41 34.94
CA HIS C 164 -12.78 -14.65 33.80
C HIS C 164 -13.88 -13.57 33.63
N LYS C 165 -13.56 -12.31 33.95
CA LYS C 165 -14.47 -11.17 33.74
C LYS C 165 -14.03 -10.36 32.54
N LEU C 166 -14.99 -9.86 31.71
CA LEU C 166 -14.67 -9.08 30.51
C LEU C 166 -14.18 -7.63 30.83
N LYS C 167 -13.22 -7.16 30.00
CA LYS C 167 -12.59 -5.85 30.03
C LYS C 167 -12.54 -5.31 28.60
N LEU C 168 -13.23 -4.17 28.39
CA LEU C 168 -13.21 -3.37 27.17
C LEU C 168 -11.83 -2.67 27.02
N ILE C 169 -11.20 -2.87 25.87
CA ILE C 169 -9.88 -2.34 25.60
C ILE C 169 -9.91 -1.45 24.36
N ASP C 170 -8.72 -0.91 23.96
CA ASP C 170 -8.42 -0.13 22.76
C ASP C 170 -9.46 0.95 22.42
N PHE C 171 -9.27 2.13 23.02
CA PHE C 171 -10.10 3.32 22.82
C PHE C 171 -9.46 4.29 21.78
N GLY C 172 -8.75 3.71 20.81
CA GLY C 172 -8.02 4.40 19.77
C GLY C 172 -8.88 5.06 18.71
N LEU C 173 -10.12 4.54 18.50
CA LEU C 173 -11.13 5.10 17.58
C LEU C 173 -12.27 5.86 18.31
N CYS C 174 -12.15 6.05 19.65
CA CYS C 174 -13.23 6.64 20.46
C CYS C 174 -13.44 8.15 20.21
N ALA C 175 -14.70 8.62 20.39
CA ALA C 175 -15.11 10.01 20.14
C ALA C 175 -15.95 10.54 21.30
N LYS C 176 -15.75 11.84 21.67
CA LYS C 176 -16.54 12.55 22.68
C LYS C 176 -17.60 13.48 22.04
N GLY C 190 -13.73 1.38 12.34
CA GLY C 190 -13.57 0.02 12.86
C GLY C 190 -13.68 -1.09 11.82
N ALA C 191 -13.90 -2.35 12.27
CA ALA C 191 -14.11 -3.53 11.42
C ALA C 191 -15.40 -3.39 10.64
N LEU C 192 -15.37 -3.73 9.36
CA LEU C 192 -16.49 -3.50 8.45
C LEU C 192 -17.75 -4.27 8.84
N ALA C 193 -17.59 -5.56 9.17
CA ALA C 193 -18.66 -6.49 9.56
C ALA C 193 -19.50 -6.02 10.76
N TYR C 194 -18.90 -5.17 11.61
CA TYR C 194 -19.44 -4.60 12.86
C TYR C 194 -19.93 -3.19 12.68
N ALA C 195 -19.62 -2.58 11.53
CA ALA C 195 -19.92 -1.17 11.26
C ALA C 195 -21.36 -0.94 10.90
N ALA C 196 -21.96 0.10 11.55
CA ALA C 196 -23.34 0.52 11.42
C ALA C 196 -23.59 1.13 10.03
N PRO C 197 -24.77 0.89 9.41
CA PRO C 197 -25.04 1.44 8.06
C PRO C 197 -24.74 2.94 7.89
N GLU C 198 -25.21 3.78 8.83
CA GLU C 198 -25.02 5.23 8.79
C GLU C 198 -23.54 5.64 8.93
N LEU C 199 -22.71 4.80 9.57
CA LEU C 199 -21.28 5.07 9.74
C LEU C 199 -20.52 4.90 8.43
N ILE C 200 -20.86 3.85 7.67
CA ILE C 200 -20.38 3.61 6.31
C ILE C 200 -20.95 4.72 5.40
N GLN C 201 -22.29 4.81 5.30
CA GLN C 201 -22.97 5.65 4.33
C GLN C 201 -23.00 7.16 4.68
N GLY C 202 -21.97 7.64 5.37
CA GLY C 202 -21.69 9.07 5.50
C GLY C 202 -22.58 9.86 6.43
N LYS C 203 -22.44 9.57 7.74
CA LYS C 203 -22.91 10.38 8.88
C LYS C 203 -22.06 9.97 10.10
N SER C 204 -20.97 10.74 10.35
CA SER C 204 -19.95 10.54 11.39
C SER C 204 -19.21 9.20 11.27
N GLY C 207 -24.04 9.65 17.52
CA GLY C 207 -22.75 8.95 17.52
C GLY C 207 -22.69 7.66 18.33
N SER C 208 -23.57 7.49 19.33
CA SER C 208 -23.55 6.31 20.19
C SER C 208 -24.63 5.28 19.80
N GLU C 209 -25.41 5.59 18.74
CA GLU C 209 -26.39 4.67 18.14
C GLU C 209 -25.67 3.57 17.37
N ALA C 210 -24.46 3.88 16.86
CA ALA C 210 -23.60 2.95 16.11
C ALA C 210 -23.06 1.83 16.99
N ASP C 211 -22.76 2.15 18.28
CA ASP C 211 -22.29 1.19 19.30
C ASP C 211 -23.34 0.12 19.64
N VAL C 212 -24.61 0.51 19.63
CA VAL C 212 -25.74 -0.38 19.87
C VAL C 212 -25.85 -1.41 18.74
N TRP C 213 -25.70 -0.97 17.48
CA TRP C 213 -25.60 -1.85 16.31
C TRP C 213 -24.49 -2.93 16.47
N SER C 214 -23.20 -2.54 16.74
CA SER C 214 -22.05 -3.47 16.92
C SER C 214 -22.33 -4.49 18.03
N MET C 215 -22.97 -4.04 19.16
CA MET C 215 -23.42 -4.93 20.24
C MET C 215 -24.43 -5.97 19.75
N GLY C 216 -25.29 -5.60 18.79
CA GLY C 216 -26.21 -6.52 18.11
C GLY C 216 -25.53 -7.53 17.19
N ILE C 217 -24.44 -7.11 16.49
CA ILE C 217 -23.59 -8.02 15.70
C ILE C 217 -22.90 -9.03 16.63
N LEU C 218 -22.32 -8.53 17.76
CA LEU C 218 -21.69 -9.31 18.82
C LEU C 218 -22.65 -10.33 19.40
N LEU C 219 -23.87 -9.90 19.78
CA LEU C 219 -24.95 -10.78 20.23
C LEU C 219 -25.21 -11.94 19.28
N TYR C 220 -25.33 -11.68 17.96
CA TYR C 220 -25.58 -12.66 16.90
C TYR C 220 -24.45 -13.71 16.82
N VAL C 221 -23.17 -13.28 16.69
CA VAL C 221 -21.99 -14.16 16.60
C VAL C 221 -21.89 -15.11 17.83
N LEU C 222 -22.18 -14.59 19.04
CA LEU C 222 -22.08 -15.35 20.30
C LEU C 222 -23.01 -16.56 20.27
N MET C 223 -24.26 -16.34 19.82
CA MET C 223 -25.32 -17.34 19.82
C MET C 223 -25.36 -18.22 18.56
N CYS C 224 -24.72 -17.78 17.43
CA CYS C 224 -24.83 -18.46 16.13
C CYS C 224 -23.51 -19.11 15.68
N GLY C 225 -22.39 -18.46 15.99
CA GLY C 225 -21.07 -18.90 15.58
C GLY C 225 -20.64 -18.37 14.22
N PHE C 226 -21.46 -17.48 13.63
CA PHE C 226 -21.21 -16.81 12.34
C PHE C 226 -21.78 -15.38 12.34
N LEU C 227 -21.21 -14.49 11.54
CA LEU C 227 -21.67 -13.09 11.40
C LEU C 227 -23.04 -12.99 10.69
N PRO C 228 -23.91 -11.98 11.00
CA PRO C 228 -25.18 -11.88 10.28
C PRO C 228 -25.04 -11.34 8.84
N PHE C 229 -23.93 -10.60 8.57
CA PHE C 229 -23.54 -10.08 7.26
C PHE C 229 -22.05 -10.41 7.02
N ASP C 230 -21.76 -11.16 5.95
CA ASP C 230 -20.43 -11.71 5.65
C ASP C 230 -20.32 -11.98 4.16
N ASP C 231 -19.22 -11.56 3.52
CA ASP C 231 -18.96 -11.83 2.10
C ASP C 231 -17.46 -11.86 1.75
N ASP C 232 -17.14 -12.47 0.58
CA ASP C 232 -15.79 -12.58 0.00
C ASP C 232 -15.23 -11.25 -0.49
N THR C 233 -16.10 -10.29 -0.85
CA THR C 233 -15.67 -8.93 -1.24
C THR C 233 -16.25 -7.88 -0.29
N ALA C 234 -15.48 -6.82 0.03
CA ALA C 234 -15.93 -5.69 0.86
C ALA C 234 -17.13 -4.93 0.28
N ALA C 235 -17.17 -4.75 -1.06
CA ALA C 235 -18.27 -4.09 -1.79
C ALA C 235 -19.61 -4.83 -1.65
N ALA C 236 -19.56 -6.18 -1.58
CA ALA C 236 -20.72 -7.07 -1.34
C ALA C 236 -21.08 -7.18 0.16
N LEU C 237 -20.11 -6.95 1.05
CA LEU C 237 -20.39 -6.85 2.50
C LEU C 237 -21.20 -5.56 2.81
N VAL C 238 -20.73 -4.39 2.32
CA VAL C 238 -21.38 -3.09 2.44
C VAL C 238 -22.85 -3.13 2.00
N ALA C 239 -23.10 -3.71 0.81
CA ALA C 239 -24.45 -3.87 0.25
C ALA C 239 -25.40 -4.64 1.17
N LYS C 240 -24.90 -5.73 1.80
CA LYS C 240 -25.62 -6.58 2.77
C LYS C 240 -25.96 -5.85 4.05
N ILE C 241 -24.99 -5.04 4.61
CA ILE C 241 -25.21 -4.19 5.78
C ILE C 241 -26.32 -3.14 5.52
N MET C 242 -26.24 -2.41 4.40
CA MET C 242 -27.18 -1.36 3.98
C MET C 242 -28.64 -1.87 3.80
N ARG C 243 -28.81 -3.04 3.10
CA ARG C 243 -30.07 -3.77 2.97
C ARG C 243 -30.59 -4.21 4.36
N GLY C 244 -29.72 -4.80 5.19
CA GLY C 244 -30.00 -5.19 6.56
C GLY C 244 -30.74 -6.51 6.82
N LYS C 245 -30.85 -7.37 5.77
CA LYS C 245 -31.45 -8.71 5.86
C LYS C 245 -30.41 -9.71 6.32
N TYR C 246 -30.81 -10.63 7.21
CA TYR C 246 -29.95 -11.68 7.80
C TYR C 246 -30.72 -12.94 8.14
N ASP C 247 -30.01 -14.07 8.17
CA ASP C 247 -30.48 -15.38 8.59
C ASP C 247 -30.93 -15.37 10.03
N VAL C 248 -32.07 -16.04 10.30
CA VAL C 248 -32.56 -16.30 11.65
C VAL C 248 -32.46 -17.82 11.91
N PRO C 249 -31.33 -18.32 12.51
CA PRO C 249 -31.23 -19.76 12.82
C PRO C 249 -32.38 -20.37 13.62
N LYS C 250 -32.65 -21.66 13.32
CA LYS C 250 -33.74 -22.47 13.89
C LYS C 250 -33.65 -22.60 15.43
N TRP C 251 -32.41 -22.63 15.99
CA TRP C 251 -32.13 -22.81 17.41
C TRP C 251 -32.40 -21.57 18.28
N LEU C 252 -32.45 -20.36 17.66
CA LEU C 252 -32.70 -19.09 18.32
C LEU C 252 -34.12 -19.01 18.87
N SER C 253 -34.26 -18.68 20.17
CA SER C 253 -35.54 -18.48 20.85
C SER C 253 -36.27 -17.23 20.32
N PRO C 254 -37.62 -17.11 20.41
CA PRO C 254 -38.29 -15.86 20.02
C PRO C 254 -37.88 -14.61 20.81
N SER C 255 -37.39 -14.79 22.06
CA SER C 255 -36.79 -13.70 22.86
C SER C 255 -35.50 -13.19 22.22
N SER C 256 -34.60 -14.12 21.80
CA SER C 256 -33.37 -13.79 21.07
C SER C 256 -33.64 -13.10 19.73
N ILE C 257 -34.63 -13.61 18.96
CA ILE C 257 -35.03 -13.06 17.66
C ILE C 257 -35.51 -11.59 17.81
N LEU C 258 -36.26 -11.31 18.89
CA LEU C 258 -36.82 -9.98 19.19
C LEU C 258 -35.75 -8.94 19.59
N LEU C 259 -34.82 -9.29 20.51
CA LEU C 259 -33.72 -8.39 20.86
C LEU C 259 -32.84 -8.04 19.66
N LEU C 260 -32.56 -9.05 18.81
CA LEU C 260 -31.75 -8.89 17.59
C LEU C 260 -32.38 -7.93 16.60
N GLN C 261 -33.68 -8.06 16.33
CA GLN C 261 -34.38 -7.17 15.43
C GLN C 261 -34.35 -5.69 15.87
N GLN C 262 -34.42 -5.44 17.20
CA GLN C 262 -34.44 -4.11 17.82
C GLN C 262 -33.09 -3.39 17.75
N MET C 263 -31.99 -4.15 17.93
CA MET C 263 -30.60 -3.69 17.91
C MET C 263 -30.06 -3.57 16.47
N LEU C 264 -30.51 -4.45 15.56
CA LEU C 264 -30.08 -4.48 14.16
C LEU C 264 -31.11 -3.82 13.21
N GLN C 265 -31.49 -2.58 13.56
CA GLN C 265 -32.30 -1.66 12.77
C GLN C 265 -31.37 -0.81 11.92
N VAL C 266 -31.62 -0.74 10.61
CA VAL C 266 -30.78 0.04 9.68
C VAL C 266 -30.86 1.55 10.03
N ASP C 267 -32.10 2.09 10.27
CA ASP C 267 -32.36 3.47 10.71
C ASP C 267 -31.91 3.65 12.19
N PRO C 268 -30.87 4.48 12.47
CA PRO C 268 -30.35 4.58 13.86
C PRO C 268 -31.32 5.21 14.85
N LYS C 269 -32.41 5.82 14.33
CA LYS C 269 -33.48 6.46 15.07
C LYS C 269 -34.47 5.40 15.60
N LYS C 270 -34.57 4.25 14.89
CA LYS C 270 -35.47 3.12 15.20
C LYS C 270 -34.79 1.99 16.02
N ARG C 271 -33.45 2.10 16.20
CA ARG C 271 -32.64 1.21 17.05
C ARG C 271 -32.99 1.44 18.51
N ILE C 272 -32.99 0.34 19.30
CA ILE C 272 -33.24 0.34 20.74
C ILE C 272 -32.28 1.30 21.46
N SER C 273 -32.81 2.10 22.40
CA SER C 273 -32.05 3.03 23.22
C SER C 273 -31.25 2.25 24.29
N MET C 274 -30.19 2.88 24.86
CA MET C 274 -29.50 2.26 25.98
C MET C 274 -30.41 1.99 27.19
N LYS C 275 -31.29 2.95 27.55
CA LYS C 275 -32.21 2.83 28.71
C LYS C 275 -33.11 1.60 28.61
N ASN C 276 -33.57 1.28 27.38
CA ASN C 276 -34.46 0.15 27.12
C ASN C 276 -33.71 -1.17 26.99
N LEU C 277 -32.42 -1.09 26.67
CA LEU C 277 -31.54 -2.24 26.63
C LEU C 277 -31.26 -2.76 28.04
N LEU C 278 -30.89 -1.86 28.96
CA LEU C 278 -30.47 -2.18 30.33
C LEU C 278 -31.44 -3.05 31.10
N ASN C 279 -32.76 -2.92 30.81
CA ASN C 279 -33.85 -3.63 31.47
C ASN C 279 -34.77 -4.40 30.49
N HIS C 280 -34.26 -4.71 29.27
CA HIS C 280 -34.93 -5.55 28.28
C HIS C 280 -35.33 -6.93 28.87
N PRO C 281 -36.54 -7.47 28.59
CA PRO C 281 -36.88 -8.84 29.03
C PRO C 281 -35.84 -9.95 28.78
N TRP C 282 -35.12 -9.95 27.61
CA TRP C 282 -34.05 -10.90 27.34
C TRP C 282 -32.89 -10.72 28.31
N ILE C 283 -32.56 -9.46 28.63
CA ILE C 283 -31.46 -9.05 29.48
C ILE C 283 -31.64 -9.57 30.92
N MET C 284 -32.90 -9.62 31.39
CA MET C 284 -33.30 -10.08 32.72
C MET C 284 -33.91 -11.49 32.71
N GLN C 285 -33.53 -12.39 31.80
CA GLN C 285 -34.34 -13.62 31.61
C GLN C 285 -33.91 -14.84 32.49
N ASP C 286 -32.85 -14.74 33.32
CA ASP C 286 -32.56 -15.71 34.40
C ASP C 286 -32.03 -14.97 35.63
N TYR C 287 -31.81 -13.66 35.45
CA TYR C 287 -31.34 -12.67 36.41
C TYR C 287 -32.58 -11.87 36.77
N ASN C 288 -32.98 -11.82 38.03
CA ASN C 288 -34.23 -11.13 38.29
C ASN C 288 -34.02 -9.62 38.55
N TYR C 289 -33.12 -8.98 37.75
CA TYR C 289 -32.70 -7.59 37.95
C TYR C 289 -31.98 -6.99 36.72
N PRO C 290 -32.16 -5.67 36.44
CA PRO C 290 -31.47 -5.06 35.29
C PRO C 290 -29.94 -4.97 35.47
N VAL C 291 -29.22 -4.74 34.35
CA VAL C 291 -27.76 -4.59 34.28
C VAL C 291 -27.27 -3.43 35.18
N GLU C 292 -26.35 -3.72 36.10
CA GLU C 292 -25.72 -2.68 36.90
C GLU C 292 -24.53 -2.10 36.14
N TRP C 293 -24.80 -1.00 35.40
CA TRP C 293 -23.84 -0.30 34.53
C TRP C 293 -22.99 0.72 35.31
N GLN C 294 -23.43 1.08 36.55
CA GLN C 294 -22.77 2.09 37.40
C GLN C 294 -21.50 1.59 38.04
N SER C 295 -20.44 2.41 37.94
CA SER C 295 -19.06 2.12 38.35
C SER C 295 -18.95 1.82 39.84
N LYS C 296 -18.12 0.83 40.17
CA LYS C 296 -17.79 0.43 41.54
C LYS C 296 -16.34 0.86 41.84
N ASN C 297 -15.73 1.58 40.88
CA ASN C 297 -14.37 2.11 40.90
C ASN C 297 -14.43 3.67 41.04
N PRO C 298 -14.27 4.23 42.28
CA PRO C 298 -14.53 5.67 42.47
C PRO C 298 -13.38 6.61 42.11
N PHE C 299 -13.73 7.85 41.70
CA PHE C 299 -12.82 8.96 41.40
C PHE C 299 -12.75 9.94 42.59
N ILE C 300 -13.82 9.98 43.39
CA ILE C 300 -14.08 11.06 44.34
C ILE C 300 -14.26 10.53 45.82
N HIS C 301 -14.20 9.19 46.03
CA HIS C 301 -14.20 8.51 47.34
C HIS C 301 -12.98 7.57 47.41
N LEU C 302 -12.16 7.67 48.49
CA LEU C 302 -10.83 7.05 48.58
C LEU C 302 -10.71 6.00 49.72
N ASP C 303 -10.04 4.84 49.46
CA ASP C 303 -9.88 3.74 50.44
C ASP C 303 -8.88 4.08 51.53
N ASP C 304 -9.35 4.15 52.78
CA ASP C 304 -8.59 4.60 53.95
C ASP C 304 -7.39 3.71 54.28
N ASP C 305 -7.53 2.36 54.21
CA ASP C 305 -6.40 1.43 54.35
C ASP C 305 -5.27 1.72 53.33
N CYS C 306 -5.66 2.07 52.06
CA CYS C 306 -4.80 2.47 50.94
C CYS C 306 -4.12 3.83 51.15
N VAL C 307 -4.83 4.80 51.78
CA VAL C 307 -4.28 6.12 52.14
C VAL C 307 -3.33 6.03 53.37
N THR C 308 -3.67 5.20 54.39
CA THR C 308 -2.77 4.98 55.54
C THR C 308 -1.45 4.28 55.14
N GLU C 309 -1.53 3.20 54.32
CA GLU C 309 -0.40 2.42 53.77
C GLU C 309 0.45 3.24 52.75
N LEU C 310 -0.08 4.34 52.19
CA LEU C 310 0.71 5.27 51.39
C LEU C 310 1.37 6.39 52.25
N SER C 311 0.64 6.88 53.28
CA SER C 311 1.16 7.80 54.30
C SER C 311 2.39 7.25 55.05
N VAL C 312 2.52 5.91 55.15
CA VAL C 312 3.71 5.26 55.71
C VAL C 312 4.95 5.40 54.77
N HIS C 313 4.77 5.25 53.42
CA HIS C 313 5.84 5.33 52.41
C HIS C 313 6.33 6.77 52.14
N HIS C 314 5.39 7.71 51.90
CA HIS C 314 5.76 9.09 51.59
C HIS C 314 6.01 9.92 52.85
N ARG C 315 5.75 9.32 54.02
CA ARG C 315 5.95 9.90 55.36
C ARG C 315 5.15 11.23 55.53
N ASN C 316 3.98 11.31 54.84
CA ASN C 316 3.02 12.41 54.94
C ASN C 316 2.12 12.22 56.17
N ASN C 317 1.19 13.17 56.41
CA ASN C 317 0.23 13.04 57.50
C ASN C 317 -0.96 12.17 57.11
N ARG C 318 -1.92 12.75 56.34
CA ARG C 318 -3.17 12.13 55.93
C ARG C 318 -3.88 13.03 54.94
N GLN C 319 -4.19 14.27 55.38
CA GLN C 319 -4.74 15.36 54.56
C GLN C 319 -3.81 15.67 53.37
N THR C 320 -2.47 15.60 53.58
CA THR C 320 -1.44 15.75 52.54
C THR C 320 -1.51 14.61 51.49
N MET C 321 -1.74 13.35 51.95
CA MET C 321 -1.74 12.17 51.09
C MET C 321 -3.02 12.10 50.26
N GLU C 322 -4.19 12.35 50.90
CA GLU C 322 -5.50 12.39 50.26
C GLU C 322 -5.60 13.49 49.20
N ASP C 323 -5.03 14.69 49.49
CA ASP C 323 -5.04 15.84 48.59
C ASP C 323 -4.20 15.60 47.35
N LEU C 324 -3.07 14.89 47.51
CA LEU C 324 -2.13 14.51 46.45
C LEU C 324 -2.72 13.45 45.49
N ILE C 325 -3.46 12.48 46.03
CA ILE C 325 -4.06 11.38 45.28
C ILE C 325 -5.17 11.92 44.33
N SER C 326 -6.06 12.80 44.85
CA SER C 326 -7.21 13.35 44.10
C SER C 326 -6.84 14.22 42.89
N LEU C 327 -5.52 14.55 42.72
CA LEU C 327 -4.98 15.19 41.52
C LEU C 327 -5.15 14.32 40.25
N TRP C 328 -5.17 12.96 40.41
CA TRP C 328 -5.21 11.94 39.36
C TRP C 328 -4.36 12.36 38.15
N GLN C 329 -3.04 12.48 38.39
CA GLN C 329 -2.06 12.90 37.39
C GLN C 329 -1.63 11.75 36.47
N TYR C 330 -1.94 10.50 36.89
CA TYR C 330 -1.57 9.23 36.25
C TYR C 330 -0.04 9.09 36.22
N ASP C 331 0.55 9.29 37.39
CA ASP C 331 1.96 9.13 37.68
C ASP C 331 2.16 7.89 38.58
N HIS C 332 3.30 7.78 39.27
CA HIS C 332 3.59 6.63 40.13
C HIS C 332 2.61 6.50 41.30
N LEU C 333 2.07 7.64 41.80
CA LEU C 333 1.12 7.68 42.91
C LEU C 333 -0.28 7.13 42.52
N THR C 334 -0.80 7.49 41.32
CA THR C 334 -2.04 6.95 40.73
C THR C 334 -1.87 5.43 40.51
N ALA C 335 -0.67 5.00 40.07
CA ALA C 335 -0.32 3.59 39.86
C ALA C 335 -0.35 2.79 41.18
N THR C 336 0.49 3.18 42.17
CA THR C 336 0.57 2.54 43.48
C THR C 336 -0.80 2.45 44.17
N TYR C 337 -1.56 3.57 44.25
CA TYR C 337 -2.88 3.59 44.87
C TYR C 337 -3.87 2.58 44.26
N LEU C 338 -4.04 2.62 42.92
CA LEU C 338 -5.00 1.77 42.20
C LEU C 338 -4.60 0.28 42.16
N LEU C 339 -3.28 -0.02 42.25
CA LEU C 339 -2.73 -1.37 42.41
C LEU C 339 -2.71 -1.84 43.89
N LEU C 340 -2.81 -0.90 44.87
CA LEU C 340 -3.09 -1.21 46.29
C LEU C 340 -4.56 -1.58 46.48
N LEU C 341 -5.47 -0.82 45.83
CA LEU C 341 -6.91 -1.04 45.86
C LEU C 341 -7.30 -2.41 45.31
N ALA C 342 -6.55 -2.89 44.30
CA ALA C 342 -6.73 -4.20 43.67
C ALA C 342 -6.11 -5.34 44.50
N LYS C 343 -5.06 -5.03 45.30
CA LYS C 343 -4.36 -5.97 46.19
C LYS C 343 -5.24 -6.45 47.32
N LYS C 344 -5.99 -5.53 48.01
CA LYS C 344 -6.95 -5.89 49.06
C LYS C 344 -8.15 -6.63 48.51
N ALA C 345 -8.60 -6.22 47.30
CA ALA C 345 -9.68 -6.86 46.57
C ALA C 345 -9.49 -8.38 46.40
N ARG C 346 -8.23 -8.84 46.13
CA ARG C 346 -7.89 -10.28 45.99
C ARG C 346 -7.45 -10.95 47.32
N GLY C 347 -7.78 -10.31 48.45
CA GLY C 347 -7.60 -10.87 49.78
C GLY C 347 -6.29 -10.54 50.47
N LYS C 348 -5.18 -10.53 49.70
CA LYS C 348 -3.81 -10.21 50.15
C LYS C 348 -3.73 -8.90 50.96
N PRO C 349 -2.75 -8.75 51.89
CA PRO C 349 -2.66 -7.49 52.65
C PRO C 349 -2.29 -6.23 51.89
N VAL C 350 -2.79 -5.08 52.38
CA VAL C 350 -2.40 -3.72 52.02
C VAL C 350 -0.93 -3.48 52.39
N ARG C 351 0.03 -4.00 51.59
CA ARG C 351 1.45 -3.83 51.92
C ARG C 351 2.33 -3.50 50.71
N LEU C 352 3.16 -2.46 50.89
CA LEU C 352 4.19 -2.04 49.97
C LEU C 352 5.54 -2.67 50.41
N ARG C 353 6.37 -3.06 49.42
CA ARG C 353 7.65 -3.73 49.63
C ARG C 353 8.81 -2.76 49.92
N MET D 21 14.37 17.61 -15.46
CA MET D 21 14.29 19.05 -15.23
C MET D 21 14.57 19.88 -16.48
N LYS D 22 13.53 20.64 -16.88
CA LYS D 22 13.64 21.80 -17.76
C LYS D 22 13.22 23.03 -16.93
N ASP D 23 11.90 23.25 -16.89
CA ASP D 23 11.16 24.15 -16.02
C ASP D 23 11.13 23.48 -14.62
N TYR D 24 9.95 22.91 -14.19
CA TYR D 24 9.66 22.11 -12.99
C TYR D 24 9.99 22.78 -11.62
N ASP D 25 10.73 23.90 -11.59
CA ASP D 25 11.22 24.47 -10.32
C ASP D 25 10.15 25.18 -9.51
N GLU D 26 9.15 25.83 -10.18
CA GLU D 26 7.98 26.36 -9.45
C GLU D 26 7.21 25.22 -8.78
N LEU D 27 6.93 24.12 -9.52
CA LEU D 27 6.25 22.92 -9.03
C LEU D 27 6.94 22.30 -7.83
N LEU D 28 8.28 22.27 -7.84
CA LEU D 28 9.05 21.54 -6.84
C LEU D 28 9.38 22.35 -5.56
N LYS D 29 8.94 23.64 -5.51
CA LYS D 29 8.92 24.44 -4.28
C LYS D 29 7.78 23.92 -3.38
N TYR D 30 6.67 23.49 -3.99
CA TYR D 30 5.43 23.13 -3.29
C TYR D 30 5.18 21.62 -3.18
N TYR D 31 5.62 20.85 -4.17
CA TYR D 31 5.34 19.43 -4.25
C TYR D 31 6.60 18.58 -4.36
N GLU D 32 6.61 17.46 -3.63
CA GLU D 32 7.58 16.39 -3.76
C GLU D 32 6.99 15.39 -4.76
N LEU D 33 7.64 15.22 -5.92
CA LEU D 33 7.15 14.42 -7.05
C LEU D 33 7.50 12.93 -6.85
N HIS D 34 6.48 12.04 -6.98
CA HIS D 34 6.58 10.59 -6.76
C HIS D 34 6.42 9.82 -8.08
N GLU D 35 5.98 8.53 -8.00
CA GLU D 35 5.82 7.63 -9.13
C GLU D 35 5.00 8.27 -10.22
N THR D 36 5.53 8.26 -11.44
CA THR D 36 4.63 8.40 -12.56
C THR D 36 3.85 7.08 -12.54
N ILE D 37 2.50 7.16 -12.42
CA ILE D 37 1.64 6.00 -12.67
C ILE D 37 1.97 5.52 -14.10
N GLY D 38 2.21 6.48 -15.00
CA GLY D 38 2.63 6.29 -16.38
C GLY D 38 2.29 7.44 -17.29
N THR D 39 2.63 7.28 -18.60
CA THR D 39 2.22 8.18 -19.67
C THR D 39 1.12 7.53 -20.52
N GLY D 40 0.07 8.32 -20.76
CA GLY D 40 -0.91 8.08 -21.80
C GLY D 40 -1.01 9.31 -22.67
N GLY D 41 -0.82 9.14 -23.98
CA GLY D 41 -1.06 10.17 -24.99
C GLY D 41 -0.19 11.40 -24.91
N PHE D 42 -0.76 12.52 -24.43
CA PHE D 42 -0.14 13.86 -24.37
C PHE D 42 0.10 14.32 -22.93
N ALA D 43 -0.80 13.91 -22.01
CA ALA D 43 -0.82 14.30 -20.61
C ALA D 43 -0.48 13.13 -19.72
N LYS D 44 0.65 13.23 -19.00
CA LYS D 44 1.03 12.31 -17.93
C LYS D 44 0.17 12.56 -16.67
N VAL D 45 0.07 11.56 -15.79
CA VAL D 45 -0.37 11.78 -14.42
C VAL D 45 0.75 11.30 -13.51
N LYS D 46 1.23 12.17 -12.62
CA LYS D 46 2.30 11.82 -11.67
C LYS D 46 1.80 11.98 -10.24
N LEU D 47 2.08 10.99 -9.39
CA LEU D 47 1.83 11.10 -7.95
C LEU D 47 2.76 12.15 -7.37
N ALA D 48 2.32 12.82 -6.30
CA ALA D 48 3.13 13.80 -5.59
C ALA D 48 2.66 13.95 -4.15
N CYS D 49 3.35 14.75 -3.38
CA CYS D 49 3.07 15.01 -1.98
C CYS D 49 3.19 16.51 -1.77
N HIS D 50 2.14 17.14 -1.25
CA HIS D 50 2.13 18.56 -0.93
C HIS D 50 2.96 18.79 0.33
N ILE D 51 4.09 19.53 0.20
CA ILE D 51 5.14 19.67 1.21
C ILE D 51 4.59 20.20 2.57
N LEU D 52 3.85 21.32 2.58
CA LEU D 52 3.38 21.96 3.83
C LEU D 52 2.39 21.09 4.62
N THR D 53 1.32 20.58 3.96
CA THR D 53 0.27 19.79 4.63
C THR D 53 0.66 18.31 4.81
N GLY D 54 1.54 17.80 3.96
CA GLY D 54 1.87 16.37 3.90
C GLY D 54 0.91 15.52 3.09
N GLU D 55 -0.25 16.09 2.67
CA GLU D 55 -1.32 15.37 1.95
C GLU D 55 -0.89 14.95 0.55
N MET D 56 -1.35 13.76 0.10
CA MET D 56 -1.09 13.21 -1.24
C MET D 56 -1.89 13.94 -2.31
N VAL D 57 -1.33 14.05 -3.52
CA VAL D 57 -1.96 14.67 -4.70
C VAL D 57 -1.70 13.81 -6.00
N ALA D 58 -2.46 14.03 -7.07
CA ALA D 58 -2.16 13.58 -8.42
C ALA D 58 -1.87 14.84 -9.17
N ILE D 59 -0.90 14.79 -10.08
CA ILE D 59 -0.56 15.95 -10.91
C ILE D 59 -0.70 15.56 -12.37
N LYS D 60 -1.58 16.25 -13.10
CA LYS D 60 -1.78 16.06 -14.53
C LYS D 60 -0.88 17.03 -15.26
N ILE D 61 0.23 16.50 -15.80
CA ILE D 61 1.27 17.27 -16.48
C ILE D 61 0.96 17.26 -18.01
N MET D 62 0.33 18.34 -18.55
CA MET D 62 0.09 18.52 -19.99
C MET D 62 1.25 19.28 -20.59
N ASP D 63 1.83 18.77 -21.70
CA ASP D 63 2.95 19.41 -22.42
C ASP D 63 2.37 20.48 -23.37
N LYS D 64 2.63 21.78 -23.09
CA LYS D 64 1.95 22.93 -23.71
C LYS D 64 2.17 23.07 -25.23
N ASN D 65 3.21 22.40 -25.79
CA ASN D 65 3.51 22.44 -27.23
C ASN D 65 3.31 21.08 -27.96
N THR D 66 2.99 19.99 -27.22
CA THR D 66 2.63 18.67 -27.78
C THR D 66 1.12 18.59 -28.15
N LEU D 67 0.25 19.03 -27.21
CA LEU D 67 -1.20 18.81 -27.21
C LEU D 67 -1.92 19.40 -28.45
N GLY D 68 -1.71 20.68 -28.76
CA GLY D 68 -2.31 21.36 -29.91
C GLY D 68 -3.82 21.49 -29.83
N SER D 69 -4.53 20.44 -30.32
CA SER D 69 -6.01 20.32 -30.37
C SER D 69 -6.68 20.02 -29.01
N ASP D 70 -5.85 19.79 -27.97
CA ASP D 70 -6.32 19.62 -26.59
C ASP D 70 -6.36 20.94 -25.84
N LEU D 71 -5.60 21.96 -26.29
CA LEU D 71 -5.54 23.27 -25.64
C LEU D 71 -6.94 23.96 -25.45
N PRO D 72 -7.94 23.84 -26.35
CA PRO D 72 -9.30 24.25 -25.97
C PRO D 72 -9.99 23.36 -24.93
N ARG D 73 -9.89 22.02 -25.05
CA ARG D 73 -10.46 21.09 -24.08
C ARG D 73 -9.88 21.30 -22.66
N ILE D 74 -8.59 21.71 -22.55
CA ILE D 74 -7.86 21.95 -21.29
C ILE D 74 -8.35 23.22 -20.55
N LYS D 75 -8.42 24.37 -21.25
CA LYS D 75 -8.82 25.66 -20.66
C LYS D 75 -10.30 25.70 -20.21
N THR D 76 -11.19 25.02 -20.96
CA THR D 76 -12.62 24.94 -20.66
C THR D 76 -12.85 24.03 -19.43
N GLU D 77 -12.11 22.91 -19.36
CA GLU D 77 -12.16 21.98 -18.24
C GLU D 77 -11.76 22.68 -16.94
N ILE D 78 -10.62 23.43 -16.95
CA ILE D 78 -10.11 24.23 -15.83
C ILE D 78 -11.18 25.20 -15.35
N GLU D 79 -11.76 26.02 -16.27
CA GLU D 79 -12.85 26.98 -15.99
C GLU D 79 -14.08 26.35 -15.33
N ALA D 80 -14.50 25.16 -15.81
CA ALA D 80 -15.62 24.41 -15.22
C ALA D 80 -15.26 23.95 -13.80
N LEU D 81 -14.06 23.35 -13.62
CA LEU D 81 -13.58 22.86 -12.32
C LEU D 81 -13.39 23.95 -11.27
N LYS D 82 -13.02 25.19 -11.70
CA LYS D 82 -12.91 26.38 -10.84
C LYS D 82 -14.25 26.75 -10.25
N ASN D 83 -15.36 26.36 -10.91
CA ASN D 83 -16.73 26.67 -10.50
C ASN D 83 -17.49 25.47 -9.89
N LEU D 84 -16.98 24.23 -10.06
CA LEU D 84 -17.58 23.02 -9.51
C LEU D 84 -16.81 22.55 -8.30
N ARG D 85 -17.49 22.46 -7.15
CA ARG D 85 -16.92 22.00 -5.90
C ARG D 85 -17.97 21.15 -5.21
N HIS D 86 -17.65 19.85 -5.03
CA HIS D 86 -18.56 18.80 -4.60
C HIS D 86 -17.76 17.58 -4.12
N GLN D 87 -18.37 16.83 -3.20
CA GLN D 87 -17.84 15.63 -2.56
C GLN D 87 -17.68 14.43 -3.52
N HIS D 88 -18.51 14.33 -4.58
CA HIS D 88 -18.35 13.27 -5.59
C HIS D 88 -17.79 13.82 -6.91
N ILE D 89 -17.13 14.99 -6.86
CA ILE D 89 -16.30 15.53 -7.95
C ILE D 89 -14.87 15.66 -7.49
N CYS D 90 -13.93 15.06 -8.26
CA CYS D 90 -12.48 15.15 -8.02
C CYS D 90 -11.99 16.59 -8.02
N GLN D 91 -11.56 17.07 -6.85
CA GLN D 91 -11.21 18.46 -6.59
C GLN D 91 -9.96 18.92 -7.31
N LEU D 92 -10.01 20.12 -7.95
CA LEU D 92 -8.83 20.84 -8.45
C LEU D 92 -8.30 21.78 -7.37
N TYR D 93 -6.99 21.66 -7.03
CA TYR D 93 -6.30 22.48 -5.99
C TYR D 93 -5.47 23.64 -6.52
N HIS D 94 -4.77 23.42 -7.62
CA HIS D 94 -3.68 24.29 -8.06
C HIS D 94 -3.54 24.13 -9.58
N VAL D 95 -3.32 25.26 -10.28
CA VAL D 95 -3.00 25.30 -11.70
C VAL D 95 -1.68 26.06 -11.85
N LEU D 96 -0.66 25.42 -12.46
CA LEU D 96 0.67 25.99 -12.71
C LEU D 96 1.01 25.89 -14.20
N GLU D 97 1.59 26.96 -14.79
CA GLU D 97 1.86 27.02 -16.22
C GLU D 97 3.26 27.57 -16.53
N THR D 98 4.06 26.76 -17.24
CA THR D 98 5.43 27.08 -17.63
C THR D 98 5.54 27.15 -19.18
N ALA D 99 6.78 27.19 -19.72
CA ALA D 99 7.09 27.33 -21.16
C ALA D 99 6.41 26.29 -22.04
N ASN D 100 6.51 25.00 -21.65
CA ASN D 100 5.91 23.88 -22.38
C ASN D 100 5.12 22.99 -21.44
N LYS D 101 4.46 23.58 -20.42
CA LYS D 101 3.72 22.81 -19.43
C LYS D 101 2.48 23.52 -18.88
N ILE D 102 1.40 22.75 -18.69
CA ILE D 102 0.28 23.06 -17.82
C ILE D 102 0.22 21.91 -16.79
N PHE D 103 0.20 22.28 -15.51
CA PHE D 103 0.06 21.32 -14.42
C PHE D 103 -1.33 21.52 -13.79
N MET D 104 -1.98 20.43 -13.41
CA MET D 104 -3.26 20.47 -12.70
C MET D 104 -3.07 19.61 -11.46
N VAL D 105 -3.13 20.22 -10.27
CA VAL D 105 -2.98 19.46 -9.01
C VAL D 105 -4.38 19.06 -8.57
N LEU D 106 -4.61 17.74 -8.46
CA LEU D 106 -5.96 17.15 -8.28
C LEU D 106 -6.03 16.22 -7.05
N GLU D 107 -7.26 15.86 -6.64
CA GLU D 107 -7.55 14.99 -5.51
C GLU D 107 -7.03 13.55 -5.76
N TYR D 108 -6.46 12.95 -4.72
CA TYR D 108 -5.86 11.62 -4.71
C TYR D 108 -6.94 10.49 -4.72
N CYS D 109 -6.96 9.69 -5.81
CA CYS D 109 -7.95 8.63 -6.07
C CYS D 109 -7.27 7.26 -6.29
N PRO D 110 -6.74 6.58 -5.24
CA PRO D 110 -5.96 5.35 -5.49
C PRO D 110 -6.79 4.08 -5.77
N GLY D 111 -8.13 4.20 -5.68
CA GLY D 111 -9.05 3.06 -5.75
C GLY D 111 -9.31 2.46 -7.12
N GLY D 112 -8.94 3.17 -8.17
CA GLY D 112 -9.12 2.71 -9.54
C GLY D 112 -10.37 3.23 -10.19
N GLU D 113 -10.54 2.94 -11.49
CA GLU D 113 -11.74 3.29 -12.26
C GLU D 113 -12.91 2.41 -11.82
N LEU D 114 -14.14 2.91 -12.02
CA LEU D 114 -15.34 2.08 -11.87
C LEU D 114 -15.35 1.01 -12.96
N PHE D 115 -14.74 1.31 -14.16
CA PHE D 115 -14.50 0.35 -15.25
C PHE D 115 -13.78 -0.92 -14.76
N ASP D 116 -12.66 -0.77 -13.98
CA ASP D 116 -11.85 -1.85 -13.40
C ASP D 116 -12.65 -2.76 -12.45
N TYR D 117 -13.61 -2.16 -11.70
CA TYR D 117 -14.45 -2.88 -10.73
C TYR D 117 -15.52 -3.74 -11.45
N ILE D 118 -16.15 -3.19 -12.51
CA ILE D 118 -17.12 -3.89 -13.37
C ILE D 118 -16.50 -5.14 -14.09
N ILE D 119 -15.38 -4.96 -14.85
CA ILE D 119 -14.72 -6.04 -15.60
C ILE D 119 -14.15 -7.17 -14.73
N SER D 120 -13.77 -6.86 -13.46
CA SER D 120 -13.12 -7.80 -12.54
C SER D 120 -14.02 -8.92 -12.10
N GLN D 121 -15.33 -8.68 -12.04
CA GLN D 121 -16.26 -9.70 -11.56
C GLN D 121 -17.48 -9.88 -12.47
N ASP D 122 -18.32 -10.89 -12.15
CA ASP D 122 -19.68 -11.03 -12.67
C ASP D 122 -20.40 -9.71 -12.41
N ARG D 123 -21.45 -9.40 -13.19
CA ARG D 123 -22.29 -8.21 -13.03
C ARG D 123 -22.56 -7.89 -11.53
N LEU D 124 -22.69 -6.60 -11.15
CA LEU D 124 -23.01 -6.22 -9.75
C LEU D 124 -24.44 -6.57 -9.33
N SER D 125 -24.67 -6.94 -8.05
CA SER D 125 -26.05 -7.15 -7.53
C SER D 125 -26.79 -5.81 -7.52
N GLU D 126 -28.16 -5.82 -7.56
CA GLU D 126 -28.97 -4.59 -7.48
C GLU D 126 -28.57 -3.71 -6.28
N GLU D 127 -28.30 -4.33 -5.12
CA GLU D 127 -27.91 -3.69 -3.88
C GLU D 127 -26.53 -3.04 -3.97
N GLU D 128 -25.57 -3.74 -4.61
CA GLU D 128 -24.21 -3.26 -4.93
C GLU D 128 -24.23 -2.08 -5.88
N THR D 129 -25.09 -2.14 -6.92
CA THR D 129 -25.24 -1.09 -7.95
C THR D 129 -25.82 0.17 -7.33
N ARG D 130 -26.80 0.04 -6.41
CA ARG D 130 -27.48 1.16 -5.74
C ARG D 130 -26.50 2.00 -4.89
N VAL D 131 -25.60 1.35 -4.14
CA VAL D 131 -24.55 1.99 -3.32
C VAL D 131 -23.72 2.98 -4.18
N VAL D 132 -23.32 2.49 -5.37
CA VAL D 132 -22.49 3.14 -6.37
C VAL D 132 -23.31 4.20 -7.15
N PHE D 133 -24.52 3.83 -7.67
CA PHE D 133 -25.34 4.68 -8.52
C PHE D 133 -25.82 5.95 -7.82
N ARG D 134 -26.15 5.86 -6.52
CA ARG D 134 -26.55 7.01 -5.70
C ARG D 134 -25.43 8.04 -5.57
N GLN D 135 -24.18 7.62 -5.71
CA GLN D 135 -23.03 8.51 -5.70
C GLN D 135 -22.83 9.20 -7.06
N ILE D 136 -23.11 8.50 -8.16
CA ILE D 136 -23.16 9.07 -9.52
C ILE D 136 -24.27 10.15 -9.62
N VAL D 137 -25.49 9.87 -9.08
CA VAL D 137 -26.65 10.79 -9.11
C VAL D 137 -26.34 12.08 -8.33
N SER D 138 -25.76 11.96 -7.11
CA SER D 138 -25.36 13.08 -6.28
C SER D 138 -24.51 14.03 -7.09
N ALA D 139 -23.37 13.56 -7.62
CA ALA D 139 -22.41 14.35 -8.43
C ALA D 139 -23.04 15.01 -9.67
N VAL D 140 -23.85 14.25 -10.47
CA VAL D 140 -24.40 14.74 -11.74
C VAL D 140 -25.51 15.79 -11.53
N ALA D 141 -26.33 15.63 -10.46
CA ALA D 141 -27.35 16.59 -10.05
C ALA D 141 -26.72 17.91 -9.63
N TYR D 142 -25.54 17.87 -8.99
CA TYR D 142 -24.80 19.08 -8.67
C TYR D 142 -24.28 19.80 -9.91
N VAL D 143 -23.69 19.06 -10.88
CA VAL D 143 -23.17 19.56 -12.16
C VAL D 143 -24.24 20.41 -12.88
N HIS D 144 -25.43 19.81 -13.05
CA HIS D 144 -26.61 20.39 -13.70
C HIS D 144 -27.17 21.58 -12.99
N SER D 145 -27.10 21.62 -11.64
CA SER D 145 -27.50 22.78 -10.82
C SER D 145 -26.59 23.99 -11.09
N GLN D 146 -25.35 23.75 -11.52
CA GLN D 146 -24.36 24.78 -11.86
C GLN D 146 -24.43 25.23 -13.35
N GLY D 147 -25.41 24.71 -14.09
CA GLY D 147 -25.62 25.04 -15.49
C GLY D 147 -24.66 24.39 -16.46
N TYR D 148 -23.99 23.27 -16.05
CA TYR D 148 -23.12 22.46 -16.90
C TYR D 148 -23.73 21.10 -17.20
N ALA D 149 -23.26 20.47 -18.26
CA ALA D 149 -23.49 19.05 -18.54
C ALA D 149 -22.11 18.43 -18.82
N HIS D 150 -21.82 17.26 -18.22
CA HIS D 150 -20.52 16.59 -18.31
C HIS D 150 -20.19 16.10 -19.73
N ARG D 151 -21.19 15.49 -20.41
CA ARG D 151 -21.19 15.05 -21.81
C ARG D 151 -20.26 13.84 -22.11
N ASP D 152 -19.58 13.29 -21.09
CA ASP D 152 -18.72 12.11 -21.24
C ASP D 152 -18.80 11.21 -20.01
N LEU D 153 -20.04 10.94 -19.53
CA LEU D 153 -20.28 10.00 -18.44
C LEU D 153 -20.10 8.55 -18.94
N LYS D 154 -19.19 7.82 -18.33
CA LYS D 154 -18.83 6.43 -18.62
C LYS D 154 -18.03 5.92 -17.43
N PRO D 155 -17.91 4.58 -17.21
CA PRO D 155 -17.26 4.08 -15.99
C PRO D 155 -15.75 4.31 -15.90
N GLU D 156 -15.10 4.63 -17.02
CA GLU D 156 -13.67 5.07 -17.03
C GLU D 156 -13.48 6.43 -16.38
N ASN D 157 -14.55 7.26 -16.35
CA ASN D 157 -14.56 8.63 -15.85
C ASN D 157 -15.08 8.80 -14.40
N LEU D 158 -15.21 7.67 -13.67
CA LEU D 158 -15.59 7.62 -12.26
C LEU D 158 -14.50 6.88 -11.50
N LEU D 159 -13.83 7.55 -10.51
CA LEU D 159 -12.75 6.95 -9.75
C LEU D 159 -13.09 6.75 -8.29
N PHE D 160 -12.45 5.80 -7.62
CA PHE D 160 -12.63 5.57 -6.18
C PHE D 160 -11.52 6.24 -5.40
N ASP D 161 -11.85 6.95 -4.35
CA ASP D 161 -10.83 7.41 -3.43
C ASP D 161 -10.47 6.35 -2.39
N GLU D 162 -9.53 6.72 -1.50
CA GLU D 162 -9.02 5.86 -0.44
C GLU D 162 -10.08 5.48 0.61
N TYR D 163 -11.30 6.04 0.50
CA TYR D 163 -12.47 5.78 1.35
C TYR D 163 -13.57 5.04 0.60
N HIS D 164 -13.26 4.60 -0.63
CA HIS D 164 -14.14 3.86 -1.55
C HIS D 164 -15.36 4.71 -1.97
N LYS D 165 -15.14 6.02 -2.16
CA LYS D 165 -16.17 6.98 -2.55
C LYS D 165 -15.93 7.44 -4.00
N LEU D 166 -16.91 7.27 -4.90
CA LEU D 166 -16.76 7.73 -6.30
C LEU D 166 -16.54 9.26 -6.44
N LYS D 167 -15.75 9.62 -7.48
CA LYS D 167 -15.30 10.96 -7.85
C LYS D 167 -15.40 11.05 -9.36
N LEU D 168 -16.19 12.03 -9.84
CA LEU D 168 -16.31 12.36 -11.26
C LEU D 168 -15.01 13.05 -11.73
N ILE D 169 -14.43 12.57 -12.83
CA ILE D 169 -13.19 13.16 -13.40
C ILE D 169 -13.41 13.64 -14.86
N ASP D 170 -12.38 14.18 -15.49
CA ASP D 170 -12.26 14.59 -16.89
C ASP D 170 -13.47 15.35 -17.45
N PHE D 171 -13.45 16.68 -17.25
CA PHE D 171 -14.48 17.61 -17.71
C PHE D 171 -14.09 18.26 -19.06
N GLY D 172 -13.39 17.51 -19.90
CA GLY D 172 -12.82 17.97 -21.17
C GLY D 172 -13.84 18.21 -22.24
N LEU D 173 -14.98 17.47 -22.19
CA LEU D 173 -16.11 17.60 -23.14
C LEU D 173 -17.32 18.40 -22.57
N CYS D 174 -17.09 19.11 -21.44
CA CYS D 174 -17.96 19.99 -20.67
C CYS D 174 -18.79 20.97 -21.49
N ALA D 175 -19.96 21.40 -20.96
CA ALA D 175 -20.96 22.05 -21.78
C ALA D 175 -21.26 23.48 -21.44
N LYS D 176 -22.09 23.72 -20.39
CA LYS D 176 -23.01 24.88 -20.29
C LYS D 176 -24.12 24.80 -21.37
N PRO D 177 -25.16 23.93 -21.17
CA PRO D 177 -26.15 23.69 -22.22
C PRO D 177 -26.94 24.91 -22.70
N LYS D 178 -27.23 25.86 -21.81
CA LYS D 178 -28.04 27.02 -22.18
C LYS D 178 -27.21 28.33 -22.16
N GLY D 179 -25.88 28.20 -22.16
CA GLY D 179 -24.95 29.33 -22.17
C GLY D 179 -24.32 29.56 -23.52
N ASN D 180 -23.11 30.15 -23.53
CA ASN D 180 -22.31 30.34 -24.73
C ASN D 180 -21.74 29.05 -25.28
N LYS D 181 -21.72 28.92 -26.65
CA LYS D 181 -21.23 27.73 -27.36
C LYS D 181 -19.70 27.70 -27.48
N ASP D 182 -19.12 26.47 -27.33
CA ASP D 182 -17.70 26.17 -27.54
C ASP D 182 -17.51 25.26 -28.77
N GLY D 190 -18.24 12.17 -26.75
CA GLY D 190 -17.84 11.08 -25.87
C GLY D 190 -17.83 9.71 -26.52
N ALA D 191 -17.86 8.63 -25.71
CA ALA D 191 -18.05 7.25 -26.19
C ALA D 191 -19.45 7.08 -26.81
N LEU D 192 -19.50 6.43 -27.96
CA LEU D 192 -20.71 6.32 -28.76
C LEU D 192 -21.80 5.50 -28.03
N ALA D 193 -21.41 4.38 -27.40
CA ALA D 193 -22.29 3.47 -26.66
C ALA D 193 -23.10 4.14 -25.54
N TYR D 194 -22.57 5.28 -25.01
CA TYR D 194 -23.11 6.10 -23.91
C TYR D 194 -23.86 7.32 -24.40
N ALA D 195 -23.70 7.64 -25.69
CA ALA D 195 -24.25 8.85 -26.29
C ALA D 195 -25.76 8.75 -26.56
N ALA D 196 -26.48 9.82 -26.17
CA ALA D 196 -27.92 9.99 -26.28
C ALA D 196 -28.35 10.14 -27.75
N PRO D 197 -29.53 9.59 -28.16
CA PRO D 197 -29.97 9.69 -29.56
C PRO D 197 -29.90 11.10 -30.16
N GLU D 198 -30.42 12.10 -29.44
CA GLU D 198 -30.45 13.49 -29.90
C GLU D 198 -29.05 14.10 -30.04
N LEU D 199 -28.06 13.58 -29.30
CA LEU D 199 -26.70 14.06 -29.40
C LEU D 199 -26.02 13.59 -30.70
N ILE D 200 -26.36 12.38 -31.17
CA ILE D 200 -25.89 11.83 -32.45
C ILE D 200 -26.30 12.73 -33.64
N GLN D 201 -27.54 13.25 -33.63
CA GLN D 201 -28.00 14.21 -34.62
C GLN D 201 -27.53 15.67 -34.31
N GLY D 202 -27.55 16.05 -33.03
CA GLY D 202 -27.19 17.40 -32.56
C GLY D 202 -28.35 18.36 -32.42
N LYS D 203 -29.58 17.81 -32.23
CA LYS D 203 -30.90 18.50 -32.18
C LYS D 203 -31.03 19.51 -31.02
N SER D 204 -31.85 20.59 -31.23
CA SER D 204 -32.13 21.70 -30.30
C SER D 204 -32.57 21.21 -28.89
N TYR D 205 -31.58 21.09 -27.99
CA TYR D 205 -31.71 20.52 -26.65
C TYR D 205 -31.55 21.54 -25.50
N LEU D 206 -31.86 21.11 -24.25
CA LEU D 206 -31.47 21.78 -23.00
C LEU D 206 -30.26 21.05 -22.35
N GLY D 207 -29.58 20.22 -23.17
CA GLY D 207 -28.22 19.73 -23.02
C GLY D 207 -27.90 18.78 -21.89
N SER D 208 -28.67 18.83 -20.80
CA SER D 208 -28.43 17.96 -19.65
C SER D 208 -29.37 16.75 -19.59
N GLU D 209 -30.27 16.63 -20.56
CA GLU D 209 -31.15 15.47 -20.73
C GLU D 209 -30.33 14.28 -21.23
N ALA D 210 -29.21 14.56 -21.95
CA ALA D 210 -28.28 13.59 -22.49
C ALA D 210 -27.54 12.84 -21.40
N ASP D 211 -27.19 13.54 -20.31
CA ASP D 211 -26.49 12.98 -19.15
C ASP D 211 -27.35 11.97 -18.38
N VAL D 212 -28.67 12.18 -18.35
CA VAL D 212 -29.64 11.27 -17.74
C VAL D 212 -29.67 9.93 -18.51
N TRP D 213 -29.68 9.99 -19.85
CA TRP D 213 -29.51 8.84 -20.75
C TRP D 213 -28.25 8.04 -20.42
N SER D 214 -27.04 8.71 -20.41
CA SER D 214 -25.73 8.10 -20.10
C SER D 214 -25.65 7.43 -18.74
N MET D 215 -26.33 7.99 -17.72
CA MET D 215 -26.55 7.38 -16.40
C MET D 215 -27.41 6.12 -16.49
N GLY D 216 -28.37 6.13 -17.43
CA GLY D 216 -29.20 4.98 -17.78
C GLY D 216 -28.45 3.81 -18.41
N ILE D 217 -27.42 4.12 -19.27
CA ILE D 217 -26.47 3.14 -19.85
C ILE D 217 -25.58 2.56 -18.77
N LEU D 218 -25.01 3.42 -17.90
CA LEU D 218 -24.21 3.08 -16.72
C LEU D 218 -24.96 2.14 -15.79
N LEU D 219 -26.21 2.48 -15.44
CA LEU D 219 -27.10 1.64 -14.66
C LEU D 219 -27.24 0.21 -15.23
N TYR D 220 -27.51 0.08 -16.53
CA TYR D 220 -27.64 -1.18 -17.26
C TYR D 220 -26.36 -2.05 -17.20
N VAL D 221 -25.16 -1.48 -17.57
CA VAL D 221 -23.88 -2.20 -17.55
C VAL D 221 -23.53 -2.71 -16.15
N LEU D 222 -23.81 -1.92 -15.10
CA LEU D 222 -23.53 -2.29 -13.69
C LEU D 222 -24.25 -3.58 -13.30
N MET D 223 -25.54 -3.68 -13.65
CA MET D 223 -26.42 -4.80 -13.29
C MET D 223 -26.41 -5.97 -14.27
N CYS D 224 -25.94 -5.77 -15.53
CA CYS D 224 -25.98 -6.81 -16.58
C CYS D 224 -24.61 -7.36 -16.99
N GLY D 225 -23.60 -6.49 -16.99
CA GLY D 225 -22.26 -6.85 -17.38
C GLY D 225 -21.98 -6.62 -18.86
N PHE D 226 -22.98 -6.08 -19.58
CA PHE D 226 -22.90 -5.77 -21.03
C PHE D 226 -23.71 -4.52 -21.33
N LEU D 227 -23.35 -3.80 -22.40
CA LEU D 227 -24.04 -2.60 -22.85
C LEU D 227 -25.46 -2.90 -23.40
N PRO D 228 -26.47 -2.00 -23.26
CA PRO D 228 -27.80 -2.29 -23.84
C PRO D 228 -27.84 -2.20 -25.38
N PHE D 229 -26.89 -1.42 -25.97
CA PHE D 229 -26.69 -1.23 -27.41
C PHE D 229 -25.18 -1.41 -27.71
N ASP D 230 -24.85 -2.40 -28.58
CA ASP D 230 -23.47 -2.82 -28.87
C ASP D 230 -23.43 -3.46 -30.25
N ASP D 231 -22.43 -3.05 -31.07
CA ASP D 231 -22.18 -3.60 -32.39
C ASP D 231 -20.73 -3.44 -32.84
N ASP D 232 -20.30 -4.27 -33.81
CA ASP D 232 -18.96 -4.28 -34.39
C ASP D 232 -18.68 -3.02 -35.22
N THR D 233 -19.73 -2.41 -35.82
CA THR D 233 -19.57 -1.20 -36.63
C THR D 233 -20.33 -0.05 -35.98
N ALA D 234 -19.76 1.18 -36.05
CA ALA D 234 -20.34 2.41 -35.53
C ALA D 234 -21.70 2.74 -36.15
N ALA D 235 -21.86 2.52 -37.48
CA ALA D 235 -23.09 2.77 -38.24
C ALA D 235 -24.26 1.88 -37.76
N ALA D 236 -23.96 0.63 -37.34
CA ALA D 236 -24.91 -0.31 -36.76
C ALA D 236 -25.18 -0.07 -35.26
N LEU D 237 -24.22 0.55 -34.54
CA LEU D 237 -24.41 1.00 -33.17
C LEU D 237 -25.41 2.18 -33.11
N VAL D 238 -25.18 3.22 -33.94
CA VAL D 238 -26.04 4.41 -34.09
C VAL D 238 -27.50 4.03 -34.36
N ALA D 239 -27.73 3.11 -35.32
CA ALA D 239 -29.06 2.59 -35.66
C ALA D 239 -29.79 1.98 -34.45
N LYS D 240 -29.07 1.19 -33.62
CA LYS D 240 -29.56 0.55 -32.40
C LYS D 240 -29.94 1.56 -31.32
N ILE D 241 -29.09 2.61 -31.10
CA ILE D 241 -29.38 3.73 -30.18
C ILE D 241 -30.67 4.49 -30.59
N MET D 242 -30.79 4.87 -31.87
CA MET D 242 -31.94 5.60 -32.44
C MET D 242 -33.29 4.84 -32.31
N ARG D 243 -33.28 3.52 -32.54
CA ARG D 243 -34.44 2.63 -32.43
C ARG D 243 -34.76 2.35 -30.92
N GLY D 244 -33.72 2.34 -30.10
CA GLY D 244 -33.83 2.33 -28.64
C GLY D 244 -34.35 1.08 -27.98
N LYS D 245 -34.43 -0.03 -28.73
CA LYS D 245 -34.79 -1.35 -28.22
C LYS D 245 -33.58 -2.06 -27.63
N TYR D 246 -33.74 -2.70 -26.47
CA TYR D 246 -32.71 -3.42 -25.73
C TYR D 246 -33.25 -4.63 -24.98
N ASP D 247 -32.37 -5.60 -24.72
CA ASP D 247 -32.61 -6.81 -23.94
C ASP D 247 -32.93 -6.44 -22.52
N VAL D 248 -33.91 -7.14 -21.95
CA VAL D 248 -34.25 -7.06 -20.53
C VAL D 248 -33.89 -8.42 -19.90
N PRO D 249 -32.65 -8.59 -19.34
CA PRO D 249 -32.29 -9.88 -18.69
C PRO D 249 -33.25 -10.40 -17.62
N LYS D 250 -33.34 -11.74 -17.53
CA LYS D 250 -34.26 -12.46 -16.63
C LYS D 250 -34.01 -12.18 -15.14
N TRP D 251 -32.73 -11.88 -14.78
CA TRP D 251 -32.31 -11.61 -13.39
C TRP D 251 -32.69 -10.20 -12.86
N LEU D 252 -33.00 -9.25 -13.77
CA LEU D 252 -33.41 -7.88 -13.46
C LEU D 252 -34.79 -7.86 -12.82
N SER D 253 -34.89 -7.20 -11.66
CA SER D 253 -36.12 -7.01 -10.90
C SER D 253 -37.10 -6.10 -11.68
N PRO D 254 -38.45 -6.19 -11.47
CA PRO D 254 -39.34 -5.20 -12.10
C PRO D 254 -39.12 -3.74 -11.69
N SER D 255 -38.53 -3.48 -10.50
CA SER D 255 -38.08 -2.14 -10.07
C SER D 255 -36.96 -1.62 -10.96
N SER D 256 -35.94 -2.46 -11.23
CA SER D 256 -34.83 -2.16 -12.16
C SER D 256 -35.32 -1.93 -13.60
N ILE D 257 -36.25 -2.78 -14.08
CA ILE D 257 -36.83 -2.68 -15.42
C ILE D 257 -37.56 -1.32 -15.59
N LEU D 258 -38.24 -0.85 -14.55
CA LEU D 258 -39.02 0.40 -14.56
C LEU D 258 -38.14 1.65 -14.56
N LEU D 259 -37.10 1.72 -13.68
CA LEU D 259 -36.15 2.85 -13.72
C LEU D 259 -35.43 2.95 -15.07
N LEU D 260 -35.00 1.81 -15.62
CA LEU D 260 -34.34 1.73 -16.92
C LEU D 260 -35.18 2.26 -18.07
N GLN D 261 -36.47 1.91 -18.16
CA GLN D 261 -37.26 2.45 -19.28
C GLN D 261 -37.58 3.95 -19.18
N GLN D 262 -37.55 4.50 -17.97
CA GLN D 262 -37.74 5.93 -17.71
C GLN D 262 -36.54 6.76 -18.13
N MET D 263 -35.34 6.26 -17.89
CA MET D 263 -34.03 6.89 -18.17
C MET D 263 -33.61 6.65 -19.62
N LEU D 264 -33.98 5.49 -20.22
CA LEU D 264 -33.63 5.13 -21.60
C LEU D 264 -34.80 5.35 -22.54
N GLN D 265 -35.34 6.57 -22.53
CA GLN D 265 -36.33 7.10 -23.46
C GLN D 265 -35.60 7.80 -24.60
N VAL D 266 -35.93 7.46 -25.85
CA VAL D 266 -35.30 8.06 -27.03
C VAL D 266 -35.60 9.57 -27.10
N ASP D 267 -36.89 9.98 -26.91
CA ASP D 267 -37.33 11.38 -26.81
C ASP D 267 -36.84 12.03 -25.48
N PRO D 268 -35.93 13.05 -25.56
CA PRO D 268 -35.35 13.60 -24.31
C PRO D 268 -36.36 14.36 -23.42
N LYS D 269 -37.55 14.60 -23.97
CA LYS D 269 -38.69 15.25 -23.33
C LYS D 269 -39.47 14.27 -22.45
N LYS D 270 -39.41 12.95 -22.79
CA LYS D 270 -40.08 11.85 -22.10
C LYS D 270 -39.17 11.13 -21.08
N ARG D 271 -37.86 11.47 -21.08
CA ARG D 271 -36.86 11.00 -20.11
C ARG D 271 -37.14 11.59 -18.74
N ILE D 272 -36.96 10.77 -17.69
CA ILE D 272 -37.13 11.15 -16.28
C ILE D 272 -36.25 12.40 -15.96
N SER D 273 -36.84 13.37 -15.24
CA SER D 273 -36.18 14.59 -14.79
C SER D 273 -35.22 14.28 -13.65
N MET D 274 -34.24 15.18 -13.39
CA MET D 274 -33.35 15.00 -12.24
C MET D 274 -34.12 14.97 -10.89
N LYS D 275 -35.12 15.86 -10.70
CA LYS D 275 -35.89 15.94 -9.45
C LYS D 275 -36.62 14.62 -9.12
N ASN D 276 -37.11 13.91 -10.15
CA ASN D 276 -37.83 12.66 -10.00
C ASN D 276 -36.92 11.45 -9.87
N LEU D 277 -35.67 11.60 -10.34
CA LEU D 277 -34.61 10.61 -10.16
C LEU D 277 -34.16 10.57 -8.69
N LEU D 278 -33.89 11.77 -8.10
CA LEU D 278 -33.42 11.98 -6.72
C LEU D 278 -34.23 11.27 -5.60
N ASN D 279 -35.50 10.98 -5.86
CA ASN D 279 -36.40 10.33 -4.92
C ASN D 279 -37.20 9.18 -5.55
N HIS D 280 -36.73 8.64 -6.68
CA HIS D 280 -37.34 7.47 -7.34
C HIS D 280 -37.46 6.27 -6.34
N PRO D 281 -38.58 5.50 -6.33
CA PRO D 281 -38.65 4.28 -5.49
C PRO D 281 -37.45 3.31 -5.55
N TRP D 282 -36.82 3.08 -6.75
CA TRP D 282 -35.60 2.27 -6.86
C TRP D 282 -34.45 2.89 -6.11
N ILE D 283 -34.32 4.26 -6.19
CA ILE D 283 -33.27 5.07 -5.58
C ILE D 283 -33.33 4.98 -4.07
N MET D 284 -34.54 5.02 -3.55
CA MET D 284 -34.85 5.04 -2.13
C MET D 284 -35.00 3.65 -1.47
N GLN D 285 -35.12 2.56 -2.26
CA GLN D 285 -35.21 1.19 -1.71
C GLN D 285 -34.00 0.95 -0.78
N ASP D 286 -34.23 0.34 0.40
CA ASP D 286 -33.22 0.00 1.42
C ASP D 286 -32.68 1.25 2.18
N TYR D 287 -32.43 2.37 1.46
CA TYR D 287 -31.98 3.66 2.03
C TYR D 287 -33.10 4.38 2.81
N ASN D 288 -34.29 4.50 2.19
CA ASN D 288 -35.51 5.07 2.75
C ASN D 288 -35.39 6.60 2.94
N TYR D 289 -34.31 7.20 2.39
CA TYR D 289 -34.17 8.66 2.20
C TYR D 289 -33.67 8.98 0.79
N PRO D 290 -34.13 10.10 0.18
CA PRO D 290 -33.64 10.46 -1.18
C PRO D 290 -32.16 10.85 -1.27
N VAL D 291 -31.59 10.89 -2.51
CA VAL D 291 -30.19 11.29 -2.79
C VAL D 291 -29.98 12.72 -2.29
N GLU D 292 -28.94 12.95 -1.47
CA GLU D 292 -28.48 14.28 -1.05
C GLU D 292 -27.42 14.79 -2.05
N TRP D 293 -27.86 15.62 -3.02
CA TRP D 293 -27.02 16.13 -4.10
C TRP D 293 -26.18 17.34 -3.69
N GLN D 294 -26.65 18.13 -2.71
CA GLN D 294 -26.01 19.39 -2.30
C GLN D 294 -24.56 19.20 -1.83
N SER D 295 -23.71 20.22 -2.13
CA SER D 295 -22.27 20.25 -1.82
C SER D 295 -22.03 20.43 -0.31
N LYS D 296 -21.03 19.70 0.24
CA LYS D 296 -20.74 19.69 1.67
C LYS D 296 -19.37 20.31 1.89
N PHE D 299 -17.84 27.72 -1.31
CA PHE D 299 -17.09 28.81 -1.93
C PHE D 299 -17.06 30.08 -1.06
N ILE D 300 -18.26 30.56 -0.64
CA ILE D 300 -18.48 31.88 0.00
C ILE D 300 -18.48 31.79 1.54
N HIS D 301 -18.37 30.56 2.07
CA HIS D 301 -18.27 30.32 3.50
C HIS D 301 -16.94 29.59 3.79
N LEU D 302 -16.01 30.23 4.56
CA LEU D 302 -14.74 29.60 4.96
C LEU D 302 -14.85 28.80 6.25
N ASP D 303 -13.96 27.79 6.46
CA ASP D 303 -13.99 26.96 7.66
C ASP D 303 -12.60 26.73 8.31
N ASP D 304 -12.14 27.80 9.00
CA ASP D 304 -11.06 27.86 9.99
C ASP D 304 -11.13 26.69 11.00
N VAL D 307 -8.16 28.52 8.30
CA VAL D 307 -7.89 29.97 8.34
C VAL D 307 -7.10 30.35 9.62
N THR D 308 -7.58 29.91 10.82
CA THR D 308 -6.97 30.16 12.16
C THR D 308 -5.54 29.59 12.32
N GLU D 309 -4.97 29.06 11.21
CA GLU D 309 -3.63 28.48 11.10
C GLU D 309 -2.97 28.99 9.80
N LEU D 310 -3.76 29.64 8.91
CA LEU D 310 -3.31 30.24 7.64
C LEU D 310 -2.87 31.71 7.77
N SER D 311 -3.14 32.32 8.95
CA SER D 311 -2.51 33.57 9.34
C SER D 311 -1.30 33.30 10.25
N VAL D 312 -1.18 32.02 10.73
CA VAL D 312 -0.13 31.51 11.63
C VAL D 312 1.17 31.17 10.86
N HIS D 313 1.09 30.41 9.75
CA HIS D 313 2.27 30.06 8.94
C HIS D 313 2.80 31.28 8.19
N HIS D 314 1.88 32.00 7.49
CA HIS D 314 2.11 33.34 6.93
C HIS D 314 2.19 34.36 8.10
N ARG D 315 2.42 35.65 7.81
CA ARG D 315 2.34 36.70 8.83
C ARG D 315 1.47 37.86 8.32
N ASN D 316 0.15 37.57 8.18
CA ASN D 316 -0.84 38.47 7.58
C ASN D 316 -2.13 38.63 8.43
N ASN D 317 -3.01 39.59 8.05
CA ASN D 317 -4.28 39.95 8.70
C ASN D 317 -5.47 39.11 8.17
N ARG D 318 -6.45 38.76 9.06
CA ARG D 318 -7.66 38.02 8.71
C ARG D 318 -8.47 38.76 7.63
N GLN D 319 -8.26 38.34 6.35
CA GLN D 319 -8.84 38.80 5.06
C GLN D 319 -8.17 38.08 3.85
N ILE D 325 -7.89 34.64 0.23
CA ILE D 325 -8.40 33.30 -0.06
C ILE D 325 -9.61 33.36 -1.03
N SER D 326 -10.56 34.29 -0.78
CA SER D 326 -11.80 34.42 -1.57
C SER D 326 -11.57 34.85 -3.05
N LEU D 327 -10.32 35.21 -3.42
CA LEU D 327 -9.91 35.45 -4.81
C LEU D 327 -10.07 34.18 -5.68
N TRP D 328 -9.93 32.97 -5.06
CA TRP D 328 -9.90 31.65 -5.68
C TRP D 328 -9.16 31.71 -7.03
N GLN D 329 -7.86 32.03 -6.95
CA GLN D 329 -6.96 32.12 -8.10
C GLN D 329 -6.44 30.74 -8.54
N TYR D 330 -6.61 29.72 -7.66
CA TYR D 330 -6.12 28.35 -7.80
C TYR D 330 -4.59 28.36 -7.92
N ASP D 331 -3.97 29.03 -6.94
CA ASP D 331 -2.53 29.11 -6.71
C ASP D 331 -2.15 28.29 -5.47
N HIS D 332 -0.96 28.52 -4.87
CA HIS D 332 -0.50 27.78 -3.69
C HIS D 332 -1.40 27.98 -2.47
N LEU D 333 -2.06 29.15 -2.36
CA LEU D 333 -2.94 29.50 -1.26
C LEU D 333 -4.24 28.73 -1.28
N THR D 334 -4.86 28.57 -2.48
CA THR D 334 -6.02 27.69 -2.72
C THR D 334 -5.63 26.24 -2.49
N ALA D 335 -4.36 25.89 -2.78
CA ALA D 335 -3.86 24.52 -2.64
C ALA D 335 -3.77 24.14 -1.16
N THR D 336 -3.05 24.95 -0.38
CA THR D 336 -2.85 24.79 1.07
C THR D 336 -4.19 24.81 1.84
N TYR D 337 -5.06 25.80 1.57
CA TYR D 337 -6.36 25.93 2.22
C TYR D 337 -7.24 24.69 2.06
N LEU D 338 -7.43 24.23 0.79
CA LEU D 338 -8.31 23.11 0.45
C LEU D 338 -7.75 21.76 0.88
N LEU D 339 -6.42 21.64 0.98
CA LEU D 339 -5.77 20.45 1.55
C LEU D 339 -5.75 20.48 3.08
N LEU D 340 -5.78 21.68 3.70
CA LEU D 340 -5.99 21.82 5.15
C LEU D 340 -7.40 21.38 5.54
N LEU D 341 -8.41 21.87 4.78
CA LEU D 341 -9.83 21.53 4.94
C LEU D 341 -10.07 20.03 4.76
N ALA D 342 -9.33 19.39 3.82
CA ALA D 342 -9.33 17.95 3.56
C ALA D 342 -8.73 17.18 4.73
N LYS D 343 -7.54 17.58 5.20
CA LYS D 343 -6.80 16.97 6.32
C LYS D 343 -7.66 16.90 7.60
N LYS D 344 -8.35 18.01 7.95
CA LYS D 344 -9.26 18.12 9.11
C LYS D 344 -10.40 17.09 9.04
N ALA D 345 -11.14 17.09 7.91
CA ALA D 345 -12.25 16.19 7.59
C ALA D 345 -11.86 14.71 7.65
N ARG D 346 -10.61 14.40 7.23
CA ARG D 346 -10.02 13.06 7.18
C ARG D 346 -9.35 12.64 8.50
N GLY D 347 -9.58 13.43 9.55
CA GLY D 347 -9.23 13.08 10.92
C GLY D 347 -7.89 13.58 11.42
N LYS D 348 -6.84 13.50 10.56
CA LYS D 348 -5.44 13.86 10.85
C LYS D 348 -5.29 15.32 11.38
N PRO D 349 -4.31 15.61 12.29
CA PRO D 349 -4.20 16.97 12.86
C PRO D 349 -3.89 18.10 11.89
N VAL D 350 -4.49 19.28 12.13
CA VAL D 350 -4.35 20.49 11.31
C VAL D 350 -2.92 21.11 11.54
N ARG D 351 -1.86 20.52 10.93
CA ARG D 351 -0.44 20.92 11.10
C ARG D 351 0.31 21.26 9.78
N LEU D 352 0.87 22.49 9.73
CA LEU D 352 1.56 23.12 8.58
C LEU D 352 2.94 23.60 9.04
N ARG D 353 4.03 23.06 8.44
CA ARG D 353 5.41 23.34 8.85
C ARG D 353 5.77 24.84 8.75
C1 6Z7 E . 8.21 -0.48 -27.59
O2 6Z7 E . 7.64 -0.24 -26.30
C3 6Z7 E . 6.64 0.68 -26.22
C4 6Z7 E . 6.06 1.39 -27.26
C5 6Z7 E . 5.04 2.30 -27.02
O6 6Z7 E . 4.48 3.01 -28.05
C7 6Z7 E . 4.62 2.52 -25.72
C8 6Z7 E . 5.18 1.82 -24.66
N9 6Z7 E . 4.71 2.10 -23.34
C10 6Z7 E . 4.81 1.43 -22.11
C11 6Z7 E . 4.60 2.20 -20.98
C12 6Z7 E . 4.66 1.64 -19.72
C13 6Z7 E . 4.95 0.28 -19.55
C14 6Z7 E . 5.18 -0.49 -20.69
C15 6Z7 E . 5.11 0.07 -21.96
C16 6Z7 E . 5.00 -0.34 -18.19
O17 6Z7 E . 5.12 -1.56 -18.06
N18 6Z7 E . 4.90 0.50 -17.13
C19 6Z7 E . 4.64 0.18 -15.78
C20 6Z7 E . 4.16 -1.04 -15.33
C21 6Z7 E . 3.94 -1.26 -13.98
C22 6Z7 E . 4.19 -0.26 -13.05
C23 6Z7 E . 3.94 -0.53 -11.58
C24 6Z7 E . 4.64 0.48 -10.69
N25 6Z7 E . 4.37 1.86 -11.18
C26 6Z7 E . 4.97 2.10 -12.52
C27 6Z7 E . 4.66 0.99 -13.48
C28 6Z7 E . 4.89 1.19 -14.84
C29 6Z7 E . 6.19 0.89 -24.92
HN25 6Z7 E . 3.45 1.98 -11.23
HN2A 6Z7 E . 4.71 2.47 -10.57
H1 6Z7 E . 8.53 0.35 -27.97
H1A 6Z7 E . 8.95 -1.10 -27.50
H1B 6Z7 E . 7.54 -0.87 -28.18
H4 6Z7 E . 6.35 1.24 -28.15
HO6 6Z7 E . 4.72 2.84 -28.57
H7 6Z7 E . 3.93 3.15 -25.56
HN9 6Z7 E . 4.28 2.88 -23.29
H11 6Z7 E . 4.40 3.12 -21.07
H12 6Z7 E . 4.50 2.17 -18.95
H14 6Z7 E . 5.37 -1.41 -20.60
H15 6Z7 E . 5.26 -0.46 -22.73
HN18 6Z7 E . 5.31 1.26 -17.23
H20 6Z7 E . 3.99 -1.73 -15.95
H21 6Z7 E . 3.61 -2.10 -13.68
H23 6Z7 E . 2.98 -0.51 -11.41
H23A 6Z7 E . 4.26 -1.43 -11.36
H24 6Z7 E . 4.32 0.39 -9.77
H24A 6Z7 E . 5.61 0.31 -10.71
H26 6Z7 E . 4.63 2.95 -12.86
H26A 6Z7 E . 5.94 2.19 -12.41
H28 6Z7 E . 5.22 2.02 -15.13
H29 6Z7 E . 6.59 0.43 -24.21
C1 6Z7 F . 10.50 -12.84 8.72
O2 6Z7 F . 9.91 -13.05 10.01
C3 6Z7 F . 9.00 -12.14 10.45
C4 6Z7 F . 8.46 -11.06 9.77
C5 6Z7 F . 7.57 -10.21 10.41
O6 6Z7 F . 7.00 -9.17 9.75
C7 6Z7 F . 7.22 -10.44 11.74
C8 6Z7 F . 7.77 -11.52 12.44
N9 6Z7 F . 7.39 -11.72 13.79
C10 6Z7 F . 7.37 -12.84 14.66
C11 6Z7 F . 7.64 -14.14 14.25
C12 6Z7 F . 7.61 -15.18 15.15
C13 6Z7 F . 7.31 -14.96 16.49
C14 6Z7 F . 7.04 -13.65 16.90
C15 6Z7 F . 7.06 -12.61 15.99
C16 6Z7 F . 7.28 -16.10 17.45
O17 6Z7 F . 7.28 -17.26 17.05
N18 6Z7 F . 7.26 -15.79 18.78
C19 6Z7 F . 6.90 -16.61 19.88
C20 6Z7 F . 6.44 -17.92 19.75
C21 6Z7 F . 6.09 -18.66 20.87
C22 6Z7 F . 6.19 -18.10 22.14
C23 6Z7 F . 5.78 -18.97 23.32
C24 6Z7 F . 5.93 -18.27 24.66
N25 6Z7 F . 5.72 -16.81 24.52
C26 6Z7 F . 6.76 -16.18 23.65
C27 6Z7 F . 6.65 -16.80 22.28
C28 6Z7 F . 7.00 -16.06 21.15
C29 6Z7 F . 8.66 -12.36 11.79
HN25 6Z7 F . 4.87 -16.64 24.15
HN2A 6Z7 F . 5.74 -16.41 25.36
H1 6Z7 F . 10.79 -11.92 8.64
H1A 6Z7 F . 11.26 -13.44 8.61
H1B 6Z7 F . 9.83 -13.04 8.03
H4 6Z7 F . 8.69 -10.90 8.88
HO6 6Z7 F . 7.18 -9.19 9.15
H7 6Z7 F . 6.61 -9.87 12.17
HN9 6Z7 F . 7.10 -10.97 14.17
H11 6Z7 F . 7.84 -14.32 13.35
H12 6Z7 F . 7.80 -16.06 14.86
H14 6Z7 F . 6.83 -13.49 17.80
H15 6Z7 F . 6.87 -11.73 16.29
HN18 6Z7 F . 7.76 -15.12 19.00
H20 6Z7 F . 6.36 -18.31 18.90
H21 6Z7 F . 5.79 -19.53 20.76
H23 6Z7 F . 4.86 -19.23 23.19
H23A 6Z7 F . 6.34 -19.78 23.31
H24 6Z7 F . 5.27 -18.64 25.29
H24A 6Z7 F . 6.82 -18.42 25.02
H26 6Z7 F . 6.61 -15.22 23.60
H26A 6Z7 F . 7.64 -16.35 24.03
H28 6Z7 F . 7.30 -15.17 21.24
H29 6Z7 F . 9.05 -13.07 12.24
C1 6Z7 G . -7.95 0.33 27.91
O2 6Z7 G . -7.33 -0.94 27.70
C3 6Z7 G . -6.45 -1.06 26.66
C4 6Z7 G . -6.13 -0.11 25.70
C5 6Z7 G . -5.21 -0.41 24.70
O6 6Z7 G . -4.89 0.50 23.73
C7 6Z7 G . -4.61 -1.66 24.67
C8 6Z7 G . -4.91 -2.62 25.63
N9 6Z7 G . -4.28 -3.88 25.53
C10 6Z7 G . -3.97 -4.94 26.41
C11 6Z7 G . -4.02 -4.86 27.80
C12 6Z7 G . -3.67 -5.95 28.58
C13 6Z7 G . -3.28 -7.15 27.97
C14 6Z7 G . -3.22 -7.22 26.59
C15 6Z7 G . -3.56 -6.13 25.82
C16 6Z7 G . -2.89 -8.32 28.83
O17 6Z7 G . -2.78 -8.19 30.05
N18 6Z7 G . -2.68 -9.50 28.19
C19 6Z7 G . -2.06 -10.69 28.70
C20 6Z7 G . -1.53 -10.80 29.98
C21 6Z7 G . -0.95 -11.98 30.39
C22 6Z7 G . -0.89 -13.08 29.53
C23 6Z7 G . -0.26 -14.35 30.01
C24 6Z7 G . -0.67 -15.54 29.16
N25 6Z7 G . -0.48 -15.22 27.73
C26 6Z7 G . -1.39 -14.13 27.28
C27 6Z7 G . -1.42 -12.98 28.24
C28 6Z7 G . -2.01 -11.77 27.84
C29 6Z7 G . -5.83 -2.30 26.62
HN25 6Z7 G . 0.40 -14.96 27.58
HN2A 6Z7 G . -0.65 -15.98 27.22
H1 6Z7 G . -8.35 0.63 27.07
H1A 6Z7 G . -8.65 0.24 28.58
H1B 6Z7 G . -7.29 0.98 28.20
H4 6Z7 G . -6.54 0.73 25.72
HO6 6Z7 G . -5.18 1.02 23.84
H7 6Z7 G . -3.99 -1.86 23.99
HN9 6Z7 G . -3.98 -4.02 24.71
H11 6Z7 G . -4.28 -4.06 28.21
H12 6Z7 G . -3.71 -5.90 29.51
H14 6Z7 G . -2.95 -8.01 26.18
H15 6Z7 G . -3.52 -6.19 24.88
HN18 6Z7 G . -3.21 -9.66 27.53
H20 6Z7 G . -1.56 -10.07 30.56
H21 6Z7 G . -0.59 -12.06 31.24
H23 6Z7 G . 0.72 -14.27 29.98
H23A 6Z7 G . -0.52 -14.51 30.94
H24 6Z7 G . -0.13 -16.32 29.40
H24A 6Z7 G . -1.61 -15.75 29.33
H26 6Z7 G . -1.09 -13.82 26.40
H26A 6Z7 G . -2.30 -14.50 27.17
H28 6Z7 G . -2.37 -11.70 26.98
H29 6Z7 G . -6.05 -2.95 27.28
C1 6Z7 H . -11.59 16.49 -12.19
O2 6Z7 H . -10.49 15.64 -11.88
C3 6Z7 H . -9.73 15.16 -12.92
C4 6Z7 H . -9.67 15.73 -14.19
C5 6Z7 H . -8.88 15.15 -15.17
O6 6Z7 H . -8.79 15.69 -16.43
C7 6Z7 H . -8.16 14.00 -14.89
C8 6Z7 H . -8.21 13.43 -13.63
N9 6Z7 H . -7.44 12.25 -13.46
C10 6Z7 H . -6.89 11.55 -12.35
C11 6Z7 H . -6.42 10.27 -12.59
C12 6Z7 H . -5.87 9.52 -11.58
C13 6Z7 H . -5.79 10.03 -10.29
C14 6Z7 H . -6.27 11.31 -10.04
C15 6Z7 H . -6.82 12.06 -11.06
C16 6Z7 H . -5.17 9.25 -9.18
O17 6Z7 H . -5.19 9.67 -8.02
N18 6Z7 H . -4.55 8.09 -9.50
C19 6Z7 H . -3.91 7.15 -8.65
C20 6Z7 H . -3.45 7.47 -7.37
C21 6Z7 H . -2.83 6.50 -6.60
C22 6Z7 H . -2.65 5.20 -7.08
C23 6Z7 H . -1.98 4.18 -6.20
C24 6Z7 H . -2.24 2.76 -6.68
N25 6Z7 H . -1.99 2.67 -8.15
C26 6Z7 H . -2.95 3.49 -8.93
C27 6Z7 H . -3.11 4.88 -8.37
C28 6Z7 H . -3.73 5.87 -9.14
C29 6Z7 H . -9.00 14.01 -12.64
HN25 6Z7 H . -1.12 2.94 -8.33
HN2A 6Z7 H . -2.07 1.78 -8.41
H1 6Z7 H . -12.07 16.15 -12.98
H1A 6Z7 H . -12.20 16.51 -11.43
H1B 6Z7 H . -11.27 17.38 -12.37
H4 6Z7 H . -10.16 16.51 -14.38
HO6 6Z7 H . -9.16 16.27 -16.45
H7 6Z7 H . -7.63 13.62 -15.56
HN9 6Z7 H . -7.27 11.85 -14.23
H11 6Z7 H . -6.48 9.91 -13.46
H12 6Z7 H . -5.54 8.66 -11.75
H14 6Z7 H . -6.21 11.68 -9.18
H15 6Z7 H . -7.13 12.93 -10.90
HN18 6Z7 H . -4.30 8.02 -10.32
H20 6Z7 H . -3.56 8.33 -7.03
H21 6Z7 H . -2.52 6.71 -5.74
H23 6Z7 H . -1.02 4.35 -6.19
H23A 6Z7 H . -2.32 4.27 -5.28
H24 6Z7 H . -1.65 2.14 -6.21
H24A 6Z7 H . -3.17 2.52 -6.49
H26 6Z7 H . -2.63 3.54 -9.86
H26A 6Z7 H . -3.81 3.04 -8.94
H28 6Z7 H . -4.04 5.65 -10.00
H29 6Z7 H . -9.05 13.61 -11.79
#